data_5YBB
#
_entry.id   5YBB
#
_cell.length_a   121.600
_cell.length_b   121.600
_cell.length_c   280.360
_cell.angle_alpha   90.00
_cell.angle_beta   90.00
_cell.angle_gamma   90.00
#
_symmetry.space_group_name_H-M   'P 41'
#
loop_
_entity.id
_entity.type
_entity.pdbx_description
1 polymer 'Type I restriction-modification system methyltransferase subunit'
2 polymer 'Restriction endonuclease S subunits'
3 polymer DNA
4 polymer DNA
5 non-polymer S-ADENOSYLMETHIONINE
#
loop_
_entity_poly.entity_id
_entity_poly.type
_entity_poly.pdbx_seq_one_letter_code
_entity_poly.pdbx_strand_id
1 'polypeptide(L)'
;MNGPQTRESLANEIWRACDIMRRDNNCTGIMEYVEHLAWLLFLRFLDAQEEEWEAQAQIAGRPYTPIIDSEYRWRHWATK
DWPADELLAFVHGRLIPYLRSLGGDPLRETIRSLFSERNVIVCASGYNLKDVIQIVNEINFHSQDDIFTVSQVYEELLRR
LGNENRLAGEFYTPRPVVRFVVELVDPQIGEAVYDPACGTCGFLVEAYLWMKQKERTIEDHRILQERTFFGQEKKPVPAF
LGLVNMMLHGVTVPRVMRRNTLEENIRNVSERFDVVVTNPPFGGTEGRHIQQNFPIQSNATELLFLQHIMKKLKPRDGAR
CGMVVPEGTLFRGGAFAEVKRDLLEQFNLHTVVSLPPGTFAPYSDVKTALIFFERPGPTKEIWYYELPLPEGLKKFSKGN
PIQDEHFEEARKLWRGWDAYRKGLGPVEACLSERSWIVPVEEVKKRGYDLTARNPNRSGGEELPSPVEIVAGLLEKEREI
LSIMEELSELLENEKGNSSRKNDEEEE
;
A,C,B,E
2 'polypeptide(L)'
;VTEGPYKLPPGWRWVRLGEVCLPTERRDPTKNPSTYFVYVDISAIDSTVGKIVSPKEILGQHAPSRARKVIRSGDVIFAT
TRPYLKNIALVPPDLDGQICSTGFCVIRANREFAEPEFLFHLCRSDFITNQLTASKMRGTSYPAVTDNDVYNTLIPLPPL
EEQRRIVAKVEALMERVREVRRLRAEAQKDTELLMQTALAEVFPHPGADLPPGWRWVRLGEVCDIIMGQSPPSSTYNFEG
NGLPFFQGKADFGDLHPTPRIWCSAPQKVARPGDVLISVRAPVGSTNVANLACCIGRGLAALRPRDSLERFWLLYYLHYL
EPELSKMGAGSTFNAITKKDLQNVFIPLPPLEEQRRIVAYLDQIQQQVAALKRAQAETEAELKRLEQAILDKAFRGDL
;
D,G
3 'polydeoxyribonucleotide'
;(DC)(DT)(DG)(DC)(DG)(DA)(DG)(DG)(DT)(DC)(DA)(DA)(DG)(DG)(DT)(DC)(DA)(DC)(DG)(DT)
(DG)(DG)
;
H
4 'polydeoxyribonucleotide'
;(DC)(DA)(DC)(DG)(DT)(DG)(DA)(DC)(DC)(DT)(DT)(DG)(DA)(DC)(DC)(DT)(DC)(DG)(DC)(DA)
(DG)(DC)
;
I
#
# COMPACT_ATOMS: atom_id res chain seq x y z
N PRO A 4 -64.94 -23.85 3.50
CA PRO A 4 -66.18 -23.56 2.80
C PRO A 4 -66.02 -23.62 1.28
N GLN A 5 -65.65 -22.52 0.67
CA GLN A 5 -65.40 -22.50 -0.78
C GLN A 5 -66.60 -22.87 -1.62
N THR A 6 -66.49 -23.92 -2.41
CA THR A 6 -67.63 -24.32 -3.23
C THR A 6 -67.84 -23.28 -4.28
N ARG A 7 -66.77 -22.51 -4.53
CA ARG A 7 -66.80 -21.44 -5.53
C ARG A 7 -67.55 -22.05 -6.67
N GLU A 8 -66.96 -23.10 -7.22
CA GLU A 8 -67.71 -24.11 -7.89
C GLU A 8 -68.47 -23.48 -9.04
N SER A 9 -69.74 -23.81 -9.16
CA SER A 9 -70.61 -23.14 -10.05
C SER A 9 -70.73 -21.72 -9.61
N LEU A 10 -70.88 -21.49 -8.32
CA LEU A 10 -71.22 -20.17 -7.85
C LEU A 10 -70.18 -19.12 -8.14
N ALA A 11 -68.92 -19.46 -7.96
CA ALA A 11 -67.89 -18.50 -8.23
C ALA A 11 -67.96 -18.18 -9.70
N ASN A 12 -68.10 -19.23 -10.49
CA ASN A 12 -68.01 -19.05 -11.91
C ASN A 12 -69.09 -18.15 -12.42
N GLU A 13 -70.29 -18.29 -11.88
CA GLU A 13 -71.37 -17.44 -12.29
C GLU A 13 -70.96 -16.03 -12.08
N ILE A 14 -70.67 -15.73 -10.82
CA ILE A 14 -70.44 -14.38 -10.44
C ILE A 14 -69.52 -13.79 -11.44
N TRP A 15 -68.54 -14.57 -11.85
CA TRP A 15 -67.61 -14.09 -12.84
C TRP A 15 -68.39 -13.82 -14.08
N ARG A 16 -69.40 -14.65 -14.31
CA ARG A 16 -70.22 -14.46 -15.48
C ARG A 16 -70.93 -13.15 -15.45
N ALA A 17 -71.41 -12.78 -14.28
CA ALA A 17 -72.18 -11.55 -14.18
C ALA A 17 -71.25 -10.45 -14.58
N CYS A 18 -70.03 -10.56 -14.15
CA CYS A 18 -69.04 -9.55 -14.50
C CYS A 18 -68.90 -9.40 -16.01
N ASP A 19 -68.91 -10.50 -16.76
CA ASP A 19 -68.80 -10.32 -18.22
C ASP A 19 -70.11 -9.82 -18.84
N ILE A 20 -71.23 -10.10 -18.17
CA ILE A 20 -72.51 -9.51 -18.55
C ILE A 20 -72.44 -7.98 -18.46
N MET A 21 -71.84 -7.48 -17.39
CA MET A 21 -71.68 -6.05 -17.24
C MET A 21 -70.64 -5.51 -18.20
N ARG A 22 -69.65 -6.34 -18.54
CA ARG A 22 -68.65 -5.92 -19.50
C ARG A 22 -69.33 -5.62 -20.83
N ARG A 23 -70.27 -6.48 -21.21
CA ARG A 23 -71.05 -6.27 -22.44
C ARG A 23 -71.92 -5.02 -22.37
N ASP A 24 -72.46 -4.73 -21.19
CA ASP A 24 -73.39 -3.61 -21.02
C ASP A 24 -72.72 -2.24 -21.19
N ASN A 25 -73.50 -1.29 -21.72
CA ASN A 25 -73.05 0.08 -21.97
C ASN A 25 -72.84 0.92 -20.71
N ASN A 26 -73.71 0.73 -19.72
CA ASN A 26 -73.71 1.59 -18.54
C ASN A 26 -72.63 1.20 -17.54
N CYS A 27 -72.13 -0.02 -17.67
CA CYS A 27 -70.93 -0.39 -16.92
C CYS A 27 -69.72 -0.14 -17.79
N THR A 28 -69.00 0.93 -17.50
CA THR A 28 -67.87 1.31 -18.34
C THR A 28 -66.66 0.44 -18.02
N GLY A 29 -66.46 0.19 -16.74
CA GLY A 29 -65.26 -0.48 -16.25
C GLY A 29 -65.53 -1.27 -14.99
N ILE A 30 -64.50 -1.96 -14.52
CA ILE A 30 -64.60 -2.84 -13.35
C ILE A 30 -65.19 -2.11 -12.13
N MET A 31 -64.92 -0.81 -12.04
CA MET A 31 -65.53 0.07 -11.03
C MET A 31 -67.05 -0.11 -10.98
N GLU A 32 -67.67 0.09 -12.13
CA GLU A 32 -69.12 0.01 -12.25
C GLU A 32 -69.63 -1.41 -11.96
N TYR A 33 -68.85 -2.41 -12.37
CA TYR A 33 -69.19 -3.80 -12.07
C TYR A 33 -69.33 -3.95 -10.56
N VAL A 34 -68.29 -3.54 -9.85
CA VAL A 34 -68.22 -3.82 -8.43
C VAL A 34 -69.31 -3.04 -7.67
N GLU A 35 -69.61 -1.80 -8.08
CA GLU A 35 -70.65 -1.08 -7.34
C GLU A 35 -72.06 -1.62 -7.64
N HIS A 36 -72.31 -2.00 -8.89
CA HIS A 36 -73.61 -2.59 -9.27
C HIS A 36 -73.87 -3.86 -8.45
N LEU A 37 -72.87 -4.74 -8.49
CA LEU A 37 -72.90 -5.98 -7.73
C LEU A 37 -73.09 -5.66 -6.24
N ALA A 38 -72.44 -4.59 -5.79
CA ALA A 38 -72.52 -4.20 -4.39
C ALA A 38 -73.94 -3.85 -3.97
N TRP A 39 -74.63 -3.01 -4.75
CA TRP A 39 -75.97 -2.58 -4.32
C TRP A 39 -76.98 -3.73 -4.39
N LEU A 40 -76.89 -4.58 -5.42
CA LEU A 40 -77.76 -5.77 -5.41
C LEU A 40 -77.52 -6.65 -4.16
N LEU A 41 -76.24 -6.97 -3.93
CA LEU A 41 -75.86 -7.84 -2.83
C LEU A 41 -76.32 -7.25 -1.49
N PHE A 42 -76.17 -5.94 -1.36
CA PHE A 42 -76.56 -5.27 -0.13
C PHE A 42 -78.06 -5.41 0.11
N LEU A 43 -78.87 -5.17 -0.92
CA LEU A 43 -80.32 -5.32 -0.73
C LEU A 43 -80.68 -6.73 -0.28
N ARG A 44 -80.08 -7.73 -0.95
CA ARG A 44 -80.34 -9.11 -0.55
C ARG A 44 -79.95 -9.35 0.92
N PHE A 45 -78.81 -8.78 1.30
CA PHE A 45 -78.32 -8.88 2.68
C PHE A 45 -79.33 -8.31 3.68
N LEU A 46 -79.83 -7.12 3.38
CA LEU A 46 -80.76 -6.43 4.25
C LEU A 46 -82.00 -7.30 4.46
N ASP A 47 -82.49 -7.86 3.35
CA ASP A 47 -83.66 -8.71 3.41
C ASP A 47 -83.42 -9.93 4.30
N ALA A 48 -82.26 -10.54 4.15
CA ALA A 48 -81.93 -11.71 4.97
C ALA A 48 -81.91 -11.35 6.48
N GLN A 49 -81.23 -10.25 6.81
CA GLN A 49 -81.13 -9.82 8.20
C GLN A 49 -82.48 -9.55 8.84
N GLU A 50 -83.35 -8.86 8.12
CA GLU A 50 -84.68 -8.60 8.60
C GLU A 50 -85.38 -9.93 8.82
N GLU A 51 -85.15 -10.89 7.94
CA GLU A 51 -85.87 -12.17 8.04
C GLU A 51 -85.49 -12.83 9.38
N GLU A 52 -84.21 -12.75 9.73
CA GLU A 52 -83.82 -13.18 11.07
C GLU A 52 -84.63 -12.41 12.13
N TRP A 53 -84.82 -11.12 11.86
CA TRP A 53 -85.59 -10.30 12.79
C TRP A 53 -87.09 -10.59 12.75
N GLU A 54 -87.55 -11.38 11.78
CA GLU A 54 -88.92 -11.89 11.80
C GLU A 54 -88.88 -12.99 12.84
N ALA A 55 -87.79 -13.76 12.81
CA ALA A 55 -87.67 -14.87 13.75
C ALA A 55 -87.66 -14.37 15.20
N GLN A 56 -87.01 -13.25 15.51
CA GLN A 56 -87.18 -12.75 16.89
C GLN A 56 -88.36 -11.79 17.05
N ALA A 57 -89.00 -11.38 15.96
CA ALA A 57 -90.23 -10.59 16.10
C ALA A 57 -91.29 -11.53 16.67
N GLN A 58 -91.16 -12.80 16.30
CA GLN A 58 -92.00 -13.87 16.87
C GLN A 58 -92.08 -13.85 18.41
N ILE A 59 -90.96 -13.62 19.10
CA ILE A 59 -90.94 -13.57 20.57
C ILE A 59 -91.85 -12.49 21.18
N PRO A 66 -90.07 -4.31 10.03
CA PRO A 66 -90.39 -3.99 8.64
C PRO A 66 -89.66 -2.74 8.20
N ILE A 67 -88.43 -2.90 7.76
CA ILE A 67 -87.66 -1.79 7.28
C ILE A 67 -88.27 -1.19 6.03
N ILE A 68 -88.64 -2.05 5.09
CA ILE A 68 -89.44 -1.66 3.94
C ILE A 68 -90.25 -2.86 3.62
N ASP A 69 -91.47 -2.65 3.16
CA ASP A 69 -92.30 -3.78 2.81
C ASP A 69 -93.51 -3.38 2.02
N SER A 70 -94.19 -4.37 1.45
CA SER A 70 -93.60 -5.66 1.12
C SER A 70 -93.26 -5.70 -0.34
N GLU A 71 -93.71 -4.67 -1.06
CA GLU A 71 -93.47 -4.58 -2.49
C GLU A 71 -91.98 -4.50 -2.71
N TYR A 72 -91.29 -3.78 -1.84
CA TYR A 72 -89.93 -3.40 -2.12
C TYR A 72 -88.89 -4.27 -1.46
N ARG A 73 -89.29 -5.37 -0.84
CA ARG A 73 -88.30 -6.27 -0.26
C ARG A 73 -87.72 -7.07 -1.39
N TRP A 74 -86.49 -7.54 -1.23
CA TRP A 74 -85.78 -8.22 -2.30
C TRP A 74 -86.56 -9.44 -2.75
N ARG A 75 -87.18 -10.11 -1.79
CA ARG A 75 -87.98 -11.30 -2.04
C ARG A 75 -88.92 -11.13 -3.22
N HIS A 76 -89.90 -10.25 -3.04
CA HIS A 76 -91.03 -10.19 -3.95
C HIS A 76 -90.65 -9.69 -5.35
N TRP A 77 -89.81 -8.65 -5.43
CA TRP A 77 -89.49 -8.11 -6.76
C TRP A 77 -88.37 -8.88 -7.48
N ALA A 78 -87.42 -9.44 -6.74
CA ALA A 78 -86.36 -10.22 -7.38
C ALA A 78 -86.85 -11.60 -7.83
N THR A 79 -87.70 -12.25 -7.03
CA THR A 79 -88.21 -13.59 -7.42
C THR A 79 -89.01 -13.55 -8.72
N LYS A 80 -89.85 -12.52 -8.88
CA LYS A 80 -90.74 -12.40 -10.03
C LYS A 80 -90.00 -12.52 -11.36
N ASP A 81 -90.64 -13.15 -12.35
CA ASP A 81 -90.06 -13.21 -13.67
C ASP A 81 -90.61 -12.01 -14.43
N TRP A 82 -89.75 -11.02 -14.63
CA TRP A 82 -90.15 -9.77 -15.26
C TRP A 82 -89.99 -9.79 -16.76
N PRO A 83 -90.89 -9.10 -17.47
CA PRO A 83 -90.47 -8.60 -18.77
C PRO A 83 -89.34 -7.59 -18.53
N ALA A 84 -88.31 -7.58 -19.36
CA ALA A 84 -87.11 -6.81 -19.06
C ALA A 84 -87.40 -5.32 -18.88
N ASP A 85 -88.16 -4.77 -19.81
CA ASP A 85 -88.46 -3.36 -19.82
C ASP A 85 -89.19 -2.94 -18.55
N GLU A 86 -90.13 -3.79 -18.12
CA GLU A 86 -90.92 -3.52 -16.92
C GLU A 86 -90.07 -3.60 -15.66
N LEU A 87 -89.06 -4.46 -15.68
CA LEU A 87 -88.15 -4.59 -14.56
C LEU A 87 -87.30 -3.33 -14.42
N LEU A 88 -86.73 -2.91 -15.54
CA LEU A 88 -85.88 -1.73 -15.57
C LEU A 88 -86.69 -0.51 -15.11
N ALA A 89 -87.91 -0.43 -15.65
CA ALA A 89 -88.84 0.64 -15.30
C ALA A 89 -89.20 0.61 -13.84
N PHE A 90 -89.30 -0.60 -13.27
CA PHE A 90 -89.61 -0.73 -11.85
C PHE A 90 -88.47 -0.23 -11.00
N VAL A 91 -87.25 -0.64 -11.33
CA VAL A 91 -86.09 -0.31 -10.53
C VAL A 91 -85.84 1.20 -10.54
N HIS A 92 -85.80 1.80 -11.73
CA HIS A 92 -85.55 3.22 -11.81
C HIS A 92 -86.76 4.04 -11.37
N GLY A 93 -87.94 3.65 -11.85
CA GLY A 93 -89.15 4.38 -11.56
C GLY A 93 -89.70 4.28 -10.15
N ARG A 94 -89.81 3.08 -9.61
CA ARG A 94 -90.28 2.91 -8.25
C ARG A 94 -89.26 2.58 -7.16
N LEU A 95 -88.39 1.60 -7.38
CA LEU A 95 -87.52 1.13 -6.30
C LEU A 95 -86.44 2.06 -5.78
N ILE A 96 -85.68 2.67 -6.67
CA ILE A 96 -84.60 3.52 -6.22
C ILE A 96 -85.24 4.67 -5.52
N PRO A 97 -86.36 5.18 -6.18
CA PRO A 97 -86.97 6.32 -5.47
C PRO A 97 -87.51 5.93 -4.12
N TYR A 98 -88.09 4.75 -3.99
CA TYR A 98 -88.65 4.36 -2.71
C TYR A 98 -87.54 4.32 -1.71
N LEU A 99 -86.39 3.82 -2.13
CA LEU A 99 -85.23 3.75 -1.23
C LEU A 99 -84.72 5.12 -0.84
N ARG A 100 -84.79 6.03 -1.79
CA ARG A 100 -84.26 7.35 -1.60
C ARG A 100 -85.00 8.02 -0.48
N SER A 101 -86.22 7.59 -0.25
CA SER A 101 -87.06 8.26 0.72
C SER A 101 -87.75 7.34 1.71
N LEU A 102 -87.03 6.83 2.69
CA LEU A 102 -87.69 6.08 3.75
C LEU A 102 -87.94 6.91 5.01
N GLY A 103 -86.95 7.67 5.42
CA GLY A 103 -87.15 8.69 6.43
C GLY A 103 -87.27 8.21 7.86
N GLY A 104 -87.08 6.93 8.09
CA GLY A 104 -87.10 6.44 9.45
C GLY A 104 -85.88 6.82 10.26
N ASP A 105 -86.09 7.47 11.40
CA ASP A 105 -85.01 8.12 12.11
C ASP A 105 -83.87 7.16 12.43
N PRO A 106 -84.22 5.80 12.43
CA PRO A 106 -83.06 4.92 12.52
C PRO A 106 -81.78 4.44 11.87
N LEU A 107 -81.86 4.04 10.61
CA LEU A 107 -80.72 3.47 9.92
C LEU A 107 -81.42 4.27 8.85
N ARG A 108 -82.67 3.95 8.60
CA ARG A 108 -83.46 4.01 7.38
C ARG A 108 -82.98 5.26 6.73
N GLU A 109 -82.66 6.26 7.53
CA GLU A 109 -81.97 7.43 7.00
C GLU A 109 -80.66 6.91 6.49
N THR A 110 -80.10 5.97 7.22
CA THR A 110 -78.80 5.49 6.86
C THR A 110 -78.87 4.98 5.46
N ILE A 111 -79.92 4.25 5.14
CA ILE A 111 -79.97 3.60 3.86
C ILE A 111 -79.95 4.65 2.78
N ARG A 112 -80.75 5.68 2.92
CA ARG A 112 -80.73 6.67 1.88
C ARG A 112 -79.30 7.16 1.81
N SER A 113 -78.74 7.58 2.93
CA SER A 113 -77.42 8.18 2.82
C SER A 113 -76.67 7.35 1.79
N LEU A 114 -76.95 6.05 1.75
CA LEU A 114 -76.20 5.17 0.86
C LEU A 114 -76.76 5.08 -0.57
N PHE A 115 -78.02 5.45 -0.76
CA PHE A 115 -78.55 5.69 -2.10
C PHE A 115 -78.58 7.16 -2.48
N SER A 116 -78.01 8.00 -1.62
CA SER A 116 -78.14 9.45 -1.73
C SER A 116 -77.68 10.11 -3.01
N GLU A 117 -76.66 9.54 -3.65
CA GLU A 117 -75.94 10.36 -4.62
C GLU A 117 -75.63 9.74 -6.01
N ARG A 118 -75.54 10.63 -6.99
CA ARG A 118 -75.22 10.38 -8.42
C ARG A 118 -75.95 9.18 -9.05
N ASN A 119 -75.14 8.31 -9.62
CA ASN A 119 -75.57 7.14 -10.36
C ASN A 119 -75.58 5.90 -9.52
N VAL A 120 -76.76 5.31 -9.33
CA VAL A 120 -76.80 3.95 -8.86
C VAL A 120 -76.47 3.22 -10.13
N ILE A 121 -75.56 2.28 -10.09
CA ILE A 121 -75.13 1.68 -11.34
C ILE A 121 -76.13 0.59 -11.68
N VAL A 122 -76.83 0.78 -12.79
CA VAL A 122 -77.83 -0.16 -13.26
C VAL A 122 -77.58 -0.43 -14.74
N CYS A 123 -77.82 -1.66 -15.17
CA CYS A 123 -77.55 -2.05 -16.55
C CYS A 123 -78.43 -1.27 -17.52
N ALA A 124 -77.92 -1.02 -18.72
CA ALA A 124 -78.69 -0.31 -19.73
C ALA A 124 -79.73 -1.23 -20.37
N SER A 125 -79.32 -2.48 -20.62
CA SER A 125 -80.24 -3.50 -21.12
C SER A 125 -80.96 -4.15 -19.95
N GLY A 126 -82.29 -4.06 -19.94
CA GLY A 126 -83.08 -4.66 -18.89
C GLY A 126 -82.88 -6.15 -18.83
N TYR A 127 -82.50 -6.73 -19.96
CA TYR A 127 -82.22 -8.15 -20.03
C TYR A 127 -80.98 -8.47 -19.21
N ASN A 128 -79.90 -7.73 -19.44
CA ASN A 128 -78.67 -7.91 -18.70
C ASN A 128 -78.90 -7.70 -17.21
N LEU A 129 -79.65 -6.65 -16.87
CA LEU A 129 -80.00 -6.36 -15.48
C LEU A 129 -80.71 -7.54 -14.86
N LYS A 130 -81.67 -8.10 -15.58
CA LYS A 130 -82.42 -9.25 -15.08
C LYS A 130 -81.48 -10.44 -14.86
N ASP A 131 -80.56 -10.66 -15.79
CA ASP A 131 -79.60 -11.75 -15.70
C ASP A 131 -78.72 -11.62 -14.46
N VAL A 132 -78.13 -10.44 -14.28
CA VAL A 132 -77.27 -10.15 -13.13
C VAL A 132 -78.05 -10.30 -11.82
N ILE A 133 -79.29 -9.79 -11.80
CA ILE A 133 -80.15 -9.90 -10.63
C ILE A 133 -80.42 -11.34 -10.25
N GLN A 134 -80.68 -12.19 -11.25
CA GLN A 134 -80.96 -13.60 -10.93
C GLN A 134 -79.70 -14.38 -10.56
N ILE A 135 -78.56 -14.00 -11.14
CA ILE A 135 -77.28 -14.58 -10.71
C ILE A 135 -77.09 -14.24 -9.22
N VAL A 136 -77.43 -13.02 -8.84
CA VAL A 136 -77.32 -12.59 -7.45
C VAL A 136 -78.30 -13.33 -6.53
N ASN A 137 -79.54 -13.54 -6.97
CA ASN A 137 -80.51 -14.21 -6.09
C ASN A 137 -80.37 -15.74 -6.15
N GLU A 138 -79.45 -16.24 -6.97
CA GLU A 138 -79.19 -17.67 -6.99
C GLU A 138 -78.11 -18.02 -5.95
N ILE A 139 -77.67 -17.00 -5.23
CA ILE A 139 -76.78 -17.18 -4.09
C ILE A 139 -77.60 -17.56 -2.86
N ASN A 140 -77.15 -18.57 -2.12
CA ASN A 140 -77.84 -18.94 -0.89
C ASN A 140 -77.20 -18.24 0.30
N PHE A 141 -77.93 -17.29 0.90
CA PHE A 141 -77.38 -16.50 1.98
C PHE A 141 -77.40 -17.26 3.29
N HIS A 142 -78.08 -18.39 3.32
CA HIS A 142 -78.14 -19.21 4.54
C HIS A 142 -77.04 -20.27 4.51
N SER A 143 -76.24 -20.26 3.45
CA SER A 143 -75.05 -21.11 3.39
C SER A 143 -73.83 -20.22 3.36
N GLN A 144 -72.98 -20.31 4.38
CA GLN A 144 -71.87 -19.38 4.45
C GLN A 144 -70.72 -19.85 3.58
N ASP A 145 -70.84 -21.06 3.02
CA ASP A 145 -69.95 -21.48 1.95
C ASP A 145 -70.09 -20.52 0.77
N ASP A 146 -71.35 -20.28 0.38
CA ASP A 146 -71.63 -19.44 -0.78
C ASP A 146 -71.28 -17.98 -0.51
N ILE A 147 -71.56 -17.53 0.71
CA ILE A 147 -71.20 -16.18 1.11
C ILE A 147 -69.68 -16.03 1.06
N PHE A 148 -68.99 -17.08 1.49
CA PHE A 148 -67.53 -17.08 1.51
C PHE A 148 -67.03 -16.94 0.08
N THR A 149 -67.64 -17.68 -0.83
CA THR A 149 -67.27 -17.63 -2.24
C THR A 149 -67.42 -16.24 -2.81
N VAL A 150 -68.60 -15.67 -2.59
CA VAL A 150 -68.88 -14.34 -3.11
C VAL A 150 -67.91 -13.33 -2.51
N SER A 151 -67.55 -13.52 -1.25
CA SER A 151 -66.61 -12.62 -0.60
C SER A 151 -65.27 -12.68 -1.30
N GLN A 152 -64.85 -13.90 -1.65
CA GLN A 152 -63.60 -14.09 -2.39
C GLN A 152 -63.60 -13.41 -3.77
N VAL A 153 -64.67 -13.65 -4.54
CA VAL A 153 -64.79 -13.03 -5.85
C VAL A 153 -64.81 -11.51 -5.76
N TYR A 154 -65.51 -11.00 -4.75
CA TYR A 154 -65.62 -9.57 -4.47
C TYR A 154 -64.25 -9.00 -4.15
N GLU A 155 -63.48 -9.74 -3.38
CA GLU A 155 -62.16 -9.28 -2.98
C GLU A 155 -61.26 -9.21 -4.20
N GLU A 156 -61.32 -10.22 -5.06
CA GLU A 156 -60.53 -10.20 -6.27
C GLU A 156 -60.93 -9.04 -7.19
N LEU A 157 -62.22 -8.77 -7.25
CA LEU A 157 -62.74 -7.66 -8.02
C LEU A 157 -62.21 -6.34 -7.50
N LEU A 158 -62.13 -6.23 -6.18
CA LEU A 158 -61.61 -5.04 -5.55
C LEU A 158 -60.13 -4.86 -5.85
N ARG A 159 -59.38 -5.95 -5.87
CA ARG A 159 -57.95 -5.91 -6.19
C ARG A 159 -57.74 -5.45 -7.63
N ARG A 160 -58.46 -6.07 -8.56
CA ARG A 160 -58.36 -5.72 -9.97
C ARG A 160 -58.76 -4.26 -10.16
N LEU A 161 -59.78 -3.83 -9.43
CA LEU A 161 -60.21 -2.44 -9.43
C LEU A 161 -59.08 -1.55 -8.96
N GLY A 162 -58.36 -2.04 -7.96
CA GLY A 162 -57.23 -1.31 -7.39
C GLY A 162 -56.15 -1.10 -8.43
N ASN A 163 -55.86 -2.14 -9.22
CA ASN A 163 -54.86 -2.04 -10.29
C ASN A 163 -55.31 -1.17 -11.47
N GLU A 164 -56.52 -1.37 -11.97
CA GLU A 164 -56.95 -0.68 -13.19
C GLU A 164 -57.19 0.82 -12.98
N ASN A 165 -57.88 1.17 -11.91
CA ASN A 165 -58.38 2.54 -11.77
C ASN A 165 -57.46 3.40 -10.91
N ARG A 166 -57.04 4.54 -11.42
CA ARG A 166 -56.14 5.39 -10.66
C ARG A 166 -56.91 6.17 -9.62
N LEU A 167 -58.22 6.27 -9.78
CA LEU A 167 -59.01 6.98 -8.78
C LEU A 167 -59.09 6.13 -7.52
N ALA A 168 -59.08 4.82 -7.66
CA ALA A 168 -58.82 3.97 -6.51
C ALA A 168 -57.66 3.00 -6.73
N GLY A 169 -56.47 3.32 -6.22
CA GLY A 169 -56.16 4.63 -5.67
C GLY A 169 -56.73 5.05 -4.34
N GLU A 170 -57.43 6.18 -4.35
CA GLU A 170 -57.71 6.94 -3.13
C GLU A 170 -58.37 6.14 -2.02
N PHE A 171 -59.27 5.22 -2.33
CA PHE A 171 -59.84 4.38 -1.27
C PHE A 171 -59.32 2.94 -1.15
N TYR A 172 -58.29 2.57 -1.91
CA TYR A 172 -57.75 1.23 -1.83
C TYR A 172 -56.33 1.15 -1.27
N THR A 173 -56.01 0.03 -0.63
CA THR A 173 -54.66 -0.25 -0.14
C THR A 173 -54.33 -1.70 -0.48
N PRO A 174 -53.09 -1.96 -0.95
CA PRO A 174 -52.64 -3.31 -1.29
C PRO A 174 -52.76 -4.28 -0.12
N ARG A 175 -53.40 -5.41 -0.38
CA ARG A 175 -53.61 -6.42 0.64
C ARG A 175 -52.35 -6.98 1.29
N PRO A 176 -51.23 -7.12 0.53
CA PRO A 176 -50.01 -7.52 1.23
C PRO A 176 -49.63 -6.56 2.35
N VAL A 177 -49.74 -5.26 2.08
CA VAL A 177 -49.51 -4.21 3.09
C VAL A 177 -50.42 -4.38 4.30
N VAL A 178 -51.70 -4.57 4.04
CA VAL A 178 -52.69 -4.80 5.08
C VAL A 178 -52.33 -5.99 5.95
N ARG A 179 -52.27 -7.17 5.32
CA ARG A 179 -51.95 -8.40 6.02
C ARG A 179 -50.68 -8.28 6.84
N PHE A 180 -49.67 -7.60 6.30
CA PHE A 180 -48.42 -7.37 7.02
C PHE A 180 -48.65 -6.53 8.29
N VAL A 181 -49.28 -5.38 8.10
CA VAL A 181 -49.55 -4.46 9.21
C VAL A 181 -50.36 -5.15 10.31
N VAL A 182 -51.45 -5.81 9.93
CA VAL A 182 -52.28 -6.55 10.87
C VAL A 182 -51.49 -7.63 11.60
N GLU A 183 -50.60 -8.31 10.87
CA GLU A 183 -49.78 -9.36 11.46
C GLU A 183 -48.83 -8.80 12.52
N LEU A 184 -48.25 -7.64 12.24
CA LEU A 184 -47.29 -7.06 13.18
C LEU A 184 -47.98 -6.43 14.38
N VAL A 185 -49.14 -5.82 14.15
CA VAL A 185 -49.89 -5.22 15.26
C VAL A 185 -50.38 -6.27 16.24
N ASP A 186 -50.80 -7.40 15.69
CA ASP A 186 -51.27 -8.51 16.51
C ASP A 186 -52.46 -8.14 17.40
N PRO A 187 -53.64 -7.89 16.79
CA PRO A 187 -54.86 -7.64 17.58
C PRO A 187 -55.36 -8.89 18.30
N GLN A 188 -55.94 -8.70 19.48
CA GLN A 188 -56.50 -9.80 20.26
C GLN A 188 -57.96 -9.49 20.48
N ILE A 189 -58.68 -10.46 21.00
CA ILE A 189 -60.07 -10.28 21.32
C ILE A 189 -60.17 -10.17 22.83
N GLY A 190 -60.78 -9.10 23.34
CA GLY A 190 -61.27 -8.00 22.54
C GLY A 190 -60.64 -6.67 22.85
N GLU A 191 -60.05 -6.09 21.83
CA GLU A 191 -59.61 -4.73 21.88
C GLU A 191 -60.29 -4.19 20.67
N ALA A 192 -60.80 -2.97 20.75
CA ALA A 192 -61.45 -2.40 19.62
C ALA A 192 -60.43 -2.21 18.54
N VAL A 193 -60.84 -2.34 17.30
CA VAL A 193 -59.95 -2.06 16.21
C VAL A 193 -60.52 -0.91 15.43
N TYR A 194 -59.69 0.07 15.12
CA TYR A 194 -60.14 1.33 14.58
C TYR A 194 -59.35 1.73 13.36
N ASP A 195 -60.03 2.22 12.34
CA ASP A 195 -59.45 2.82 11.17
C ASP A 195 -60.18 4.13 10.97
N PRO A 196 -59.55 5.24 11.37
CA PRO A 196 -60.22 6.54 11.40
C PRO A 196 -60.56 7.01 10.00
N ALA A 197 -59.83 6.50 9.01
CA ALA A 197 -60.34 6.53 7.67
C ALA A 197 -60.26 5.13 7.10
N CYS A 198 -61.38 4.43 6.98
CA CYS A 198 -61.31 3.12 6.39
C CYS A 198 -61.80 3.20 4.96
N GLY A 199 -60.86 3.16 4.03
CA GLY A 199 -61.21 3.15 2.64
C GLY A 199 -61.81 1.79 2.38
N THR A 200 -63.02 1.78 1.83
CA THR A 200 -63.74 0.55 1.54
C THR A 200 -63.74 -0.39 2.72
N CYS A 201 -63.35 -1.62 2.42
CA CYS A 201 -63.13 -2.67 3.40
C CYS A 201 -62.39 -2.19 4.63
N GLY A 202 -61.15 -1.75 4.43
CA GLY A 202 -60.28 -1.43 5.52
C GLY A 202 -59.50 -2.65 6.00
N PHE A 203 -58.60 -2.40 6.95
CA PHE A 203 -57.80 -3.46 7.54
C PHE A 203 -58.69 -4.31 8.44
N LEU A 204 -59.90 -3.81 8.67
CA LEU A 204 -60.85 -4.42 9.59
C LEU A 204 -61.23 -5.84 9.20
N VAL A 205 -61.30 -6.13 7.91
CA VAL A 205 -61.60 -7.49 7.46
C VAL A 205 -60.47 -8.44 7.83
N GLU A 206 -59.23 -8.01 7.62
CA GLU A 206 -58.05 -8.83 7.94
C GLU A 206 -57.96 -9.04 9.44
N ALA A 207 -58.15 -7.95 10.17
CA ALA A 207 -58.18 -8.02 11.62
C ALA A 207 -59.25 -9.03 12.04
N TYR A 208 -60.40 -8.99 11.37
CA TYR A 208 -61.50 -9.89 11.67
C TYR A 208 -61.08 -11.32 11.51
N LEU A 209 -60.50 -11.62 10.36
CA LEU A 209 -60.21 -12.98 9.99
C LEU A 209 -59.18 -13.54 10.94
N TRP A 210 -58.24 -12.70 11.33
CA TRP A 210 -57.16 -13.11 12.21
C TRP A 210 -57.68 -13.43 13.63
N MET A 211 -58.34 -12.43 14.20
CA MET A 211 -58.90 -12.54 15.54
C MET A 211 -59.86 -13.72 15.58
N LYS A 212 -60.48 -13.98 14.43
CA LYS A 212 -61.32 -15.14 14.19
C LYS A 212 -60.51 -16.43 14.20
N GLN A 213 -59.27 -16.37 13.72
CA GLN A 213 -58.43 -17.55 13.73
C GLN A 213 -58.07 -17.93 15.15
N LYS A 214 -58.14 -16.96 16.05
CA LYS A 214 -58.04 -17.32 17.48
C LYS A 214 -59.36 -17.38 18.27
N GLU A 215 -60.46 -17.64 17.56
CA GLU A 215 -61.79 -17.44 18.09
C GLU A 215 -62.14 -18.22 19.33
N ARG A 216 -61.83 -19.50 19.35
CA ARG A 216 -61.97 -20.29 20.58
C ARG A 216 -63.38 -20.61 21.10
N THR A 217 -64.16 -19.60 21.46
CA THR A 217 -65.40 -19.84 22.21
C THR A 217 -66.62 -18.97 21.87
N ILE A 218 -67.78 -19.45 22.25
CA ILE A 218 -69.03 -18.86 21.79
C ILE A 218 -69.05 -17.43 22.23
N GLU A 219 -68.61 -17.20 23.44
CA GLU A 219 -68.69 -15.87 23.98
C GLU A 219 -67.84 -14.99 23.09
N ASP A 220 -66.72 -15.50 22.62
CA ASP A 220 -65.86 -14.72 21.76
C ASP A 220 -66.46 -14.29 20.42
N HIS A 221 -67.17 -15.18 19.77
CA HIS A 221 -67.59 -14.93 18.39
C HIS A 221 -68.49 -13.72 18.29
N ARG A 222 -69.43 -13.66 19.21
CA ARG A 222 -70.32 -12.52 19.43
C ARG A 222 -69.55 -11.22 19.83
N ILE A 223 -68.39 -11.32 20.48
CA ILE A 223 -67.52 -10.13 20.66
C ILE A 223 -66.96 -9.62 19.32
N LEU A 224 -66.56 -10.57 18.46
CA LEU A 224 -65.99 -10.29 17.16
C LEU A 224 -67.01 -9.60 16.29
N GLN A 225 -68.19 -10.20 16.17
CA GLN A 225 -69.22 -9.61 15.33
C GLN A 225 -69.93 -8.38 15.94
N GLU A 226 -69.94 -8.22 17.26
CA GLU A 226 -70.58 -7.02 17.82
C GLU A 226 -69.57 -5.96 18.21
N ARG A 227 -68.75 -6.28 19.21
CA ARG A 227 -68.01 -5.25 19.95
C ARG A 227 -66.60 -4.91 19.47
N THR A 228 -66.03 -5.67 18.54
CA THR A 228 -64.64 -5.40 18.17
C THR A 228 -64.34 -4.52 16.96
N PHE A 229 -65.31 -4.20 16.11
CA PHE A 229 -64.94 -3.37 14.97
C PHE A 229 -65.57 -2.02 15.00
N PHE A 230 -64.71 -1.07 15.31
CA PHE A 230 -65.06 0.32 15.34
C PHE A 230 -63.96 0.78 14.43
N GLY A 231 -64.37 1.50 13.35
CA GLY A 231 -63.62 2.34 12.39
C GLY A 231 -64.60 3.20 11.54
N GLN A 232 -64.14 4.17 10.73
CA GLN A 232 -65.06 5.06 9.94
C GLN A 232 -64.60 5.58 8.52
N GLU A 233 -65.56 5.96 7.67
CA GLU A 233 -65.32 6.49 6.29
C GLU A 233 -66.13 7.73 5.84
N LYS A 234 -65.47 8.72 5.21
CA LYS A 234 -66.11 9.96 4.74
C LYS A 234 -66.87 9.92 3.40
N LYS A 235 -66.26 9.35 2.36
CA LYS A 235 -66.81 9.41 1.00
C LYS A 235 -67.75 8.24 0.70
N PRO A 236 -68.87 8.50 0.00
CA PRO A 236 -69.93 7.52 -0.19
C PRO A 236 -69.53 6.20 -0.85
N VAL A 237 -68.79 6.23 -1.95
CA VAL A 237 -68.53 5.01 -2.71
C VAL A 237 -67.65 4.00 -1.95
N PRO A 238 -66.54 4.46 -1.33
CA PRO A 238 -65.84 3.50 -0.49
C PRO A 238 -66.64 3.06 0.73
N ALA A 239 -67.46 3.96 1.27
CA ALA A 239 -68.26 3.62 2.44
C ALA A 239 -69.17 2.45 2.11
N PHE A 240 -69.86 2.56 0.97
CA PHE A 240 -70.80 1.54 0.54
C PHE A 240 -70.08 0.24 0.19
N LEU A 241 -69.09 0.32 -0.70
CA LEU A 241 -68.37 -0.86 -1.15
C LEU A 241 -67.79 -1.61 0.03
N GLY A 242 -67.28 -0.82 0.99
CA GLY A 242 -66.72 -1.38 2.20
C GLY A 242 -67.74 -2.04 3.08
N LEU A 243 -68.91 -1.43 3.21
CA LEU A 243 -69.96 -2.01 4.03
C LEU A 243 -70.29 -3.38 3.48
N VAL A 244 -70.49 -3.42 2.16
CA VAL A 244 -70.79 -4.67 1.48
C VAL A 244 -69.68 -5.69 1.75
N ASN A 245 -68.43 -5.23 1.74
CA ASN A 245 -67.31 -6.15 2.01
C ASN A 245 -67.28 -6.70 3.44
N MET A 246 -67.57 -5.88 4.45
CA MET A 246 -67.52 -6.40 5.80
C MET A 246 -68.72 -7.27 6.10
N MET A 247 -69.85 -7.06 5.44
CA MET A 247 -70.93 -8.05 5.64
C MET A 247 -70.66 -9.32 4.82
N LEU A 248 -69.90 -9.19 3.74
CA LEU A 248 -69.60 -10.31 2.86
C LEU A 248 -68.67 -11.34 3.49
N HIS A 249 -67.65 -10.88 4.20
CA HIS A 249 -66.60 -11.78 4.70
C HIS A 249 -67.00 -12.84 5.76
N GLY A 250 -67.83 -12.52 6.76
CA GLY A 250 -68.38 -11.21 7.01
C GLY A 250 -69.02 -11.07 8.37
N VAL A 251 -69.17 -9.83 8.82
CA VAL A 251 -69.80 -9.56 10.10
C VAL A 251 -71.25 -9.15 9.89
N THR A 252 -72.14 -9.74 10.68
CA THR A 252 -73.58 -9.67 10.42
C THR A 252 -74.12 -8.24 10.39
N VAL A 253 -73.83 -7.48 11.45
CA VAL A 253 -74.16 -6.04 11.48
C VAL A 253 -72.99 -5.23 12.02
N PRO A 254 -72.07 -4.84 11.13
CA PRO A 254 -70.89 -4.04 11.46
C PRO A 254 -71.21 -2.56 11.73
N ARG A 255 -70.49 -2.00 12.69
CA ARG A 255 -70.57 -0.59 13.03
C ARG A 255 -69.54 0.21 12.25
N VAL A 256 -69.95 0.89 11.18
CA VAL A 256 -69.12 1.96 10.60
C VAL A 256 -70.00 3.05 10.02
N MET A 257 -69.53 4.29 10.11
CA MET A 257 -70.37 5.45 9.84
C MET A 257 -69.86 6.24 8.66
N ARG A 258 -70.74 6.65 7.76
CA ARG A 258 -70.35 7.79 6.94
C ARG A 258 -70.35 8.97 7.87
N ARG A 259 -69.18 9.60 7.99
CA ARG A 259 -69.01 10.79 8.80
C ARG A 259 -67.64 11.36 8.50
N ASN A 260 -67.31 12.48 9.09
CA ASN A 260 -65.96 12.97 8.98
C ASN A 260 -65.28 12.78 10.32
N THR A 261 -64.09 12.19 10.33
CA THR A 261 -63.41 12.00 11.61
C THR A 261 -62.86 13.33 12.10
N LEU A 262 -62.57 14.23 11.16
CA LEU A 262 -62.00 15.52 11.50
C LEU A 262 -63.03 16.56 11.97
N GLU A 263 -64.32 16.32 11.72
CA GLU A 263 -65.35 17.16 12.35
C GLU A 263 -65.34 16.94 13.86
N GLU A 264 -64.91 15.77 14.30
CA GLU A 264 -64.86 15.48 15.72
C GLU A 264 -63.84 16.34 16.42
N ASN A 265 -64.10 16.66 17.68
CA ASN A 265 -63.14 17.43 18.44
C ASN A 265 -62.32 16.51 19.30
N ILE A 266 -61.03 16.48 19.05
CA ILE A 266 -60.15 15.58 19.76
C ILE A 266 -60.03 15.85 21.25
N ARG A 267 -60.07 17.10 21.67
CA ARG A 267 -59.80 17.41 23.06
C ARG A 267 -60.80 16.78 23.98
N ASN A 268 -62.04 16.67 23.55
CA ASN A 268 -63.05 15.99 24.33
C ASN A 268 -62.52 14.84 23.48
N VAL A 269 -62.37 13.67 24.10
CA VAL A 269 -62.02 12.43 23.41
C VAL A 269 -62.99 11.26 23.48
N SER A 270 -63.05 10.60 24.62
CA SER A 270 -64.09 9.81 25.23
C SER A 270 -64.44 8.58 24.37
N GLU A 271 -63.75 8.43 23.26
CA GLU A 271 -63.87 7.25 22.46
C GLU A 271 -62.45 6.84 22.30
N ARG A 272 -62.09 5.62 22.65
CA ARG A 272 -60.72 5.21 22.53
C ARG A 272 -60.70 3.78 22.19
N PHE A 273 -59.61 3.34 21.59
CA PHE A 273 -59.53 1.97 21.20
C PHE A 273 -58.17 1.40 21.51
N ASP A 274 -58.13 0.09 21.71
CA ASP A 274 -56.88 -0.61 21.96
C ASP A 274 -55.93 -0.56 20.77
N VAL A 275 -56.50 -0.74 19.58
CA VAL A 275 -55.71 -0.93 18.36
C VAL A 275 -56.10 0.07 17.28
N VAL A 276 -55.12 0.61 16.57
CA VAL A 276 -55.43 1.36 15.36
C VAL A 276 -54.62 0.83 14.18
N VAL A 277 -55.30 0.22 13.22
CA VAL A 277 -54.66 -0.22 11.99
C VAL A 277 -55.24 0.60 10.85
N THR A 278 -54.44 1.46 10.24
CA THR A 278 -55.01 2.43 9.32
C THR A 278 -54.11 2.92 8.19
N ASN A 279 -54.74 3.52 7.18
CA ASN A 279 -54.05 4.20 6.10
C ASN A 279 -54.81 5.47 5.79
N PRO A 280 -54.56 6.54 6.51
CA PRO A 280 -55.29 7.75 6.28
C PRO A 280 -54.99 8.30 4.93
N PRO A 281 -55.75 9.41 4.54
CA PRO A 281 -55.44 9.88 3.20
C PRO A 281 -54.01 10.29 3.11
N PHE A 282 -53.54 10.59 1.90
CA PHE A 282 -52.15 10.80 1.65
C PHE A 282 -51.78 12.23 1.59
N GLY A 283 -52.76 13.08 1.80
CA GLY A 283 -52.43 14.46 2.09
C GLY A 283 -52.65 15.56 1.09
N GLY A 284 -53.80 16.15 1.25
CA GLY A 284 -54.10 17.53 0.91
C GLY A 284 -54.77 18.36 2.00
N THR A 285 -55.11 19.60 1.66
CA THR A 285 -55.70 20.53 2.61
C THR A 285 -57.16 20.24 2.95
N GLU A 286 -57.57 20.61 4.17
CA GLU A 286 -58.99 20.66 4.48
C GLU A 286 -59.35 22.05 5.05
N GLY A 287 -58.72 22.44 6.14
CA GLY A 287 -58.74 23.83 6.57
C GLY A 287 -59.89 24.38 7.38
N ARG A 288 -59.64 25.61 7.87
CA ARG A 288 -60.64 26.42 8.56
C ARG A 288 -61.17 25.79 9.85
N HIS A 289 -62.47 25.63 9.77
CA HIS A 289 -63.29 25.26 10.85
C HIS A 289 -62.94 23.88 11.42
N ILE A 290 -62.68 22.92 10.53
CA ILE A 290 -62.16 21.61 10.88
C ILE A 290 -60.85 21.70 11.65
N GLN A 291 -59.99 22.61 11.21
CA GLN A 291 -58.67 22.81 11.79
C GLN A 291 -58.80 23.03 13.30
N GLN A 292 -59.88 23.69 13.71
CA GLN A 292 -60.04 24.08 15.11
C GLN A 292 -60.29 22.89 16.03
N ASN A 293 -60.61 21.74 15.44
CA ASN A 293 -60.83 20.53 16.21
C ASN A 293 -59.55 19.93 16.79
N PHE A 294 -58.40 20.51 16.45
CA PHE A 294 -57.12 19.95 16.84
C PHE A 294 -56.27 20.99 17.56
N PRO A 295 -55.49 20.55 18.57
CA PRO A 295 -54.61 21.47 19.30
C PRO A 295 -53.55 22.08 18.38
N ILE A 296 -52.89 21.26 17.58
CA ILE A 296 -52.05 21.78 16.50
C ILE A 296 -52.94 22.08 15.31
N GLN A 297 -52.75 23.23 14.67
CA GLN A 297 -53.60 23.56 13.53
C GLN A 297 -52.80 23.68 12.25
N SER A 298 -53.18 22.84 11.29
CA SER A 298 -52.57 22.80 9.98
C SER A 298 -53.62 22.36 8.96
N ASN A 299 -53.55 22.91 7.76
CA ASN A 299 -54.49 22.54 6.70
C ASN A 299 -54.32 21.10 6.25
N ALA A 300 -53.13 20.53 6.49
CA ALA A 300 -52.82 19.19 6.00
C ALA A 300 -53.63 18.11 6.71
N THR A 301 -54.37 17.34 5.92
CA THR A 301 -55.26 16.31 6.43
C THR A 301 -54.52 15.19 7.13
N GLU A 302 -53.41 14.78 6.54
CA GLU A 302 -52.64 13.66 7.08
C GLU A 302 -52.16 13.94 8.50
N LEU A 303 -51.77 15.18 8.77
CA LEU A 303 -51.27 15.57 10.09
C LEU A 303 -52.40 15.51 11.12
N LEU A 304 -53.56 16.01 10.74
CA LEU A 304 -54.72 16.00 11.63
C LEU A 304 -55.15 14.57 11.91
N PHE A 305 -55.06 13.71 10.89
CA PHE A 305 -55.35 12.29 11.07
C PHE A 305 -54.36 11.65 12.03
N LEU A 306 -53.10 12.04 11.93
CA LEU A 306 -52.09 11.54 12.83
C LEU A 306 -52.44 11.93 14.27
N GLN A 307 -52.83 13.20 14.48
CA GLN A 307 -53.20 13.66 15.83
C GLN A 307 -54.39 12.89 16.38
N HIS A 308 -55.42 12.81 15.54
CA HIS A 308 -56.65 12.09 15.84
C HIS A 308 -56.34 10.66 16.29
N ILE A 309 -55.46 9.99 15.55
CA ILE A 309 -55.04 8.65 15.89
C ILE A 309 -54.32 8.64 17.23
N MET A 310 -53.44 9.61 17.44
CA MET A 310 -52.66 9.67 18.66
C MET A 310 -53.59 9.70 19.88
N LYS A 311 -54.63 10.52 19.85
CA LYS A 311 -55.54 10.56 21.01
C LYS A 311 -56.68 9.54 20.98
N LYS A 312 -56.88 8.90 19.83
CA LYS A 312 -57.87 7.84 19.68
C LYS A 312 -57.45 6.55 20.40
N LEU A 313 -56.16 6.43 20.73
CA LEU A 313 -55.69 5.24 21.45
C LEU A 313 -56.00 5.27 22.94
N LYS A 314 -56.32 4.10 23.51
CA LYS A 314 -56.59 3.97 24.95
C LYS A 314 -55.34 4.19 25.80
N PRO A 315 -55.52 4.65 27.04
CA PRO A 315 -54.38 5.00 27.88
C PRO A 315 -53.54 3.81 28.37
N ARG A 316 -54.10 2.61 28.31
CA ARG A 316 -53.40 1.43 28.85
C ARG A 316 -52.10 1.17 28.12
N ASP A 317 -51.17 0.49 28.80
CA ASP A 317 -49.93 0.05 28.18
C ASP A 317 -50.18 -1.01 27.11
N GLY A 318 -49.37 -0.97 26.06
CA GLY A 318 -49.55 -1.92 24.99
C GLY A 318 -50.52 -1.37 23.97
N ALA A 319 -50.78 -0.06 23.99
CA ALA A 319 -51.70 0.50 23.02
C ALA A 319 -50.96 0.62 21.68
N ARG A 320 -51.48 0.00 20.63
CA ARG A 320 -50.72 -0.09 19.39
C ARG A 320 -51.32 0.63 18.21
N CYS A 321 -50.46 1.10 17.31
CA CYS A 321 -50.97 1.44 15.98
C CYS A 321 -50.07 1.07 14.82
N GLY A 322 -50.59 0.26 13.89
CA GLY A 322 -50.02 0.14 12.56
C GLY A 322 -50.64 1.21 11.66
N MET A 323 -49.83 1.83 10.82
CA MET A 323 -50.31 2.97 10.04
C MET A 323 -49.51 3.15 8.75
N VAL A 324 -50.13 3.67 7.70
CA VAL A 324 -49.40 3.96 6.46
C VAL A 324 -49.20 5.48 6.31
N VAL A 325 -47.96 5.92 6.12
CA VAL A 325 -47.67 7.36 5.96
C VAL A 325 -46.88 7.61 4.69
N PRO A 326 -46.95 8.83 4.13
CA PRO A 326 -46.13 9.13 2.95
C PRO A 326 -44.78 9.71 3.34
N GLU A 327 -43.95 10.08 2.36
CA GLU A 327 -42.69 10.75 2.64
C GLU A 327 -42.93 12.04 3.41
N GLY A 328 -43.93 12.78 2.97
CA GLY A 328 -44.23 14.10 3.49
C GLY A 328 -44.34 14.14 5.00
N THR A 329 -45.16 13.25 5.56
CA THR A 329 -45.31 13.21 7.01
C THR A 329 -43.99 12.91 7.70
N LEU A 330 -43.10 12.19 7.00
CA LEU A 330 -41.81 11.83 7.55
C LEU A 330 -40.74 12.95 7.54
N PHE A 331 -40.52 13.58 6.38
CA PHE A 331 -39.44 14.57 6.29
C PHE A 331 -39.86 16.01 6.55
N ARG A 332 -41.15 16.30 6.55
CA ARG A 332 -41.59 17.67 6.72
C ARG A 332 -41.43 18.15 8.16
N GLY A 333 -41.12 19.43 8.31
CA GLY A 333 -40.92 20.02 9.61
C GLY A 333 -42.13 20.80 10.07
N GLY A 334 -41.90 21.87 10.84
CA GLY A 334 -42.98 22.68 11.33
C GLY A 334 -43.94 21.90 12.20
N ALA A 335 -45.24 22.03 11.92
CA ALA A 335 -46.27 21.39 12.74
C ALA A 335 -46.02 19.90 12.82
N PHE A 336 -45.62 19.31 11.69
CA PHE A 336 -45.31 17.89 11.62
C PHE A 336 -44.30 17.51 12.70
N ALA A 337 -43.20 18.26 12.74
CA ALA A 337 -42.16 18.01 13.72
C ALA A 337 -42.77 18.00 15.10
N GLU A 338 -43.58 19.03 15.38
CA GLU A 338 -44.21 19.17 16.68
C GLU A 338 -44.99 17.91 16.98
N VAL A 339 -45.86 17.51 16.05
CA VAL A 339 -46.68 16.33 16.26
C VAL A 339 -45.76 15.13 16.43
N LYS A 340 -44.77 15.05 15.55
CA LYS A 340 -43.83 13.94 15.57
C LYS A 340 -43.11 13.95 16.92
N ARG A 341 -42.74 15.15 17.40
CA ARG A 341 -42.08 15.25 18.69
C ARG A 341 -42.97 14.59 19.71
N ASP A 342 -44.22 15.04 19.73
CA ASP A 342 -45.18 14.57 20.71
C ASP A 342 -45.22 13.05 20.60
N LEU A 343 -45.30 12.56 19.36
CA LEU A 343 -45.44 11.13 19.12
C LEU A 343 -44.30 10.43 19.84
N LEU A 344 -43.08 10.83 19.50
CA LEU A 344 -41.90 10.17 20.02
C LEU A 344 -41.85 10.23 21.54
N GLU A 345 -42.31 11.32 22.14
CA GLU A 345 -42.27 11.33 23.58
C GLU A 345 -43.50 10.64 24.18
N GLN A 346 -44.66 10.88 23.60
CA GLN A 346 -45.88 10.29 24.08
C GLN A 346 -45.86 8.80 23.91
N PHE A 347 -45.25 8.37 22.82
CA PHE A 347 -45.34 7.01 22.38
C PHE A 347 -43.99 6.40 22.11
N ASN A 348 -43.95 5.08 22.16
CA ASN A 348 -42.76 4.36 21.78
C ASN A 348 -43.02 3.97 20.37
N LEU A 349 -42.22 4.41 19.41
CA LEU A 349 -42.46 4.05 18.03
C LEU A 349 -41.47 3.01 17.67
N HIS A 350 -41.88 1.76 17.66
CA HIS A 350 -40.92 0.69 17.55
C HIS A 350 -40.60 0.19 16.18
N THR A 351 -41.28 0.62 15.13
CA THR A 351 -40.71 0.29 13.81
C THR A 351 -41.19 1.15 12.66
N VAL A 352 -40.34 1.24 11.63
CA VAL A 352 -40.68 1.88 10.38
C VAL A 352 -40.18 1.01 9.23
N VAL A 353 -41.05 0.77 8.26
CA VAL A 353 -40.70 0.00 7.07
C VAL A 353 -40.79 0.89 5.84
N SER A 354 -39.65 1.20 5.23
CA SER A 354 -39.66 2.02 4.04
C SER A 354 -40.23 1.19 2.89
N LEU A 355 -41.29 1.73 2.27
CA LEU A 355 -41.98 1.09 1.17
C LEU A 355 -41.69 1.86 -0.11
N PRO A 356 -41.10 1.17 -1.10
CA PRO A 356 -40.58 1.72 -2.35
C PRO A 356 -41.67 2.39 -3.18
N PRO A 357 -41.29 3.28 -4.10
CA PRO A 357 -42.27 4.00 -4.90
C PRO A 357 -43.05 3.05 -5.82
N GLY A 358 -44.29 3.40 -6.08
CA GLY A 358 -45.14 2.61 -6.95
C GLY A 358 -45.83 1.50 -6.22
N THR A 359 -45.62 1.41 -4.92
CA THR A 359 -46.27 0.39 -4.16
C THR A 359 -47.73 0.65 -4.28
N PHE A 360 -48.08 1.92 -4.26
CA PHE A 360 -49.47 2.30 -4.37
C PHE A 360 -49.89 2.66 -5.77
N ALA A 361 -49.00 2.53 -6.74
CA ALA A 361 -49.38 2.77 -8.11
C ALA A 361 -50.44 1.74 -8.41
N PRO A 362 -51.53 2.04 -9.24
CA PRO A 362 -51.35 3.21 -10.11
C PRO A 362 -51.77 4.49 -9.44
N TYR A 363 -52.30 4.41 -8.24
CA TYR A 363 -52.87 5.58 -7.64
C TYR A 363 -51.82 6.64 -7.48
N SER A 364 -50.68 6.26 -6.94
CA SER A 364 -49.58 7.20 -6.79
C SER A 364 -48.33 6.39 -6.66
N ASP A 365 -47.21 6.99 -6.99
CA ASP A 365 -45.96 6.30 -6.89
C ASP A 365 -45.22 6.77 -5.68
N VAL A 366 -45.89 7.57 -4.88
CA VAL A 366 -45.24 8.16 -3.76
C VAL A 366 -44.67 7.06 -2.92
N LYS A 367 -43.47 7.30 -2.45
CA LYS A 367 -42.80 6.47 -1.47
C LYS A 367 -43.53 6.58 -0.13
N THR A 368 -43.69 5.44 0.51
CA THR A 368 -44.49 5.40 1.72
C THR A 368 -43.71 4.66 2.79
N ALA A 369 -44.20 4.72 4.02
CA ALA A 369 -43.60 3.98 5.10
C ALA A 369 -44.68 3.38 5.98
N LEU A 370 -44.44 2.17 6.46
CA LEU A 370 -45.28 1.57 7.47
C LEU A 370 -44.74 2.00 8.81
N ILE A 371 -45.63 2.53 9.65
CA ILE A 371 -45.24 3.04 10.94
C ILE A 371 -45.96 2.21 11.99
N PHE A 372 -45.21 1.46 12.77
CA PHE A 372 -45.82 0.72 13.87
C PHE A 372 -45.33 1.36 15.14
N PHE A 373 -46.22 2.07 15.81
CA PHE A 373 -45.75 2.75 17.00
C PHE A 373 -46.41 2.21 18.24
N GLU A 374 -45.61 2.06 19.31
CA GLU A 374 -46.28 1.48 20.47
C GLU A 374 -46.44 2.54 21.55
N ARG A 375 -47.18 2.18 22.60
CA ARG A 375 -47.53 3.14 23.63
C ARG A 375 -47.49 2.36 24.96
N PRO A 376 -46.36 1.81 25.40
CA PRO A 376 -46.01 1.74 26.82
C PRO A 376 -45.60 3.09 27.42
N GLY A 377 -44.84 3.87 26.65
CA GLY A 377 -44.01 4.94 27.19
C GLY A 377 -43.28 5.74 26.12
N PRO A 378 -42.17 6.42 26.47
CA PRO A 378 -41.36 7.22 25.51
C PRO A 378 -40.52 6.37 24.52
N THR A 379 -40.11 6.97 23.40
CA THR A 379 -39.45 6.23 22.32
C THR A 379 -37.94 6.29 22.45
N LYS A 380 -37.31 5.12 22.53
CA LYS A 380 -35.86 5.06 22.69
C LYS A 380 -35.18 4.76 21.36
N GLU A 381 -35.42 3.58 20.81
CA GLU A 381 -34.80 3.27 19.54
C GLU A 381 -35.77 2.65 18.55
N ILE A 382 -35.54 2.93 17.27
CA ILE A 382 -36.47 2.63 16.20
C ILE A 382 -35.84 1.68 15.20
N TRP A 383 -36.59 0.66 14.79
CA TRP A 383 -36.05 -0.30 13.84
C TRP A 383 -36.54 0.02 12.44
N TYR A 384 -35.59 0.17 11.54
CA TYR A 384 -35.86 0.57 10.17
C TYR A 384 -35.66 -0.62 9.27
N TYR A 385 -36.67 -0.94 8.47
CA TYR A 385 -36.47 -1.93 7.43
C TYR A 385 -36.82 -1.34 6.08
N GLU A 386 -35.80 -1.13 5.27
CA GLU A 386 -35.99 -0.75 3.89
C GLU A 386 -36.43 -2.00 3.17
N LEU A 387 -37.21 -1.85 2.10
CA LEU A 387 -37.70 -3.03 1.43
C LEU A 387 -37.24 -3.04 -0.01
N PRO A 388 -36.75 -4.20 -0.47
CA PRO A 388 -36.18 -4.32 -1.82
C PRO A 388 -37.23 -4.42 -2.92
N LEU A 389 -36.96 -3.75 -4.03
CA LEU A 389 -37.65 -4.01 -5.27
C LEU A 389 -36.95 -5.18 -5.94
N PRO A 390 -37.67 -5.92 -6.80
CA PRO A 390 -36.95 -6.89 -7.63
C PRO A 390 -35.97 -6.13 -8.51
N GLU A 391 -34.77 -6.67 -8.73
CA GLU A 391 -33.69 -5.90 -9.33
C GLU A 391 -33.98 -5.55 -10.78
N GLY A 392 -35.00 -6.19 -11.35
CA GLY A 392 -35.50 -5.81 -12.67
C GLY A 392 -36.14 -4.43 -12.73
N LEU A 393 -36.92 -4.08 -11.71
CA LEU A 393 -37.77 -2.88 -11.74
C LEU A 393 -37.21 -1.62 -11.07
N LYS A 394 -37.40 -0.49 -11.75
CA LYS A 394 -37.18 0.84 -11.20
C LYS A 394 -38.18 1.16 -10.08
N LYS A 395 -39.43 0.76 -10.32
CA LYS A 395 -40.56 1.03 -9.42
C LYS A 395 -41.57 -0.12 -9.47
N PHE A 396 -42.41 -0.23 -8.44
CA PHE A 396 -43.55 -1.15 -8.50
C PHE A 396 -44.62 -0.55 -9.43
N SER A 397 -45.39 -1.40 -10.10
CA SER A 397 -46.23 -0.94 -11.20
C SER A 397 -47.58 -1.64 -11.25
N LYS A 398 -48.49 -1.12 -12.08
CA LYS A 398 -49.73 -1.83 -12.38
C LYS A 398 -49.38 -3.19 -12.99
N GLY A 399 -48.37 -3.21 -13.86
CA GLY A 399 -47.90 -4.45 -14.46
C GLY A 399 -47.29 -5.39 -13.46
N ASN A 400 -46.31 -4.91 -12.68
CA ASN A 400 -45.78 -5.68 -11.56
C ASN A 400 -46.10 -4.99 -10.23
N PRO A 401 -47.08 -5.53 -9.50
CA PRO A 401 -47.47 -4.92 -8.23
C PRO A 401 -46.72 -5.50 -7.04
N ILE A 402 -46.96 -4.95 -5.85
CA ILE A 402 -46.37 -5.51 -4.64
C ILE A 402 -47.13 -6.79 -4.26
N GLN A 403 -46.40 -7.78 -3.76
CA GLN A 403 -47.00 -9.03 -3.33
C GLN A 403 -46.39 -9.49 -2.01
N ASP A 404 -47.00 -10.51 -1.43
CA ASP A 404 -46.74 -10.93 -0.05
C ASP A 404 -45.28 -11.34 0.26
N GLU A 405 -44.52 -11.73 -0.76
CA GLU A 405 -43.15 -12.24 -0.61
C GLU A 405 -42.11 -11.22 -0.07
N HIS A 406 -42.07 -10.06 -0.69
CA HIS A 406 -41.15 -9.00 -0.28
C HIS A 406 -41.35 -8.84 1.24
N PHE A 407 -42.62 -8.87 1.59
CA PHE A 407 -43.03 -8.90 2.98
C PHE A 407 -42.64 -10.19 3.69
N GLU A 408 -42.44 -11.33 3.00
CA GLU A 408 -41.96 -12.55 3.71
C GLU A 408 -40.64 -12.19 4.37
N GLU A 409 -39.75 -11.55 3.62
CA GLU A 409 -38.46 -11.22 4.23
C GLU A 409 -38.61 -10.19 5.33
N ALA A 410 -39.40 -9.14 5.04
CA ALA A 410 -39.66 -8.12 6.06
C ALA A 410 -40.17 -8.76 7.35
N ARG A 411 -41.01 -9.78 7.20
CA ARG A 411 -41.64 -10.47 8.32
C ARG A 411 -40.57 -11.14 9.16
N LYS A 412 -39.73 -11.95 8.53
CA LYS A 412 -38.73 -12.70 9.30
C LYS A 412 -37.82 -11.76 10.09
N LEU A 413 -37.32 -10.73 9.42
CA LEU A 413 -36.46 -9.78 10.14
C LEU A 413 -37.22 -9.09 11.27
N TRP A 414 -38.48 -8.72 11.04
CA TRP A 414 -39.24 -8.08 12.10
C TRP A 414 -39.43 -9.01 13.29
N ARG A 415 -39.58 -10.31 13.04
CA ARG A 415 -39.69 -11.25 14.15
C ARG A 415 -38.43 -11.11 14.97
N GLY A 416 -37.31 -11.01 14.26
CA GLY A 416 -36.04 -10.79 14.95
C GLY A 416 -36.05 -9.54 15.83
N TRP A 417 -36.48 -8.42 15.27
CA TRP A 417 -36.50 -7.16 16.03
C TRP A 417 -37.44 -7.22 17.22
N ASP A 418 -38.60 -7.85 17.04
CA ASP A 418 -39.60 -7.98 18.09
C ASP A 418 -39.02 -8.79 19.22
N ALA A 419 -38.22 -9.80 18.87
CA ALA A 419 -37.54 -10.60 19.88
C ALA A 419 -36.55 -9.74 20.66
N TYR A 420 -35.73 -8.98 19.93
CA TYR A 420 -34.72 -8.16 20.60
C TYR A 420 -35.30 -7.05 21.48
N ARG A 421 -36.41 -6.46 21.04
CA ARG A 421 -37.03 -5.33 21.71
C ARG A 421 -37.41 -5.67 23.15
N LYS A 422 -37.95 -6.87 23.34
CA LYS A 422 -38.29 -7.32 24.70
C LYS A 422 -37.16 -8.19 25.25
N GLY A 423 -36.06 -8.26 24.50
CA GLY A 423 -34.86 -8.93 24.98
C GLY A 423 -35.00 -10.43 25.14
N LEU A 424 -35.78 -11.03 24.24
CA LEU A 424 -35.89 -12.48 24.18
C LEU A 424 -35.00 -13.06 23.07
N GLY A 425 -34.25 -12.19 22.40
CA GLY A 425 -33.44 -12.63 21.28
C GLY A 425 -32.25 -11.74 20.98
N PRO A 426 -31.29 -12.26 20.20
CA PRO A 426 -30.10 -11.53 19.77
C PRO A 426 -30.41 -10.43 18.76
N VAL A 427 -29.71 -9.31 18.84
CA VAL A 427 -29.90 -8.22 17.88
C VAL A 427 -29.52 -8.66 16.47
N GLU A 428 -28.54 -9.54 16.39
CA GLU A 428 -27.99 -9.98 15.10
C GLU A 428 -29.05 -10.59 14.20
N ALA A 429 -30.12 -11.09 14.81
CA ALA A 429 -31.22 -11.70 14.06
C ALA A 429 -31.94 -10.68 13.18
N CYS A 430 -32.05 -9.45 13.68
CA CYS A 430 -32.87 -8.47 13.04
C CYS A 430 -32.12 -7.55 12.13
N LEU A 431 -30.86 -7.85 11.90
CA LEU A 431 -30.04 -6.95 11.10
C LEU A 431 -29.65 -7.59 9.82
N SER A 432 -29.87 -6.86 8.75
CA SER A 432 -29.35 -7.20 7.47
C SER A 432 -29.06 -5.87 6.92
N GLU A 433 -28.29 -5.82 5.86
CA GLU A 433 -27.85 -4.57 5.31
C GLU A 433 -29.08 -3.78 4.97
N ARG A 434 -30.13 -4.48 4.61
CA ARG A 434 -31.44 -3.90 4.44
C ARG A 434 -32.09 -3.38 5.72
N SER A 435 -31.76 -3.93 6.87
CA SER A 435 -32.37 -3.50 8.13
C SER A 435 -31.39 -2.87 9.08
N TRP A 436 -31.71 -1.73 9.68
CA TRP A 436 -30.82 -1.10 10.63
C TRP A 436 -31.55 -0.45 11.76
N ILE A 437 -30.86 -0.13 12.84
CA ILE A 437 -31.54 0.46 13.99
C ILE A 437 -31.06 1.89 14.33
N VAL A 438 -32.01 2.82 14.39
CA VAL A 438 -31.76 4.25 14.57
C VAL A 438 -32.17 4.74 15.96
N PRO A 439 -31.24 5.37 16.68
CA PRO A 439 -31.51 5.93 18.01
C PRO A 439 -32.36 7.20 17.96
N VAL A 440 -33.23 7.40 18.95
CA VAL A 440 -34.19 8.49 18.88
C VAL A 440 -33.47 9.83 18.90
N GLU A 441 -32.37 9.92 19.65
CA GLU A 441 -31.58 11.14 19.71
C GLU A 441 -31.29 11.63 18.30
N GLU A 442 -30.92 10.72 17.41
CA GLU A 442 -30.42 11.14 16.11
C GLU A 442 -31.58 11.67 15.24
N VAL A 443 -32.78 11.12 15.41
CA VAL A 443 -33.93 11.66 14.71
C VAL A 443 -34.31 13.02 15.29
N LYS A 444 -34.00 13.28 16.57
CA LYS A 444 -34.27 14.64 17.07
C LYS A 444 -33.21 15.66 16.61
N LYS A 445 -31.95 15.29 16.42
CA LYS A 445 -31.05 16.27 15.75
C LYS A 445 -31.43 16.49 14.29
N ARG A 446 -32.12 15.55 13.67
CA ARG A 446 -32.44 15.68 12.24
C ARG A 446 -33.69 16.54 12.07
N GLY A 447 -34.18 17.10 13.16
CA GLY A 447 -35.38 17.92 13.14
C GLY A 447 -36.60 17.05 12.90
N TYR A 448 -36.56 15.85 13.49
CA TYR A 448 -37.64 14.86 13.43
C TYR A 448 -37.88 14.40 11.99
N ASP A 449 -36.81 14.13 11.27
CA ASP A 449 -36.93 13.54 9.95
C ASP A 449 -36.84 12.03 10.13
N LEU A 450 -37.97 11.37 9.90
CA LEU A 450 -38.08 9.93 10.13
C LEU A 450 -37.81 9.14 8.85
N THR A 451 -37.42 9.84 7.79
CA THR A 451 -37.16 9.19 6.51
C THR A 451 -36.05 8.15 6.65
N ALA A 452 -36.15 7.09 5.85
CA ALA A 452 -35.20 5.99 5.96
C ALA A 452 -33.88 6.36 5.33
N ARG A 453 -32.82 6.29 6.12
CA ARG A 453 -31.47 6.44 5.62
C ARG A 453 -30.69 5.20 5.99
N ASN A 454 -30.30 4.43 4.98
CA ASN A 454 -29.67 3.15 5.19
C ASN A 454 -28.15 3.31 5.30
N PRO A 455 -27.61 3.01 6.49
CA PRO A 455 -26.19 3.21 6.79
C PRO A 455 -25.28 2.45 5.85
N ASN A 456 -25.54 1.16 5.72
CA ASN A 456 -24.83 0.32 4.78
C ASN A 456 -25.47 0.32 3.40
N ARG A 457 -25.47 1.46 2.73
CA ARG A 457 -26.12 1.54 1.43
C ARG A 457 -25.62 2.67 0.56
N SER A 458 -26.04 2.61 -0.70
CA SER A 458 -25.66 3.59 -1.68
C SER A 458 -26.11 4.96 -1.25
N GLY A 459 -25.21 5.90 -1.45
CA GLY A 459 -25.35 7.29 -1.10
C GLY A 459 -26.63 7.94 -1.60
N GLY A 460 -27.00 7.66 -2.85
CA GLY A 460 -28.17 8.29 -3.44
C GLY A 460 -29.43 8.05 -2.65
N GLU A 461 -30.02 9.17 -2.24
CA GLU A 461 -31.21 9.23 -1.42
C GLU A 461 -32.46 9.56 -2.22
N GLU A 462 -32.35 9.49 -3.55
CA GLU A 462 -33.50 9.51 -4.47
C GLU A 462 -34.44 10.69 -4.17
N LEU A 463 -33.83 11.84 -3.93
CA LEU A 463 -34.52 13.06 -3.53
C LEU A 463 -35.11 13.80 -4.75
N PRO A 464 -36.17 14.53 -4.54
CA PRO A 464 -36.94 15.05 -5.64
C PRO A 464 -36.09 16.01 -6.39
N SER A 465 -36.44 16.30 -7.63
CA SER A 465 -35.69 17.28 -8.39
C SER A 465 -35.82 18.56 -7.62
N PRO A 466 -34.72 19.42 -7.66
CA PRO A 466 -34.83 20.54 -6.74
C PRO A 466 -36.06 21.37 -7.02
N VAL A 467 -36.40 21.57 -8.28
CA VAL A 467 -37.44 22.53 -8.56
C VAL A 467 -38.73 22.15 -7.87
N GLU A 468 -39.12 20.90 -7.97
CA GLU A 468 -40.36 20.52 -7.29
C GLU A 468 -40.36 21.09 -5.89
N ILE A 469 -39.17 21.06 -5.28
CA ILE A 469 -38.97 21.59 -3.94
C ILE A 469 -39.27 23.08 -3.93
N VAL A 470 -38.69 23.82 -4.87
CA VAL A 470 -38.90 25.26 -4.92
C VAL A 470 -40.36 25.56 -5.29
N ALA A 471 -40.99 24.66 -6.04
CA ALA A 471 -42.40 24.84 -6.40
C ALA A 471 -43.30 24.82 -5.16
N GLY A 472 -43.18 23.76 -4.38
CA GLY A 472 -43.96 23.65 -3.16
C GLY A 472 -43.63 24.78 -2.20
N LEU A 473 -42.34 25.09 -2.14
CA LEU A 473 -41.84 26.19 -1.33
C LEU A 473 -42.54 27.50 -1.69
N LEU A 474 -42.75 27.71 -2.98
CA LEU A 474 -43.45 28.90 -3.47
C LEU A 474 -44.88 28.87 -3.00
N GLU A 475 -45.57 27.75 -3.21
CA GLU A 475 -47.00 27.73 -2.90
C GLU A 475 -47.25 27.98 -1.42
N LYS A 476 -46.39 27.47 -0.54
CA LYS A 476 -46.67 27.71 0.86
C LYS A 476 -46.07 29.05 1.33
N GLU A 477 -45.18 29.63 0.54
CA GLU A 477 -44.77 31.00 0.79
C GLU A 477 -45.93 31.96 0.51
N ARG A 478 -46.68 31.67 -0.54
CA ARG A 478 -47.82 32.52 -0.87
C ARG A 478 -48.92 32.28 0.16
N GLU A 479 -48.92 31.07 0.73
CA GLU A 479 -49.75 30.82 1.91
C GLU A 479 -49.36 31.72 3.08
N ILE A 480 -48.06 31.89 3.28
CA ILE A 480 -47.57 32.75 4.35
C ILE A 480 -48.02 34.18 4.13
N LEU A 481 -47.93 34.66 2.89
CA LEU A 481 -48.40 36.02 2.61
C LEU A 481 -49.87 36.16 2.94
N SER A 482 -50.66 35.16 2.55
CA SER A 482 -52.10 35.18 2.85
C SER A 482 -52.33 35.28 4.35
N ILE A 483 -51.55 34.49 5.11
CA ILE A 483 -51.65 34.51 6.56
C ILE A 483 -51.34 35.88 7.14
N MET A 484 -50.27 36.52 6.67
CA MET A 484 -49.90 37.83 7.22
C MET A 484 -50.88 38.94 6.89
N GLU A 485 -51.38 38.98 5.67
CA GLU A 485 -52.40 39.99 5.42
C GLU A 485 -53.64 39.67 6.25
N GLU A 486 -53.94 38.39 6.47
CA GLU A 486 -55.05 38.07 7.39
C GLU A 486 -54.79 38.65 8.78
N LEU A 487 -53.54 38.56 9.23
CA LEU A 487 -53.12 39.10 10.51
C LEU A 487 -53.37 40.60 10.60
N SER A 488 -52.97 41.33 9.55
CA SER A 488 -53.07 42.78 9.61
C SER A 488 -54.50 43.24 9.40
N GLU A 489 -55.26 42.50 8.59
CA GLU A 489 -56.71 42.70 8.50
C GLU A 489 -57.33 42.59 9.87
N LEU A 490 -56.90 41.60 10.64
CA LEU A 490 -57.56 41.35 11.91
C LEU A 490 -57.16 42.35 12.99
N LEU A 491 -55.91 42.81 13.00
CA LEU A 491 -55.52 43.78 14.03
C LEU A 491 -55.94 45.20 13.65
N GLU A 492 -56.14 45.47 12.36
CA GLU A 492 -56.72 46.75 11.95
C GLU A 492 -58.24 46.74 12.06
N ASN A 493 -58.83 45.55 12.00
CA ASN A 493 -60.28 45.39 12.17
C ASN A 493 -60.70 45.62 13.61
N GLU A 494 -60.06 44.89 14.52
CA GLU A 494 -60.44 44.92 15.94
C GLU A 494 -59.90 46.16 16.74
N LYS A 495 -59.34 47.15 16.04
CA LYS A 495 -58.91 48.40 16.69
C LYS A 495 -60.09 49.21 17.30
N GLY A 496 -59.94 49.66 18.55
CA GLY A 496 -60.98 50.42 19.22
C GLY A 496 -61.06 51.85 18.73
N SER B 465 -45.46 48.66 18.58
CA SER B 465 -45.22 48.74 17.16
C SER B 465 -45.93 47.60 16.45
N PRO B 466 -47.13 47.16 17.02
CA PRO B 466 -47.55 45.86 16.51
C PRO B 466 -47.83 45.91 15.05
N VAL B 467 -48.58 46.91 14.61
CA VAL B 467 -48.95 46.97 13.22
C VAL B 467 -47.75 47.18 12.32
N GLU B 468 -46.81 47.98 12.77
CA GLU B 468 -45.67 48.30 11.95
C GLU B 468 -44.92 47.05 11.67
N ILE B 469 -44.82 46.22 12.68
CA ILE B 469 -43.99 45.04 12.57
C ILE B 469 -44.49 44.10 11.50
N VAL B 470 -45.79 43.90 11.44
CA VAL B 470 -46.34 42.99 10.47
C VAL B 470 -46.02 43.50 9.10
N ALA B 471 -46.10 44.81 8.94
CA ALA B 471 -45.80 45.41 7.66
C ALA B 471 -44.43 44.96 7.23
N GLY B 472 -43.45 45.31 8.02
CA GLY B 472 -42.07 45.02 7.68
C GLY B 472 -41.90 43.53 7.48
N LEU B 473 -42.57 42.75 8.32
CA LEU B 473 -42.53 41.30 8.21
C LEU B 473 -43.05 40.89 6.84
N LEU B 474 -44.12 41.56 6.41
CA LEU B 474 -44.76 41.28 5.13
C LEU B 474 -43.84 41.60 3.96
N GLU B 475 -43.15 42.74 4.07
CA GLU B 475 -42.21 43.16 3.04
C GLU B 475 -41.11 42.11 2.94
N LYS B 476 -40.66 41.65 4.10
CA LYS B 476 -39.62 40.62 4.17
C LYS B 476 -40.09 39.35 3.49
N GLU B 477 -41.36 39.01 3.67
CA GLU B 477 -41.91 37.80 3.11
C GLU B 477 -42.01 37.84 1.59
N ARG B 478 -42.51 38.95 1.05
CA ARG B 478 -42.66 38.97 -0.40
C ARG B 478 -41.30 39.18 -1.05
N GLU B 479 -40.34 39.68 -0.26
CA GLU B 479 -38.97 39.75 -0.74
C GLU B 479 -38.40 38.35 -0.87
N ILE B 480 -38.57 37.56 0.19
CA ILE B 480 -38.13 36.17 0.20
C ILE B 480 -38.74 35.41 -0.97
N LEU B 481 -40.04 35.65 -1.17
CA LEU B 481 -40.78 35.03 -2.26
C LEU B 481 -40.15 35.39 -3.61
N SER B 482 -39.83 36.67 -3.77
CA SER B 482 -39.13 37.13 -4.97
C SER B 482 -37.86 36.31 -5.18
N ILE B 483 -37.07 36.17 -4.12
CA ILE B 483 -35.81 35.43 -4.20
C ILE B 483 -36.03 33.99 -4.64
N MET B 484 -37.07 33.34 -4.14
CA MET B 484 -37.25 31.93 -4.48
C MET B 484 -37.94 31.73 -5.83
N GLU B 485 -38.58 32.76 -6.39
CA GLU B 485 -38.98 32.57 -7.77
C GLU B 485 -37.83 32.97 -8.69
N GLU B 486 -36.80 33.64 -8.15
CA GLU B 486 -35.56 33.73 -8.91
C GLU B 486 -34.89 32.38 -8.89
N LEU B 487 -35.04 31.69 -7.76
CA LEU B 487 -34.49 30.36 -7.62
C LEU B 487 -35.14 29.42 -8.61
N SER B 488 -36.47 29.43 -8.69
CA SER B 488 -37.15 28.58 -9.65
C SER B 488 -36.80 29.00 -11.07
N GLU B 489 -36.71 30.31 -11.29
CA GLU B 489 -36.34 30.85 -12.60
C GLU B 489 -35.03 30.22 -13.09
N LEU B 490 -34.02 30.21 -12.22
CA LEU B 490 -32.70 29.76 -12.65
C LEU B 490 -32.59 28.25 -12.53
N LEU B 491 -33.57 27.61 -11.89
CA LEU B 491 -33.54 26.15 -11.81
C LEU B 491 -34.30 25.38 -12.86
N GLU B 492 -34.91 26.05 -13.84
CA GLU B 492 -35.04 25.31 -15.08
C GLU B 492 -34.76 26.18 -16.31
N ASN B 493 -33.79 25.76 -17.14
CA ASN B 493 -32.96 24.53 -17.02
C ASN B 493 -33.74 23.20 -16.91
N GLU B 494 -33.55 22.51 -15.79
CA GLU B 494 -34.21 21.17 -15.51
C GLU B 494 -33.77 20.03 -16.48
N PRO C 5 -21.94 1.81 -7.41
CA PRO C 5 -22.70 2.74 -6.55
C PRO C 5 -23.97 3.26 -7.20
N TYR C 6 -23.79 3.79 -8.41
CA TYR C 6 -24.89 4.31 -9.24
C TYR C 6 -24.56 4.40 -10.75
N LYS C 7 -25.48 4.98 -11.54
CA LYS C 7 -25.22 5.36 -12.92
C LYS C 7 -24.20 6.52 -13.12
N LEU C 8 -23.52 6.55 -14.26
CA LEU C 8 -22.65 7.67 -14.58
C LEU C 8 -22.94 8.18 -15.99
N PRO C 9 -22.88 9.51 -16.15
CA PRO C 9 -22.89 10.17 -17.46
C PRO C 9 -21.57 9.89 -18.18
N PRO C 10 -21.53 10.04 -19.51
CA PRO C 10 -20.44 9.46 -20.31
C PRO C 10 -19.03 9.85 -19.89
N GLY C 11 -18.80 11.13 -19.63
CA GLY C 11 -17.49 11.60 -19.23
C GLY C 11 -17.04 11.12 -17.86
N TRP C 12 -17.93 11.15 -16.90
CA TRP C 12 -17.52 10.97 -15.51
C TRP C 12 -16.89 9.58 -15.27
N ARG C 13 -15.98 9.51 -14.31
CA ARG C 13 -15.29 8.29 -13.92
C ARG C 13 -15.43 8.15 -12.39
N TRP C 14 -15.33 6.94 -11.86
CA TRP C 14 -15.45 6.80 -10.44
C TRP C 14 -14.03 6.68 -9.99
N VAL C 15 -13.61 7.54 -9.09
CA VAL C 15 -12.25 7.46 -8.61
C VAL C 15 -12.21 7.61 -7.13
N ARG C 16 -11.30 6.90 -6.50
CA ARG C 16 -11.13 7.04 -5.09
C ARG C 16 -10.56 8.40 -4.84
N LEU C 17 -11.03 9.05 -3.80
CA LEU C 17 -10.68 10.44 -3.58
C LEU C 17 -9.20 10.61 -3.57
N GLY C 18 -8.52 9.66 -2.98
CA GLY C 18 -7.09 9.75 -2.85
C GLY C 18 -6.44 9.84 -4.19
N GLU C 19 -6.98 9.13 -5.17
CA GLU C 19 -6.33 9.02 -6.45
C GLU C 19 -6.21 10.41 -6.98
N VAL C 20 -7.20 11.24 -6.73
CA VAL C 20 -7.05 12.64 -7.00
C VAL C 20 -6.62 13.36 -5.74
N CYS C 21 -5.35 13.68 -5.67
CA CYS C 21 -4.81 14.41 -4.55
C CYS C 21 -3.34 14.57 -4.81
N LEU C 22 -2.70 15.45 -4.06
CA LEU C 22 -1.24 15.52 -4.09
C LEU C 22 -0.72 15.06 -2.75
N PRO C 23 0.53 14.55 -2.72
CA PRO C 23 1.09 14.21 -1.43
C PRO C 23 1.16 15.47 -0.60
N THR C 24 1.00 15.41 0.72
CA THR C 24 1.06 16.65 1.47
C THR C 24 2.01 16.58 2.65
N GLU C 25 2.65 17.72 2.88
CA GLU C 25 3.75 17.88 3.80
C GLU C 25 3.27 18.06 5.22
N ARG C 26 4.11 17.75 6.19
CA ARG C 26 3.89 18.22 7.54
C ARG C 26 5.23 18.67 8.11
N ARG C 27 5.21 19.79 8.83
CA ARG C 27 6.46 20.31 9.38
C ARG C 27 6.25 20.73 10.81
N ASP C 28 7.37 20.85 11.52
CA ASP C 28 7.36 21.19 12.94
C ASP C 28 7.85 22.63 13.12
N PRO C 29 6.95 23.53 13.55
CA PRO C 29 7.28 24.94 13.76
C PRO C 29 8.26 25.21 14.91
N THR C 30 8.42 24.31 15.86
CA THR C 30 9.38 24.51 16.96
C THR C 30 10.82 24.46 16.44
N LYS C 31 10.99 23.93 15.22
CA LYS C 31 12.28 23.98 14.51
C LYS C 31 12.62 25.41 14.09
N ASN C 32 11.60 26.26 14.04
CA ASN C 32 11.78 27.70 13.85
C ASN C 32 11.14 28.45 15.00
N PRO C 33 11.78 28.41 16.18
CA PRO C 33 11.16 28.85 17.44
C PRO C 33 10.79 30.32 17.47
N SER C 34 11.53 31.18 16.78
CA SER C 34 11.23 32.61 16.78
C SER C 34 10.42 33.07 15.58
N THR C 35 10.03 32.13 14.73
CA THR C 35 9.26 32.47 13.54
C THR C 35 7.77 32.24 13.79
N TYR C 36 6.98 33.29 13.60
CA TYR C 36 5.54 33.20 13.82
C TYR C 36 4.85 32.41 12.70
N PHE C 37 3.73 31.79 13.02
CA PHE C 37 2.92 31.09 12.02
C PHE C 37 1.44 31.25 12.32
N VAL C 38 0.58 31.03 11.33
CA VAL C 38 -0.86 31.04 11.60
C VAL C 38 -1.36 29.61 11.76
N TYR C 39 -2.02 29.37 12.89
CA TYR C 39 -2.54 28.07 13.25
C TYR C 39 -4.04 28.00 13.02
N VAL C 40 -4.48 26.87 12.46
CA VAL C 40 -5.88 26.61 12.21
C VAL C 40 -6.32 25.32 12.90
N ASP C 41 -7.35 25.42 13.74
CA ASP C 41 -7.88 24.27 14.45
C ASP C 41 -9.39 24.23 14.25
N ILE C 42 -10.00 23.11 14.62
CA ILE C 42 -11.42 22.88 14.34
C ILE C 42 -12.31 23.99 14.89
N SER C 43 -11.89 24.59 16.01
CA SER C 43 -12.60 25.71 16.61
C SER C 43 -12.49 26.97 15.76
N ALA C 44 -11.51 27.00 14.86
CA ALA C 44 -11.29 28.17 14.01
C ALA C 44 -12.19 28.15 12.77
N ILE C 45 -12.98 27.10 12.62
CA ILE C 45 -13.84 26.98 11.45
C ILE C 45 -15.30 27.25 11.79
N ASP C 46 -15.98 27.96 10.90
CA ASP C 46 -17.42 28.17 11.03
C ASP C 46 -18.09 27.01 10.32
N SER C 47 -18.81 26.20 11.09
CA SER C 47 -19.44 24.99 10.59
C SER C 47 -20.47 25.28 9.51
N THR C 48 -21.19 26.38 9.68
CA THR C 48 -22.31 26.72 8.80
C THR C 48 -21.87 27.01 7.38
N VAL C 49 -20.94 27.93 7.21
CA VAL C 49 -20.52 28.34 5.87
C VAL C 49 -19.25 27.65 5.38
N GLY C 50 -18.64 26.84 6.23
CA GLY C 50 -17.40 26.17 5.87
C GLY C 50 -16.25 27.09 5.49
N LYS C 51 -15.88 27.98 6.41
CA LYS C 51 -14.78 28.91 6.21
C LYS C 51 -13.84 28.92 7.43
N ILE C 52 -12.61 29.37 7.26
CA ILE C 52 -11.77 29.58 8.44
C ILE C 52 -11.95 31.03 8.84
N VAL C 53 -12.69 31.27 9.92
CA VAL C 53 -12.98 32.64 10.33
C VAL C 53 -12.08 33.14 11.46
N SER C 54 -11.42 32.22 12.17
CA SER C 54 -10.66 32.63 13.34
C SER C 54 -9.36 31.87 13.56
N PRO C 55 -8.38 32.03 12.65
CA PRO C 55 -7.06 31.44 12.88
C PRO C 55 -6.41 32.13 14.06
N LYS C 56 -5.39 31.51 14.66
CA LYS C 56 -4.64 32.23 15.68
C LYS C 56 -3.16 32.18 15.33
N GLU C 57 -2.47 33.30 15.36
CA GLU C 57 -1.06 33.28 15.00
C GLU C 57 -0.27 33.07 16.30
N ILE C 58 0.64 32.11 16.23
CA ILE C 58 1.40 31.64 17.37
C ILE C 58 2.89 31.68 17.06
N LEU C 59 3.71 31.96 18.07
CA LEU C 59 5.14 31.88 17.93
C LEU C 59 5.52 30.42 17.73
N GLY C 60 6.50 30.15 16.88
CA GLY C 60 6.90 28.78 16.59
C GLY C 60 7.30 27.98 17.81
N GLN C 61 7.70 28.68 18.87
CA GLN C 61 8.15 28.09 20.12
C GLN C 61 6.99 27.54 20.94
N HIS C 62 5.87 28.24 20.90
CA HIS C 62 4.70 27.91 21.70
C HIS C 62 3.73 26.99 20.96
N ALA C 63 4.16 26.50 19.81
CA ALA C 63 3.35 25.65 18.96
C ALA C 63 2.84 24.41 19.68
N PRO C 64 1.51 24.20 19.64
CA PRO C 64 0.91 22.99 20.20
C PRO C 64 1.37 21.71 19.52
N SER C 65 1.28 20.59 20.24
CA SER C 65 1.76 19.31 19.74
C SER C 65 1.01 18.89 18.48
N ARG C 66 -0.21 19.39 18.35
CA ARG C 66 -1.04 19.06 17.19
C ARG C 66 -0.72 19.88 15.96
N ALA C 67 0.14 20.87 16.10
CA ALA C 67 0.34 21.81 15.02
C ALA C 67 1.39 21.33 14.07
N ARG C 68 0.98 20.60 13.06
CA ARG C 68 1.99 20.00 12.21
C ARG C 68 1.67 19.81 10.77
N LYS C 69 0.61 20.40 10.27
CA LYS C 69 0.23 20.14 8.90
C LYS C 69 0.18 21.41 8.08
N VAL C 70 0.74 21.34 6.88
CA VAL C 70 0.90 22.53 6.10
C VAL C 70 -0.25 22.67 5.14
N ILE C 71 -1.04 23.71 5.30
CA ILE C 71 -2.13 23.98 4.41
C ILE C 71 -1.65 24.80 3.23
N ARG C 72 -2.36 24.74 2.11
CA ARG C 72 -1.99 25.57 0.99
C ARG C 72 -3.16 26.00 0.13
N SER C 73 -3.00 27.11 -0.57
CA SER C 73 -4.17 27.69 -1.22
C SER C 73 -4.89 26.62 -2.06
N GLY C 74 -6.19 26.51 -1.84
CA GLY C 74 -7.01 25.53 -2.54
C GLY C 74 -7.12 24.21 -1.80
N ASP C 75 -6.35 24.05 -0.73
CA ASP C 75 -6.45 22.83 0.05
C ASP C 75 -7.81 22.77 0.71
N VAL C 76 -8.38 21.58 0.80
CA VAL C 76 -9.60 21.39 1.56
C VAL C 76 -9.26 20.67 2.84
N ILE C 77 -9.55 21.28 3.97
CA ILE C 77 -9.24 20.64 5.23
C ILE C 77 -10.54 20.05 5.77
N PHE C 78 -10.50 18.76 6.08
CA PHE C 78 -11.68 18.01 6.47
C PHE C 78 -11.41 17.35 7.81
N ALA C 79 -12.07 17.81 8.86
CA ALA C 79 -11.79 17.32 10.20
C ALA C 79 -12.16 15.84 10.32
N THR C 80 -11.29 15.06 10.94
CA THR C 80 -11.54 13.62 11.07
C THR C 80 -12.24 13.27 12.38
N THR C 81 -12.33 14.25 13.28
CA THR C 81 -13.02 14.06 14.56
C THR C 81 -14.47 14.49 14.40
N ARG C 82 -15.39 13.53 14.47
CA ARG C 82 -16.80 13.78 14.21
C ARG C 82 -17.01 14.52 12.90
N PRO C 83 -16.78 13.87 11.75
CA PRO C 83 -16.95 14.74 10.59
C PRO C 83 -18.38 14.79 10.08
N TYR C 84 -19.34 14.81 10.99
CA TYR C 84 -20.73 15.08 10.65
C TYR C 84 -21.10 16.49 11.06
N LEU C 85 -20.17 17.17 11.72
CA LEU C 85 -20.39 18.55 12.14
C LEU C 85 -20.01 19.49 11.03
N LYS C 86 -19.56 18.92 9.91
CA LYS C 86 -19.23 19.70 8.72
C LYS C 86 -18.18 20.78 9.01
N ASN C 87 -17.13 20.42 9.75
CA ASN C 87 -16.02 21.35 9.84
C ASN C 87 -15.13 20.98 8.68
N ILE C 88 -15.27 21.74 7.61
CA ILE C 88 -14.53 21.52 6.38
C ILE C 88 -14.32 22.89 5.81
N ALA C 89 -13.14 23.16 5.27
CA ALA C 89 -12.91 24.51 4.79
C ALA C 89 -11.98 24.54 3.60
N LEU C 90 -12.13 25.58 2.80
CA LEU C 90 -11.25 25.82 1.66
C LEU C 90 -10.21 26.86 2.08
N VAL C 91 -8.94 26.50 1.96
CA VAL C 91 -7.86 27.37 2.43
C VAL C 91 -7.62 28.53 1.50
N PRO C 92 -7.74 29.77 2.02
CA PRO C 92 -7.51 30.99 1.26
C PRO C 92 -6.02 31.24 0.99
N PRO C 93 -5.70 32.07 0.00
CA PRO C 93 -4.30 32.40 -0.29
C PRO C 93 -3.55 32.97 0.90
N ASP C 94 -4.27 33.66 1.79
CA ASP C 94 -3.65 34.27 2.95
C ASP C 94 -3.06 33.22 3.88
N LEU C 95 -3.66 32.04 3.88
CA LEU C 95 -3.22 30.93 4.73
C LEU C 95 -2.32 29.93 4.03
N ASP C 96 -1.88 30.24 2.81
CA ASP C 96 -1.08 29.30 2.02
C ASP C 96 0.19 28.84 2.73
N GLY C 97 0.50 27.57 2.58
CA GLY C 97 1.73 27.03 3.16
C GLY C 97 1.70 27.12 4.67
N GLN C 98 0.69 26.58 5.34
CA GLN C 98 0.65 26.76 6.78
C GLN C 98 0.03 25.66 7.60
N ILE C 99 0.39 25.62 8.87
CA ILE C 99 0.04 24.57 9.80
C ILE C 99 -1.41 24.60 10.26
N CYS C 100 -2.01 23.43 10.40
CA CYS C 100 -3.34 23.32 10.94
C CYS C 100 -3.45 22.02 11.67
N SER C 101 -4.41 21.87 12.55
CA SER C 101 -4.42 20.76 13.46
C SER C 101 -4.45 19.46 12.74
N THR C 102 -3.78 18.49 13.33
CA THR C 102 -3.61 17.18 12.75
C THR C 102 -4.96 16.51 12.64
N GLY C 103 -5.93 17.05 13.35
CA GLY C 103 -7.25 16.50 13.37
C GLY C 103 -7.75 16.52 11.96
N PHE C 104 -7.31 17.48 11.18
CA PHE C 104 -7.73 17.60 9.81
C PHE C 104 -7.14 16.55 8.90
N CYS C 105 -7.83 16.31 7.81
CA CYS C 105 -7.33 15.61 6.64
C CYS C 105 -7.12 16.65 5.56
N VAL C 106 -5.88 16.78 5.09
CA VAL C 106 -5.57 17.77 4.08
C VAL C 106 -5.76 17.21 2.68
N ILE C 107 -6.60 17.90 1.89
CA ILE C 107 -6.87 17.48 0.53
C ILE C 107 -6.31 18.49 -0.48
N ARG C 108 -5.22 18.11 -1.14
CA ARG C 108 -4.60 18.94 -2.16
C ARG C 108 -4.99 18.42 -3.51
N ALA C 109 -5.90 19.11 -4.18
CA ALA C 109 -6.35 18.66 -5.47
C ALA C 109 -5.29 18.92 -6.52
N ASN C 110 -4.94 17.92 -7.31
CA ASN C 110 -4.04 18.18 -8.42
C ASN C 110 -4.88 18.58 -9.61
N ARG C 111 -4.63 19.79 -10.09
CA ARG C 111 -5.54 20.50 -10.97
C ARG C 111 -5.66 19.83 -12.33
N GLU C 112 -4.77 18.87 -12.58
CA GLU C 112 -4.82 18.03 -13.77
C GLU C 112 -6.18 17.31 -13.80
N PHE C 113 -6.59 16.77 -12.65
CA PHE C 113 -7.87 16.04 -12.53
C PHE C 113 -9.04 16.85 -11.94
N ALA C 114 -8.88 17.31 -10.70
CA ALA C 114 -9.99 17.95 -9.98
C ALA C 114 -9.70 19.39 -9.56
N GLU C 115 -10.69 20.25 -9.74
CA GLU C 115 -10.67 21.60 -9.21
C GLU C 115 -11.04 21.55 -7.73
N PRO C 116 -10.34 22.32 -6.88
CA PRO C 116 -10.48 22.20 -5.43
C PRO C 116 -11.88 22.57 -4.91
N GLU C 117 -12.49 23.61 -5.45
CA GLU C 117 -13.76 24.10 -4.95
C GLU C 117 -14.82 23.01 -5.11
N PHE C 118 -14.75 22.27 -6.22
CA PHE C 118 -15.62 21.13 -6.43
C PHE C 118 -15.45 20.13 -5.29
N LEU C 119 -14.21 19.79 -4.96
CA LEU C 119 -13.94 18.84 -3.88
C LEU C 119 -14.47 19.38 -2.56
N PHE C 120 -14.40 20.69 -2.37
CA PHE C 120 -14.94 21.33 -1.18
C PHE C 120 -16.44 21.06 -1.08
N HIS C 121 -17.15 21.34 -2.17
CA HIS C 121 -18.60 21.15 -2.20
C HIS C 121 -19.01 19.69 -2.15
N LEU C 122 -18.13 18.81 -2.57
CA LEU C 122 -18.34 17.37 -2.47
C LEU C 122 -18.25 16.95 -1.01
N CYS C 123 -17.18 17.36 -0.35
CA CYS C 123 -17.01 17.08 1.07
C CYS C 123 -18.07 17.79 1.91
N ARG C 124 -18.45 18.98 1.50
CA ARG C 124 -19.46 19.76 2.22
C ARG C 124 -20.79 19.00 2.24
N SER C 125 -21.00 18.18 1.21
CA SER C 125 -22.23 17.38 1.08
C SER C 125 -22.24 16.17 2.02
N ASP C 126 -23.43 15.64 2.26
CA ASP C 126 -23.64 14.50 3.14
C ASP C 126 -23.09 13.21 2.49
N PHE C 127 -22.67 13.34 1.23
CA PHE C 127 -22.18 12.22 0.41
C PHE C 127 -21.01 11.46 1.05
N ILE C 128 -19.86 12.13 1.11
CA ILE C 128 -18.64 11.53 1.65
C ILE C 128 -18.78 11.12 3.11
N THR C 129 -19.48 11.93 3.90
CA THR C 129 -19.63 11.62 5.31
C THR C 129 -20.56 10.40 5.49
N ASN C 130 -21.47 10.18 4.54
CA ASN C 130 -22.27 8.96 4.56
C ASN C 130 -21.45 7.76 4.12
N GLN C 131 -20.48 7.98 3.25
CA GLN C 131 -19.50 6.94 2.96
C GLN C 131 -18.78 6.55 4.24
N LEU C 132 -18.45 7.56 5.05
CA LEU C 132 -17.75 7.35 6.31
C LEU C 132 -18.62 6.61 7.33
N THR C 133 -19.92 6.87 7.33
CA THR C 133 -20.82 6.13 8.20
C THR C 133 -20.99 4.69 7.73
N ALA C 134 -21.07 4.49 6.41
CA ALA C 134 -21.26 3.16 5.85
C ALA C 134 -20.11 2.21 6.16
N SER C 135 -18.89 2.70 6.03
CA SER C 135 -17.69 1.94 6.39
C SER C 135 -17.32 2.33 7.81
N LYS C 136 -16.10 1.97 8.20
CA LYS C 136 -15.61 2.21 9.55
C LYS C 136 -16.62 1.41 10.40
N MET C 137 -17.12 1.95 11.48
CA MET C 137 -18.33 1.47 12.10
C MET C 137 -19.57 2.17 11.57
N ARG C 138 -20.67 1.41 11.55
CA ARG C 138 -21.97 1.99 11.31
C ARG C 138 -22.44 2.77 12.55
N GLY C 139 -22.65 2.09 13.67
CA GLY C 139 -23.08 2.79 14.87
C GLY C 139 -22.23 2.46 16.06
N THR C 140 -20.93 2.34 15.84
CA THR C 140 -20.02 1.94 16.90
C THR C 140 -19.88 3.31 17.57
N SER C 141 -19.13 3.37 18.65
CA SER C 141 -19.11 4.58 19.44
C SER C 141 -18.02 5.60 19.36
N TYR C 142 -17.11 5.39 18.42
CA TYR C 142 -15.97 6.28 18.24
C TYR C 142 -16.31 7.45 17.32
N PRO C 143 -15.96 8.68 17.73
CA PRO C 143 -16.25 9.89 16.96
C PRO C 143 -15.39 10.11 15.72
N ALA C 144 -14.24 9.43 15.62
CA ALA C 144 -13.26 9.82 14.61
C ALA C 144 -12.87 8.70 13.64
N VAL C 145 -12.32 9.10 12.50
CA VAL C 145 -11.86 8.19 11.46
C VAL C 145 -10.43 8.55 11.03
N THR C 146 -9.69 7.60 10.47
CA THR C 146 -8.35 7.90 10.00
C THR C 146 -8.40 8.72 8.71
N ASP C 147 -7.31 9.44 8.42
CA ASP C 147 -7.21 10.23 7.21
C ASP C 147 -7.32 9.38 5.95
N ASN C 148 -6.79 8.16 5.99
CA ASN C 148 -6.73 7.32 4.81
C ASN C 148 -8.05 6.65 4.43
N ASP C 149 -9.03 6.60 5.34
CA ASP C 149 -10.37 6.23 4.91
C ASP C 149 -10.88 7.38 4.06
N VAL C 150 -10.65 8.59 4.57
CA VAL C 150 -11.09 9.80 3.88
C VAL C 150 -10.33 9.87 2.56
N TYR C 151 -9.22 9.15 2.46
CA TYR C 151 -8.59 8.91 1.17
C TYR C 151 -9.14 7.67 0.43
N ASN C 152 -9.93 6.81 1.04
CA ASN C 152 -10.45 5.70 0.25
C ASN C 152 -11.89 5.75 -0.17
N THR C 153 -12.63 6.73 0.30
CA THR C 153 -14.05 6.77 0.02
C THR C 153 -14.45 7.20 -1.35
N LEU C 154 -15.23 6.41 -2.05
CA LEU C 154 -15.47 6.68 -3.46
C LEU C 154 -16.08 8.05 -3.69
N ILE C 155 -15.72 8.69 -4.80
CA ILE C 155 -16.33 9.95 -5.26
C ILE C 155 -16.47 9.89 -6.77
N PRO C 156 -17.37 10.65 -7.34
CA PRO C 156 -17.52 10.60 -8.78
C PRO C 156 -16.79 11.77 -9.32
N LEU C 157 -15.90 11.57 -10.26
CA LEU C 157 -15.15 12.69 -10.77
C LEU C 157 -15.18 12.89 -12.27
N PRO C 158 -15.86 13.97 -12.64
CA PRO C 158 -16.15 14.32 -14.02
C PRO C 158 -15.69 14.96 -15.31
N PRO C 159 -14.85 14.20 -16.14
CA PRO C 159 -13.84 14.82 -16.99
C PRO C 159 -13.82 15.27 -18.46
N LEU C 160 -14.25 16.50 -18.75
CA LEU C 160 -13.67 17.52 -17.89
C LEU C 160 -14.61 17.87 -16.80
N GLU C 161 -14.08 18.25 -15.67
CA GLU C 161 -13.00 19.21 -15.69
C GLU C 161 -13.19 20.51 -16.40
N GLU C 162 -14.38 20.78 -16.91
CA GLU C 162 -15.38 21.88 -16.84
C GLU C 162 -16.49 21.72 -15.75
N GLN C 163 -16.95 20.52 -15.63
CA GLN C 163 -18.14 20.36 -14.85
C GLN C 163 -17.67 20.87 -13.54
N ARG C 164 -16.52 20.42 -13.10
CA ARG C 164 -16.08 20.99 -11.87
C ARG C 164 -16.30 22.51 -12.00
N ARG C 165 -16.19 22.99 -13.22
CA ARG C 165 -16.64 24.32 -13.52
C ARG C 165 -18.13 24.43 -13.25
N ILE C 166 -18.90 23.37 -13.43
CA ILE C 166 -20.35 23.48 -13.28
C ILE C 166 -20.63 23.96 -11.91
N VAL C 167 -19.86 23.47 -10.94
CA VAL C 167 -20.11 23.73 -9.54
C VAL C 167 -20.08 25.20 -9.42
N ALA C 168 -19.16 25.74 -10.17
CA ALA C 168 -19.24 27.19 -10.22
C ALA C 168 -20.69 27.60 -10.37
N LYS C 169 -21.44 26.90 -11.20
CA LYS C 169 -22.89 27.18 -11.27
C LYS C 169 -23.66 26.97 -9.96
N VAL C 170 -23.34 25.93 -9.24
CA VAL C 170 -24.01 25.64 -7.99
C VAL C 170 -23.85 26.82 -7.06
N GLU C 171 -22.71 27.50 -7.07
CA GLU C 171 -22.51 28.54 -6.04
C GLU C 171 -23.66 29.58 -6.08
N ALA C 172 -24.14 29.88 -7.27
CA ALA C 172 -25.18 30.83 -7.59
C ALA C 172 -26.40 30.43 -6.80
N LEU C 173 -26.82 29.18 -6.99
CA LEU C 173 -28.01 28.67 -6.33
C LEU C 173 -27.84 28.91 -4.87
N MET C 174 -26.73 28.39 -4.35
CA MET C 174 -26.56 28.31 -2.93
C MET C 174 -26.61 29.71 -2.34
N GLU C 175 -26.05 30.70 -3.05
CA GLU C 175 -25.91 32.00 -2.44
C GLU C 175 -27.32 32.49 -2.19
N ARG C 176 -28.17 32.37 -3.20
CA ARG C 176 -29.54 32.83 -3.10
C ARG C 176 -30.21 32.05 -1.99
N VAL C 177 -30.00 30.74 -1.99
CA VAL C 177 -30.59 29.88 -0.98
C VAL C 177 -30.21 30.35 0.41
N ARG C 178 -28.92 30.59 0.67
CA ARG C 178 -28.55 30.89 2.06
C ARG C 178 -29.20 32.22 2.40
N GLU C 179 -29.25 33.10 1.40
CA GLU C 179 -29.75 34.44 1.65
C GLU C 179 -31.19 34.30 2.12
N VAL C 180 -31.94 33.41 1.48
CA VAL C 180 -33.35 33.20 1.86
C VAL C 180 -33.44 32.86 3.34
N ARG C 181 -32.63 31.92 3.81
CA ARG C 181 -32.82 31.45 5.16
C ARG C 181 -32.41 32.55 6.12
N ARG C 182 -31.46 33.39 5.70
CA ARG C 182 -31.07 34.54 6.52
C ARG C 182 -32.36 35.31 6.82
N LEU C 183 -33.10 35.66 5.77
CA LEU C 183 -34.27 36.49 5.96
C LEU C 183 -35.25 35.74 6.82
N ARG C 184 -35.32 34.43 6.60
CA ARG C 184 -36.33 33.65 7.27
C ARG C 184 -36.05 33.74 8.75
N ALA C 185 -34.77 33.61 9.12
CA ALA C 185 -34.42 33.64 10.53
C ALA C 185 -34.89 34.95 11.12
N GLU C 186 -34.58 36.05 10.43
CA GLU C 186 -34.91 37.36 10.95
C GLU C 186 -36.41 37.43 11.10
N ALA C 187 -37.12 36.95 10.08
CA ALA C 187 -38.56 36.98 10.11
C ALA C 187 -39.04 36.23 11.34
N GLN C 188 -38.55 35.00 11.52
CA GLN C 188 -38.98 34.19 12.64
C GLN C 188 -38.74 34.95 13.93
N LYS C 189 -37.56 35.56 14.06
CA LYS C 189 -37.24 36.23 15.29
C LYS C 189 -38.33 37.26 15.48
N ASP C 190 -38.47 38.13 14.48
CA ASP C 190 -39.38 39.24 14.63
C ASP C 190 -40.81 38.74 14.79
N THR C 191 -41.13 37.59 14.19
CA THR C 191 -42.54 37.24 14.13
C THR C 191 -43.00 36.99 15.57
N GLU C 192 -42.12 36.43 16.41
CA GLU C 192 -42.59 36.08 17.74
C GLU C 192 -42.83 37.37 18.54
N LEU C 193 -42.04 38.40 18.25
CA LEU C 193 -42.19 39.63 19.02
C LEU C 193 -43.57 40.22 18.80
N LEU C 194 -44.22 39.84 17.70
CA LEU C 194 -45.57 40.33 17.43
C LEU C 194 -46.46 40.09 18.62
N MET C 195 -46.42 38.87 19.13
CA MET C 195 -47.34 38.52 20.20
C MET C 195 -47.12 39.49 21.35
N GLN C 196 -45.86 39.68 21.74
CA GLN C 196 -45.59 40.48 22.91
C GLN C 196 -46.02 41.91 22.64
N THR C 197 -45.80 42.38 21.41
CA THR C 197 -46.19 43.74 21.06
C THR C 197 -47.69 43.88 21.24
N ALA C 198 -48.45 42.89 20.78
CA ALA C 198 -49.90 42.97 20.91
C ALA C 198 -50.23 43.09 22.40
N LEU C 199 -49.59 42.24 23.19
CA LEU C 199 -49.83 42.21 24.61
C LEU C 199 -49.45 43.56 25.22
N ALA C 200 -48.39 44.16 24.70
CA ALA C 200 -47.92 45.43 25.22
C ALA C 200 -49.03 46.48 25.18
N GLU C 201 -49.89 46.40 24.17
CA GLU C 201 -50.98 47.37 24.09
C GLU C 201 -52.06 47.08 25.11
N VAL C 202 -52.43 45.81 25.26
CA VAL C 202 -53.60 45.48 26.06
C VAL C 202 -53.33 45.63 27.56
N PHE C 203 -52.13 45.31 27.97
CA PHE C 203 -51.78 45.45 29.37
C PHE C 203 -50.96 46.72 29.58
N PRO C 204 -51.49 47.64 30.39
CA PRO C 204 -50.79 48.88 30.71
C PRO C 204 -49.61 48.66 31.65
N HIS C 205 -48.60 49.51 31.53
CA HIS C 205 -47.47 49.50 32.44
C HIS C 205 -47.96 49.91 33.84
N PRO C 206 -47.27 49.43 34.90
CA PRO C 206 -47.76 49.70 36.25
C PRO C 206 -47.80 51.19 36.59
N GLY C 207 -48.87 51.59 37.25
CA GLY C 207 -49.04 52.96 37.73
C GLY C 207 -49.67 53.92 36.73
N ALA C 208 -49.86 53.48 35.48
CA ALA C 208 -50.63 54.30 34.56
C ALA C 208 -52.09 54.10 34.97
N ASP C 209 -52.95 55.08 34.72
CA ASP C 209 -54.35 54.87 35.04
C ASP C 209 -55.06 54.35 33.79
N LEU C 210 -56.14 53.62 34.02
CA LEU C 210 -56.69 52.65 33.09
C LEU C 210 -58.04 53.08 32.55
N PRO C 211 -58.45 52.54 31.39
CA PRO C 211 -59.77 52.88 30.86
C PRO C 211 -60.87 52.56 31.87
N PRO C 212 -61.96 53.34 31.86
CA PRO C 212 -62.97 53.30 32.91
C PRO C 212 -63.55 51.91 33.17
N GLY C 213 -63.75 51.60 34.45
CA GLY C 213 -64.28 50.32 34.88
C GLY C 213 -63.20 49.34 35.27
N TRP C 214 -61.98 49.58 34.78
CA TRP C 214 -60.83 48.76 35.14
C TRP C 214 -60.30 49.22 36.48
N ARG C 215 -59.64 48.32 37.21
CA ARG C 215 -58.96 48.73 38.44
C ARG C 215 -57.71 47.89 38.66
N TRP C 216 -56.67 48.50 39.24
CA TRP C 216 -55.51 47.71 39.65
C TRP C 216 -55.93 46.84 40.82
N VAL C 217 -55.39 45.64 40.89
CA VAL C 217 -55.73 44.76 41.99
C VAL C 217 -54.56 43.81 42.25
N ARG C 218 -54.38 43.44 43.52
CA ARG C 218 -53.34 42.48 43.87
C ARG C 218 -53.85 41.09 43.50
N LEU C 219 -52.97 40.26 42.97
CA LEU C 219 -53.39 38.96 42.45
C LEU C 219 -54.06 38.17 43.56
N GLY C 220 -53.52 38.29 44.77
CA GLY C 220 -54.06 37.58 45.92
C GLY C 220 -55.51 37.91 46.15
N GLU C 221 -55.92 39.13 45.80
CA GLU C 221 -57.31 39.54 45.96
C GLU C 221 -58.24 38.77 45.03
N VAL C 222 -57.89 38.69 43.75
CA VAL C 222 -58.77 38.05 42.77
C VAL C 222 -58.41 36.61 42.45
N CYS C 223 -57.36 36.12 43.10
CA CYS C 223 -56.84 34.77 42.85
C CYS C 223 -56.41 34.10 44.14
N ASP C 224 -56.66 32.80 44.27
CA ASP C 224 -56.18 32.12 45.48
C ASP C 224 -55.18 31.04 45.11
N ILE C 225 -54.17 30.85 45.95
CA ILE C 225 -52.99 30.13 45.52
C ILE C 225 -52.71 28.85 46.32
N ILE C 226 -52.43 27.78 45.59
CA ILE C 226 -52.06 26.50 46.19
C ILE C 226 -50.62 26.21 45.81
N MET C 227 -49.72 26.33 46.79
CA MET C 227 -48.29 26.35 46.50
C MET C 227 -47.72 25.05 45.95
N GLY C 228 -48.16 23.93 46.50
CA GLY C 228 -47.70 22.64 46.01
C GLY C 228 -46.47 22.12 46.72
N GLN C 229 -46.41 20.80 46.87
CA GLN C 229 -45.31 20.14 47.54
C GLN C 229 -45.09 18.76 46.95
N SER C 230 -43.86 18.26 47.03
CA SER C 230 -43.51 16.98 46.44
C SER C 230 -43.64 15.87 47.47
N PRO C 231 -44.37 14.79 47.11
CA PRO C 231 -44.65 13.67 48.01
C PRO C 231 -43.45 12.75 48.18
N PRO C 232 -43.56 11.73 49.06
CA PRO C 232 -42.50 10.73 49.10
C PRO C 232 -42.52 9.86 47.85
N SER C 233 -41.38 9.26 47.50
CA SER C 233 -41.21 8.67 46.18
C SER C 233 -41.97 7.36 46.00
N SER C 234 -42.47 6.79 47.10
CA SER C 234 -43.25 5.56 47.03
C SER C 234 -44.57 5.76 46.31
N THR C 235 -45.12 6.96 46.45
CA THR C 235 -46.40 7.31 45.84
C THR C 235 -46.39 7.22 44.33
N TYR C 236 -45.23 7.50 43.73
CA TYR C 236 -45.10 7.52 42.28
C TYR C 236 -45.41 6.15 41.67
N ASN C 237 -46.24 6.13 40.64
CA ASN C 237 -46.62 4.87 39.98
C ASN C 237 -46.98 5.07 38.53
N PHE C 238 -46.72 4.06 37.70
CA PHE C 238 -47.13 4.09 36.30
C PHE C 238 -48.44 3.34 36.04
N GLU C 239 -49.04 2.81 37.11
CA GLU C 239 -50.27 2.02 36.99
C GLU C 239 -51.52 2.89 37.08
N GLY C 240 -51.33 4.20 37.10
CA GLY C 240 -52.45 5.12 37.05
C GLY C 240 -53.27 5.11 38.31
N ASN C 241 -52.60 5.29 39.44
CA ASN C 241 -53.28 5.33 40.73
C ASN C 241 -53.17 6.72 41.33
N GLY C 242 -54.28 7.23 41.86
CA GLY C 242 -54.34 8.61 42.31
C GLY C 242 -54.43 9.58 41.15
N LEU C 243 -53.59 10.61 41.17
CA LEU C 243 -53.61 11.65 40.14
C LEU C 243 -52.25 11.79 39.48
N PRO C 244 -52.23 12.32 38.24
CA PRO C 244 -50.97 12.62 37.57
C PRO C 244 -50.13 13.61 38.37
N PHE C 245 -48.82 13.55 38.22
CA PHE C 245 -47.93 14.40 39.00
C PHE C 245 -47.04 15.26 38.12
N PHE C 246 -47.06 16.57 38.37
CA PHE C 246 -46.22 17.50 37.64
C PHE C 246 -45.32 18.26 38.58
N GLN C 247 -44.02 18.03 38.47
CA GLN C 247 -43.07 18.63 39.38
C GLN C 247 -42.70 20.06 38.96
N GLY C 248 -42.56 20.29 37.66
CA GLY C 248 -42.08 21.58 37.17
C GLY C 248 -42.32 21.82 35.69
N LYS C 249 -41.63 22.81 35.12
CA LYS C 249 -41.82 23.16 33.72
C LYS C 249 -41.54 21.98 32.78
N ALA C 250 -40.62 21.10 33.17
CA ALA C 250 -40.22 19.99 32.32
C ALA C 250 -41.42 19.13 31.92
N ASP C 251 -42.43 19.10 32.78
CA ASP C 251 -43.67 18.36 32.51
C ASP C 251 -44.65 19.12 31.59
N PHE C 252 -44.41 20.41 31.36
CA PHE C 252 -45.31 21.23 30.57
C PHE C 252 -45.37 20.86 29.09
N GLY C 253 -46.56 20.94 28.52
CA GLY C 253 -46.75 20.92 27.08
C GLY C 253 -46.72 22.37 26.60
N ASP C 254 -47.20 22.64 25.40
CA ASP C 254 -47.19 24.00 24.89
C ASP C 254 -48.39 24.77 25.45
N LEU C 255 -49.42 24.01 25.79
CA LEU C 255 -50.64 24.54 26.41
C LEU C 255 -51.00 23.77 27.66
N HIS C 256 -51.13 22.45 27.51
CA HIS C 256 -51.46 21.53 28.59
C HIS C 256 -50.33 20.55 28.88
N PRO C 257 -50.12 20.22 30.16
CA PRO C 257 -49.05 19.30 30.57
C PRO C 257 -49.39 17.84 30.25
N THR C 258 -48.42 17.12 29.68
CA THR C 258 -48.61 15.70 29.38
C THR C 258 -48.30 14.83 30.60
N PRO C 259 -49.33 14.18 31.16
CA PRO C 259 -49.02 13.33 32.32
C PRO C 259 -48.26 12.07 31.94
N ARG C 260 -47.07 11.87 32.52
CA ARG C 260 -46.38 10.60 32.37
C ARG C 260 -46.30 9.75 33.64
N ILE C 261 -46.76 10.29 34.77
CA ILE C 261 -46.58 9.59 36.04
C ILE C 261 -47.67 9.98 37.05
N TRP C 262 -47.97 9.08 37.98
CA TRP C 262 -49.09 9.27 38.89
C TRP C 262 -48.66 9.24 40.35
N CYS C 263 -49.48 9.82 41.22
CA CYS C 263 -49.21 9.82 42.65
C CYS C 263 -50.36 9.17 43.42
N SER C 264 -50.09 8.06 44.09
CA SER C 264 -51.14 7.26 44.71
C SER C 264 -51.77 7.97 45.90
N ALA C 265 -50.98 8.81 46.58
CA ALA C 265 -51.51 9.63 47.65
C ALA C 265 -51.14 11.09 47.42
N PRO C 266 -51.97 11.80 46.65
CA PRO C 266 -51.71 13.22 46.35
C PRO C 266 -51.83 14.11 47.58
N GLN C 267 -51.03 15.16 47.62
CA GLN C 267 -51.08 16.13 48.71
C GLN C 267 -51.74 17.41 48.27
N LYS C 268 -51.14 18.09 47.31
CA LYS C 268 -51.72 19.32 46.81
C LYS C 268 -52.18 19.16 45.36
N VAL C 269 -53.48 19.31 45.14
CA VAL C 269 -54.11 18.99 43.86
C VAL C 269 -54.51 20.23 43.08
N ALA C 270 -54.41 20.11 41.76
CA ALA C 270 -54.86 21.16 40.86
C ALA C 270 -56.02 20.67 40.02
N ARG C 271 -57.19 21.25 40.22
CA ARG C 271 -58.39 20.89 39.52
C ARG C 271 -58.32 21.48 38.14
N PRO C 272 -59.16 21.03 37.22
CA PRO C 272 -59.01 21.56 35.87
C PRO C 272 -59.36 23.01 35.87
N GLY C 273 -58.72 23.78 35.01
CA GLY C 273 -59.03 25.18 34.88
C GLY C 273 -58.27 26.00 35.88
N ASP C 274 -57.49 25.33 36.72
CA ASP C 274 -56.57 26.00 37.58
C ASP C 274 -55.54 26.45 36.59
N VAL C 275 -54.75 27.45 36.91
CA VAL C 275 -53.68 27.86 36.04
C VAL C 275 -52.41 27.53 36.74
N LEU C 276 -51.51 26.90 36.04
CA LEU C 276 -50.31 26.41 36.65
C LEU C 276 -49.21 27.34 36.29
N ILE C 277 -48.49 27.81 37.28
CA ILE C 277 -47.34 28.61 37.01
C ILE C 277 -46.18 27.92 37.62
N SER C 278 -45.07 27.78 36.91
CA SER C 278 -43.85 27.28 37.52
C SER C 278 -43.31 28.25 38.56
N VAL C 279 -42.84 27.76 39.69
CA VAL C 279 -42.31 28.64 40.72
C VAL C 279 -40.81 28.59 40.97
N ARG C 280 -40.07 27.87 40.15
CA ARG C 280 -38.62 27.77 40.33
C ARG C 280 -37.96 27.73 38.96
N ALA C 281 -36.65 27.97 38.89
CA ALA C 281 -36.04 28.20 37.60
C ALA C 281 -36.30 27.01 36.70
N PRO C 282 -36.78 27.19 35.37
CA PRO C 282 -37.05 28.59 34.97
C PRO C 282 -38.36 28.99 35.56
N VAL C 283 -38.38 30.13 36.23
CA VAL C 283 -39.60 30.56 36.85
C VAL C 283 -40.50 31.31 35.89
N GLY C 284 -41.78 31.30 36.18
CA GLY C 284 -42.74 32.11 35.47
C GLY C 284 -43.40 31.48 34.27
N SER C 285 -42.95 30.31 33.88
CA SER C 285 -43.57 29.64 32.76
C SER C 285 -44.95 29.24 33.19
N THR C 286 -45.90 29.26 32.29
CA THR C 286 -47.26 28.96 32.61
C THR C 286 -47.77 27.92 31.67
N ASN C 287 -48.72 27.16 32.15
CA ASN C 287 -49.34 26.16 31.34
C ASN C 287 -50.65 26.01 32.07
N VAL C 288 -51.67 25.46 31.43
CA VAL C 288 -52.98 25.40 32.04
C VAL C 288 -53.25 23.97 32.34
N ALA C 289 -54.09 23.71 33.34
CA ALA C 289 -54.32 22.35 33.74
C ALA C 289 -55.59 21.82 33.15
N ASN C 290 -55.48 20.76 32.38
CA ASN C 290 -56.65 20.19 31.68
C ASN C 290 -57.28 18.99 32.40
N LEU C 291 -56.69 18.56 33.51
CA LEU C 291 -57.16 17.37 34.19
C LEU C 291 -56.74 17.48 35.66
N ALA C 292 -57.49 16.84 36.56
CA ALA C 292 -57.11 16.86 37.97
C ALA C 292 -55.77 16.16 38.17
N CYS C 293 -54.86 16.84 38.87
CA CYS C 293 -53.50 16.36 39.02
C CYS C 293 -52.86 16.86 40.31
N CYS C 294 -51.75 16.24 40.69
CA CYS C 294 -51.04 16.63 41.89
C CYS C 294 -49.80 17.44 41.48
N ILE C 295 -49.48 18.49 42.25
CA ILE C 295 -48.38 19.38 41.88
C ILE C 295 -47.22 19.32 42.87
N GLY C 296 -46.01 19.36 42.34
CA GLY C 296 -44.81 19.33 43.15
C GLY C 296 -44.47 20.71 43.67
N ARG C 297 -43.32 20.85 44.31
CA ARG C 297 -42.91 22.13 44.85
C ARG C 297 -42.42 23.05 43.74
N GLY C 298 -41.97 22.43 42.64
CA GLY C 298 -41.50 23.16 41.49
C GLY C 298 -42.59 23.97 40.81
N LEU C 299 -43.83 23.59 41.09
CA LEU C 299 -45.00 24.26 40.55
C LEU C 299 -45.76 24.95 41.65
N ALA C 300 -46.49 25.99 41.28
CA ALA C 300 -47.53 26.56 42.10
C ALA C 300 -48.79 26.57 41.24
N ALA C 301 -49.94 26.40 41.84
CA ALA C 301 -51.15 26.43 41.03
C ALA C 301 -51.96 27.66 41.33
N LEU C 302 -52.35 28.38 40.29
CA LEU C 302 -53.16 29.56 40.46
C LEU C 302 -54.57 29.27 40.07
N ARG C 303 -55.48 29.57 40.96
CA ARG C 303 -56.89 29.39 40.72
C ARG C 303 -57.71 30.62 40.85
N PRO C 304 -58.37 31.00 39.68
CA PRO C 304 -58.79 32.38 39.60
C PRO C 304 -60.18 32.53 40.13
N ARG C 305 -60.36 33.54 40.96
CA ARG C 305 -61.63 33.87 41.55
C ARG C 305 -62.47 34.46 40.44
N ASP C 306 -63.76 34.54 40.64
CA ASP C 306 -64.62 35.19 39.67
C ASP C 306 -64.17 36.60 39.65
N SER C 307 -64.41 37.27 38.55
CA SER C 307 -63.89 38.60 38.24
C SER C 307 -62.54 38.46 37.60
N LEU C 308 -62.06 37.24 37.44
CA LEU C 308 -60.81 37.03 36.76
C LEU C 308 -60.94 35.95 35.72
N GLU C 309 -60.46 36.21 34.51
CA GLU C 309 -60.54 35.16 33.53
C GLU C 309 -59.23 34.38 33.51
N ARG C 310 -59.32 33.05 33.49
CA ARG C 310 -58.12 32.24 33.54
C ARG C 310 -57.22 32.60 32.37
N PHE C 311 -57.82 32.92 31.23
CA PHE C 311 -57.06 33.36 30.07
C PHE C 311 -56.61 34.81 30.16
N TRP C 312 -57.38 35.65 30.86
CA TRP C 312 -56.90 37.01 31.11
C TRP C 312 -55.62 36.95 31.96
N LEU C 313 -55.67 36.18 33.05
CA LEU C 313 -54.50 36.01 33.90
C LEU C 313 -53.39 35.34 33.12
N LEU C 314 -53.74 34.39 32.28
CA LEU C 314 -52.76 33.62 31.54
C LEU C 314 -51.98 34.51 30.57
N TYR C 315 -52.71 35.28 29.77
CA TYR C 315 -52.09 36.21 28.84
C TYR C 315 -51.28 37.26 29.59
N TYR C 316 -51.80 37.72 30.72
CA TYR C 316 -51.05 38.64 31.56
C TYR C 316 -49.70 38.07 31.97
N LEU C 317 -49.71 36.85 32.50
CA LEU C 317 -48.49 36.18 32.96
C LEU C 317 -47.52 35.93 31.81
N HIS C 318 -48.08 35.65 30.64
CA HIS C 318 -47.29 35.52 29.43
C HIS C 318 -46.60 36.84 29.12
N TYR C 319 -47.31 37.95 29.31
CA TYR C 319 -46.75 39.28 29.12
C TYR C 319 -45.64 39.53 30.13
N LEU C 320 -45.87 39.12 31.37
CA LEU C 320 -44.96 39.44 32.46
C LEU C 320 -43.74 38.53 32.49
N GLU C 321 -43.81 37.43 31.74
CA GLU C 321 -42.84 36.34 31.85
C GLU C 321 -41.36 36.74 31.77
N PRO C 322 -40.98 37.68 30.87
CA PRO C 322 -39.54 37.91 30.76
C PRO C 322 -38.83 38.38 32.04
N GLU C 323 -39.35 39.40 32.74
CA GLU C 323 -38.75 39.69 34.05
C GLU C 323 -39.66 39.25 35.22
N LEU C 324 -40.75 38.54 34.94
CA LEU C 324 -41.34 37.68 35.96
C LEU C 324 -40.31 36.60 36.27
N SER C 325 -39.47 36.33 35.28
CA SER C 325 -38.34 35.45 35.50
C SER C 325 -37.18 36.30 35.98
N LYS C 326 -36.86 36.17 37.25
CA LYS C 326 -35.69 36.82 37.83
C LYS C 326 -34.47 36.01 37.43
N MET C 327 -33.36 36.70 37.16
CA MET C 327 -32.12 36.02 36.68
C MET C 327 -32.31 35.10 35.42
N THR C 332 -30.44 33.09 46.77
CA THR C 332 -29.93 33.56 45.48
C THR C 332 -30.56 32.79 44.32
N PHE C 333 -30.73 31.48 44.47
CA PHE C 333 -31.34 30.70 43.40
C PHE C 333 -32.82 31.00 43.32
N ASN C 334 -33.38 30.91 42.12
CA ASN C 334 -34.65 31.50 41.83
C ASN C 334 -35.80 30.67 42.36
N ALA C 335 -36.58 31.29 43.24
CA ALA C 335 -37.80 30.71 43.74
C ALA C 335 -38.80 31.83 43.96
N ILE C 336 -40.08 31.50 43.88
CA ILE C 336 -41.11 32.50 44.06
C ILE C 336 -42.03 31.96 45.15
N THR C 337 -42.67 32.84 45.90
CA THR C 337 -43.42 32.41 47.07
C THR C 337 -44.86 32.85 46.95
N LYS C 338 -45.73 32.26 47.79
CA LYS C 338 -47.15 32.56 47.78
C LYS C 338 -47.35 34.06 47.93
N LYS C 339 -46.58 34.68 48.82
CA LYS C 339 -46.75 36.11 49.06
C LYS C 339 -46.27 36.87 47.83
N ASP C 340 -45.23 36.34 47.18
CA ASP C 340 -44.68 36.98 45.99
C ASP C 340 -45.74 37.03 44.90
N LEU C 341 -46.41 35.91 44.69
CA LEU C 341 -47.46 35.80 43.68
C LEU C 341 -48.70 36.62 44.03
N GLN C 342 -49.10 36.59 45.30
CA GLN C 342 -50.26 37.34 45.76
C GLN C 342 -50.05 38.85 45.60
N ASN C 343 -48.83 39.33 45.77
CA ASN C 343 -48.59 40.77 45.69
C ASN C 343 -48.15 41.28 44.32
N VAL C 344 -48.12 40.44 43.29
CA VAL C 344 -47.97 40.96 41.93
C VAL C 344 -49.25 41.70 41.54
N PHE C 345 -49.11 42.76 40.75
CA PHE C 345 -50.26 43.60 40.42
C PHE C 345 -50.85 43.25 39.06
N ILE C 346 -52.17 43.20 38.99
CA ILE C 346 -52.84 42.88 37.73
C ILE C 346 -53.96 43.88 37.43
N PRO C 347 -54.08 44.30 36.16
CA PRO C 347 -55.23 45.10 35.69
C PRO C 347 -56.51 44.27 35.63
N LEU C 348 -57.60 44.82 36.14
CA LEU C 348 -58.86 44.11 36.19
C LEU C 348 -59.99 44.92 35.57
N PRO C 349 -60.21 44.72 34.27
CA PRO C 349 -61.41 45.15 33.55
C PRO C 349 -62.60 44.27 33.90
N PRO C 350 -63.81 44.69 33.56
CA PRO C 350 -64.98 43.83 33.74
C PRO C 350 -64.80 42.46 33.08
N LEU C 351 -65.45 41.46 33.64
CA LEU C 351 -65.29 40.08 33.18
C LEU C 351 -65.60 39.92 31.68
N GLU C 352 -66.65 40.56 31.20
CA GLU C 352 -67.07 40.41 29.81
C GLU C 352 -66.04 41.04 28.87
N GLU C 353 -65.50 42.20 29.25
CA GLU C 353 -64.49 42.85 28.43
C GLU C 353 -63.22 42.01 28.42
N GLN C 354 -62.92 41.41 29.57
CA GLN C 354 -61.82 40.47 29.67
C GLN C 354 -61.98 39.38 28.63
N ARG C 355 -63.15 38.76 28.58
CA ARG C 355 -63.39 37.67 27.63
C ARG C 355 -63.37 38.15 26.18
N ARG C 356 -63.73 39.42 25.96
CA ARG C 356 -63.67 40.00 24.62
C ARG C 356 -62.22 40.07 24.13
N ILE C 357 -61.39 40.74 24.94
CA ILE C 357 -59.98 40.87 24.64
C ILE C 357 -59.30 39.50 24.55
N VAL C 358 -59.76 38.57 25.37
CA VAL C 358 -59.27 37.20 25.34
C VAL C 358 -59.56 36.58 23.98
N ALA C 359 -60.77 36.79 23.47
CA ALA C 359 -61.13 36.27 22.15
C ALA C 359 -60.22 36.85 21.06
N TYR C 360 -60.06 38.16 21.11
CA TYR C 360 -59.24 38.88 20.13
C TYR C 360 -57.79 38.36 20.12
N LEU C 361 -57.19 38.31 21.31
CA LEU C 361 -55.84 37.81 21.47
C LEU C 361 -55.75 36.34 21.06
N ASP C 362 -56.85 35.61 21.23
CA ASP C 362 -56.91 34.21 20.85
C ASP C 362 -56.75 34.07 19.35
N GLN C 363 -57.44 34.91 18.58
CA GLN C 363 -57.30 34.76 17.12
C GLN C 363 -55.97 35.33 16.60
N ILE C 364 -55.46 36.36 17.26
CA ILE C 364 -54.10 36.79 16.96
C ILE C 364 -53.13 35.61 17.17
N GLN C 365 -53.30 34.90 18.27
CA GLN C 365 -52.37 33.84 18.65
C GLN C 365 -52.48 32.65 17.72
N GLN C 366 -53.70 32.30 17.31
CA GLN C 366 -53.86 31.19 16.38
C GLN C 366 -53.22 31.56 15.03
N GLN C 367 -53.34 32.83 14.66
CA GLN C 367 -52.76 33.27 13.40
C GLN C 367 -51.23 33.24 13.44
N VAL C 368 -50.63 33.76 14.50
CA VAL C 368 -49.18 33.75 14.58
C VAL C 368 -48.63 32.36 14.79
N ALA C 369 -49.43 31.46 15.36
CA ALA C 369 -49.01 30.07 15.52
C ALA C 369 -48.94 29.43 14.14
N ALA C 370 -50.04 29.54 13.39
CA ALA C 370 -50.07 29.03 12.03
C ALA C 370 -48.90 29.59 11.23
N LEU C 371 -48.64 30.87 11.42
CA LEU C 371 -47.53 31.57 10.78
C LEU C 371 -46.19 30.90 11.12
N LYS C 372 -45.92 30.82 12.42
CA LYS C 372 -44.73 30.17 12.98
C LYS C 372 -44.48 28.84 12.29
N ARG C 373 -45.46 27.94 12.43
CA ARG C 373 -45.35 26.62 11.89
C ARG C 373 -45.06 26.65 10.39
N ALA C 374 -45.74 27.53 9.66
CA ALA C 374 -45.52 27.66 8.23
C ALA C 374 -44.05 27.96 7.91
N GLN C 375 -43.52 29.04 8.47
CA GLN C 375 -42.14 29.43 8.15
C GLN C 375 -41.12 28.42 8.66
N ALA C 376 -41.46 27.73 9.74
CA ALA C 376 -40.64 26.63 10.24
C ALA C 376 -40.52 25.52 9.18
N GLU C 377 -41.67 25.14 8.63
CA GLU C 377 -41.69 24.14 7.57
C GLU C 377 -40.91 24.62 6.33
N THR C 378 -41.03 25.90 5.99
CA THR C 378 -40.29 26.44 4.85
C THR C 378 -38.79 26.31 5.09
N GLU C 379 -38.37 26.66 6.30
CA GLU C 379 -36.96 26.54 6.71
C GLU C 379 -36.44 25.10 6.53
N ALA C 380 -37.20 24.17 7.09
CA ALA C 380 -36.84 22.76 6.99
C ALA C 380 -36.68 22.33 5.54
N GLU C 381 -37.65 22.71 4.71
CA GLU C 381 -37.61 22.32 3.31
C GLU C 381 -36.57 23.12 2.53
N LEU C 382 -36.01 24.16 3.15
CA LEU C 382 -34.88 24.86 2.55
C LEU C 382 -33.63 24.03 2.77
N LYS C 383 -33.51 23.46 3.97
CA LYS C 383 -32.43 22.50 4.23
C LYS C 383 -32.51 21.35 3.23
N ARG C 384 -33.70 20.78 3.12
CA ARG C 384 -33.93 19.69 2.17
C ARG C 384 -33.66 20.12 0.73
N LEU C 385 -33.99 21.36 0.40
CA LEU C 385 -33.72 21.90 -0.92
C LEU C 385 -32.23 21.92 -1.19
N GLU C 386 -31.45 22.31 -0.20
CA GLU C 386 -29.99 22.31 -0.32
C GLU C 386 -29.49 20.90 -0.61
N GLN C 387 -29.89 19.95 0.22
CA GLN C 387 -29.44 18.57 0.02
C GLN C 387 -29.86 18.06 -1.36
N ALA C 388 -31.01 18.52 -1.84
CA ALA C 388 -31.48 18.18 -3.18
C ALA C 388 -30.58 18.81 -4.25
N ILE C 389 -30.12 20.03 -4.00
CA ILE C 389 -29.24 20.73 -4.91
C ILE C 389 -27.96 19.93 -5.10
N LEU C 390 -27.36 19.51 -4.00
CA LEU C 390 -26.11 18.75 -4.08
C LEU C 390 -26.31 17.37 -4.67
N ASP C 391 -27.37 16.66 -4.26
CA ASP C 391 -27.62 15.32 -4.78
C ASP C 391 -27.86 15.34 -6.28
N LYS C 392 -28.64 16.31 -6.74
CA LYS C 392 -28.89 16.48 -8.17
C LYS C 392 -27.63 16.95 -8.90
N ALA C 393 -26.78 17.70 -8.20
CA ALA C 393 -25.58 18.28 -8.81
C ALA C 393 -24.51 17.26 -9.16
N PHE C 394 -24.37 16.24 -8.32
CA PHE C 394 -23.25 15.29 -8.44
C PHE C 394 -23.62 14.14 -9.36
N ARG C 395 -24.75 14.33 -10.02
CA ARG C 395 -25.19 13.54 -11.15
C ARG C 395 -25.47 14.56 -12.23
N GLY C 396 -25.57 14.15 -13.48
CA GLY C 396 -25.52 15.12 -14.56
C GLY C 396 -26.71 16.06 -14.67
N ASP C 397 -27.56 16.03 -13.65
CA ASP C 397 -28.87 16.72 -13.65
C ASP C 397 -28.87 18.16 -13.16
N LEU C 398 -27.69 18.74 -12.93
CA LEU C 398 -27.56 20.18 -12.64
C LEU C 398 -27.90 20.49 -11.19
N PRO D 4 50.34 5.27 -47.46
CA PRO D 4 50.98 4.37 -48.40
C PRO D 4 49.94 3.44 -49.01
N GLN D 5 49.87 2.21 -48.55
CA GLN D 5 48.76 1.34 -48.86
C GLN D 5 48.41 1.09 -50.32
N THR D 6 49.40 0.71 -51.11
CA THR D 6 49.12 0.40 -52.50
C THR D 6 48.61 -1.01 -52.48
N ARG D 7 47.51 -1.20 -51.79
CA ARG D 7 47.08 -2.53 -51.48
C ARG D 7 46.82 -3.27 -52.77
N GLU D 8 46.11 -2.64 -53.69
CA GLU D 8 45.38 -3.44 -54.63
C GLU D 8 46.27 -4.31 -55.47
N SER D 9 47.31 -3.74 -56.06
CA SER D 9 48.07 -4.51 -57.01
C SER D 9 48.75 -5.62 -56.26
N LEU D 10 49.46 -5.23 -55.22
CA LEU D 10 50.21 -6.13 -54.36
C LEU D 10 49.46 -7.01 -53.42
N ALA D 11 48.45 -6.44 -52.77
CA ALA D 11 47.79 -7.15 -51.71
C ALA D 11 47.16 -8.35 -52.32
N ASN D 12 46.65 -8.17 -53.52
CA ASN D 12 45.90 -9.24 -54.12
C ASN D 12 46.79 -10.42 -54.30
N GLU D 13 48.02 -10.18 -54.72
CA GLU D 13 48.89 -11.28 -55.03
C GLU D 13 49.13 -12.09 -53.79
N ILE D 14 49.41 -11.41 -52.69
CA ILE D 14 49.70 -12.12 -51.48
C ILE D 14 48.54 -13.01 -51.18
N TRP D 15 47.36 -12.49 -51.37
CA TRP D 15 46.17 -13.33 -51.20
C TRP D 15 46.20 -14.51 -52.18
N ARG D 16 46.71 -14.27 -53.38
CA ARG D 16 46.84 -15.32 -54.37
C ARG D 16 47.77 -16.40 -53.86
N ALA D 17 48.86 -15.98 -53.24
CA ALA D 17 49.85 -16.89 -52.68
C ALA D 17 49.20 -17.74 -51.61
N CYS D 18 48.37 -17.11 -50.79
CA CYS D 18 47.61 -17.87 -49.80
C CYS D 18 46.74 -18.92 -50.47
N ASP D 19 46.13 -18.62 -51.61
CA ASP D 19 45.29 -19.64 -52.24
C ASP D 19 46.12 -20.73 -52.93
N ILE D 20 47.34 -20.36 -53.33
CA ILE D 20 48.33 -21.33 -53.81
C ILE D 20 48.68 -22.33 -52.72
N MET D 21 48.85 -21.84 -51.50
CA MET D 21 49.12 -22.75 -50.41
C MET D 21 47.89 -23.55 -50.05
N ARG D 22 46.71 -22.96 -50.24
CA ARG D 22 45.48 -23.69 -49.96
C ARG D 22 45.44 -24.92 -50.87
N ARG D 23 45.82 -24.74 -52.13
CA ARG D 23 45.89 -25.85 -53.08
C ARG D 23 46.91 -26.91 -52.68
N ASP D 24 48.03 -26.47 -52.10
CA ASP D 24 49.12 -27.37 -51.76
C ASP D 24 48.75 -28.33 -50.62
N ASN D 25 49.31 -29.53 -50.67
CA ASN D 25 49.04 -30.58 -49.70
C ASN D 25 49.61 -30.34 -48.29
N ASN D 26 50.85 -29.87 -48.21
CA ASN D 26 51.51 -29.81 -46.91
C ASN D 26 51.10 -28.55 -46.14
N CYS D 27 50.48 -27.59 -46.84
CA CYS D 27 49.86 -26.51 -46.10
C CYS D 27 48.41 -26.94 -45.87
N THR D 28 48.15 -27.34 -44.63
CA THR D 28 46.87 -27.89 -44.25
C THR D 28 45.85 -26.79 -44.02
N GLY D 29 46.30 -25.74 -43.38
CA GLY D 29 45.43 -24.68 -42.92
C GLY D 29 46.16 -23.35 -42.89
N ILE D 30 45.42 -22.31 -42.55
CA ILE D 30 45.91 -20.95 -42.53
C ILE D 30 47.19 -20.78 -41.70
N MET D 31 47.32 -21.60 -40.64
CA MET D 31 48.52 -21.69 -39.84
C MET D 31 49.77 -21.87 -40.72
N GLU D 32 49.73 -22.92 -41.55
CA GLU D 32 50.85 -23.26 -42.41
C GLU D 32 51.12 -22.18 -43.45
N TYR D 33 50.04 -21.54 -43.93
CA TYR D 33 50.17 -20.43 -44.86
C TYR D 33 51.04 -19.36 -44.23
N VAL D 34 50.63 -18.93 -43.03
CA VAL D 34 51.25 -17.78 -42.42
C VAL D 34 52.69 -18.08 -42.04
N GLU D 35 53.01 -19.31 -41.58
CA GLU D 35 54.42 -19.58 -41.25
C GLU D 35 55.31 -19.72 -42.49
N HIS D 36 54.78 -20.31 -43.56
CA HIS D 36 55.52 -20.41 -44.82
C HIS D 36 55.90 -19.01 -45.35
N LEU D 37 54.88 -18.16 -45.40
CA LEU D 37 55.02 -16.77 -45.79
C LEU D 37 56.03 -16.09 -44.86
N ALA D 38 55.96 -16.44 -43.59
CA ALA D 38 56.82 -15.83 -42.58
C ALA D 38 58.29 -16.12 -42.85
N TRP D 39 58.64 -17.38 -43.10
CA TRP D 39 60.05 -17.69 -43.29
C TRP D 39 60.59 -17.13 -44.61
N LEU D 40 59.79 -17.17 -45.68
CA LEU D 40 60.26 -16.49 -46.90
C LEU D 40 60.51 -14.98 -46.66
N LEU D 41 59.50 -14.32 -46.08
CA LEU D 41 59.59 -12.87 -45.84
C LEU D 41 60.79 -12.54 -44.96
N PHE D 42 61.03 -13.38 -43.95
CA PHE D 42 62.14 -13.15 -43.05
C PHE D 42 63.45 -13.22 -43.79
N LEU D 43 63.63 -14.24 -44.65
CA LEU D 43 64.89 -14.31 -45.39
C LEU D 43 65.09 -13.06 -46.24
N ARG D 44 64.05 -12.64 -46.94
CA ARG D 44 64.15 -11.45 -47.77
C ARG D 44 64.55 -10.22 -46.93
N PHE D 45 63.96 -10.13 -45.75
CA PHE D 45 64.25 -9.06 -44.81
C PHE D 45 65.72 -9.03 -44.41
N LEU D 46 66.23 -10.21 -44.06
CA LEU D 46 67.62 -10.36 -43.62
C LEU D 46 68.55 -9.87 -44.73
N ASP D 47 68.24 -10.28 -45.96
CA ASP D 47 69.05 -9.88 -47.11
C ASP D 47 69.05 -8.36 -47.30
N ALA D 48 67.87 -7.75 -47.17
CA ALA D 48 67.76 -6.30 -47.29
C ALA D 48 68.61 -5.57 -46.24
N GLN D 49 68.48 -6.00 -44.99
CA GLN D 49 69.24 -5.39 -43.90
C GLN D 49 70.73 -5.50 -44.13
N GLU D 50 71.18 -6.68 -44.56
CA GLU D 50 72.59 -6.86 -44.90
C GLU D 50 73.04 -5.98 -46.05
N GLU D 51 72.14 -5.67 -46.99
CA GLU D 51 72.50 -4.77 -48.08
C GLU D 51 72.74 -3.36 -47.54
N GLU D 52 71.86 -2.94 -46.62
CA GLU D 52 72.11 -1.69 -45.92
C GLU D 52 73.49 -1.74 -45.25
N TRP D 53 73.82 -2.91 -44.72
CA TRP D 53 75.11 -3.10 -44.07
C TRP D 53 76.28 -3.26 -45.06
N GLU D 54 75.98 -3.40 -46.36
CA GLU D 54 77.04 -3.32 -47.36
C GLU D 54 77.34 -1.83 -47.43
N ALA D 55 76.26 -1.04 -47.39
CA ALA D 55 76.39 0.41 -47.41
C ALA D 55 77.20 0.90 -46.21
N GLN D 56 77.03 0.25 -45.04
CA GLN D 56 77.83 0.65 -43.89
C GLN D 56 79.19 -0.07 -43.83
N ALA D 57 79.35 -1.09 -44.67
CA ALA D 57 80.63 -1.75 -44.84
C ALA D 57 81.58 -0.85 -45.61
N GLN D 58 81.00 -0.08 -46.53
CA GLN D 58 81.74 0.91 -47.30
C GLN D 58 82.67 1.81 -46.47
N ILE D 59 82.16 2.32 -45.35
CA ILE D 59 82.94 3.19 -44.45
C ILE D 59 84.20 2.56 -43.86
N PRO D 66 78.92 -10.14 -43.97
CA PRO D 66 79.09 -11.57 -44.24
C PRO D 66 78.18 -12.41 -43.35
N ILE D 67 76.91 -12.09 -43.32
CA ILE D 67 75.96 -12.85 -42.52
C ILE D 67 75.79 -14.26 -43.02
N ILE D 68 75.70 -14.41 -44.32
CA ILE D 68 75.46 -15.69 -44.94
C ILE D 68 76.23 -15.80 -46.23
N ASP D 69 76.49 -17.02 -46.67
CA ASP D 69 77.31 -17.21 -47.83
C ASP D 69 76.58 -16.56 -48.98
N SER D 70 77.32 -16.06 -49.96
CA SER D 70 76.70 -15.35 -51.06
C SER D 70 75.76 -16.29 -51.76
N GLU D 71 76.13 -17.56 -51.81
CA GLU D 71 75.32 -18.54 -52.49
C GLU D 71 73.96 -18.59 -51.83
N TYR D 72 73.93 -18.43 -50.52
CA TYR D 72 72.69 -18.64 -49.79
C TYR D 72 71.94 -17.38 -49.41
N ARG D 73 72.32 -16.25 -49.97
CA ARG D 73 71.55 -15.01 -49.80
C ARG D 73 70.31 -15.08 -50.66
N TRP D 74 69.28 -14.35 -50.25
CA TRP D 74 67.99 -14.43 -50.92
C TRP D 74 68.14 -14.02 -52.38
N ARG D 75 69.01 -13.04 -52.63
CA ARG D 75 69.26 -12.50 -53.96
C ARG D 75 69.47 -13.62 -54.98
N HIS D 76 70.57 -14.34 -54.81
CA HIS D 76 71.05 -15.25 -55.85
C HIS D 76 70.11 -16.45 -56.08
N TRP D 77 69.62 -17.08 -55.01
CA TRP D 77 68.81 -18.27 -55.20
C TRP D 77 67.34 -17.94 -55.52
N ALA D 78 66.81 -16.84 -55.01
CA ALA D 78 65.43 -16.49 -55.33
C ALA D 78 65.29 -15.88 -56.74
N THR D 79 66.24 -15.07 -57.17
CA THR D 79 66.12 -14.47 -58.51
C THR D 79 66.10 -15.48 -59.66
N LYS D 80 67.02 -16.44 -59.62
CA LYS D 80 67.16 -17.42 -60.71
C LYS D 80 65.87 -18.19 -60.99
N ASP D 81 65.66 -18.55 -62.26
CA ASP D 81 64.50 -19.33 -62.68
C ASP D 81 64.82 -20.81 -62.60
N TRP D 82 64.21 -21.48 -61.62
CA TRP D 82 64.49 -22.88 -61.37
C TRP D 82 63.60 -23.81 -62.17
N PRO D 83 64.14 -24.96 -62.60
CA PRO D 83 63.21 -26.07 -62.78
C PRO D 83 62.69 -26.41 -61.40
N ALA D 84 61.39 -26.70 -61.25
CA ALA D 84 60.78 -26.79 -59.92
C ALA D 84 61.45 -27.79 -58.98
N ASP D 85 61.73 -28.97 -59.52
CA ASP D 85 62.29 -30.05 -58.72
C ASP D 85 63.65 -29.66 -58.14
N GLU D 86 64.46 -28.97 -58.93
CA GLU D 86 65.78 -28.55 -58.49
C GLU D 86 65.69 -27.49 -57.41
N LEU D 87 64.64 -26.66 -57.47
CA LEU D 87 64.41 -25.64 -56.44
C LEU D 87 64.05 -26.30 -55.13
N LEU D 88 63.09 -27.21 -55.18
CA LEU D 88 62.62 -27.90 -54.00
C LEU D 88 63.78 -28.66 -53.36
N ALA D 89 64.54 -29.35 -54.21
CA ALA D 89 65.72 -30.10 -53.80
C ALA D 89 66.77 -29.19 -53.21
N PHE D 90 66.88 -27.96 -53.73
CA PHE D 90 67.84 -27.01 -53.21
C PHE D 90 67.44 -26.56 -51.81
N VAL D 91 66.17 -26.21 -51.65
CA VAL D 91 65.69 -25.66 -50.39
C VAL D 91 65.80 -26.68 -49.28
N HIS D 92 65.32 -27.90 -49.53
CA HIS D 92 65.40 -28.92 -48.50
C HIS D 92 66.82 -29.47 -48.33
N GLY D 93 67.48 -29.76 -49.45
CA GLY D 93 68.81 -30.35 -49.41
C GLY D 93 69.96 -29.46 -48.98
N ARG D 94 70.15 -28.33 -49.65
CA ARG D 94 71.26 -27.43 -49.32
C ARG D 94 70.97 -26.11 -48.59
N LEU D 95 69.71 -25.71 -48.42
CA LEU D 95 69.42 -24.36 -47.89
C LEU D 95 69.08 -24.34 -46.41
N ILE D 96 67.97 -24.99 -46.07
CA ILE D 96 67.56 -25.12 -44.68
C ILE D 96 68.67 -25.73 -43.80
N PRO D 97 69.29 -26.86 -44.23
CA PRO D 97 70.38 -27.39 -43.41
C PRO D 97 71.56 -26.43 -43.35
N TYR D 98 71.77 -25.63 -44.39
CA TYR D 98 72.82 -24.62 -44.32
C TYR D 98 72.49 -23.61 -43.26
N LEU D 99 71.22 -23.24 -43.17
CA LEU D 99 70.74 -22.28 -42.17
C LEU D 99 70.73 -22.87 -40.75
N ARG D 100 70.84 -24.19 -40.63
CA ARG D 100 71.06 -24.83 -39.33
C ARG D 100 72.57 -25.06 -39.12
N SER D 101 73.24 -24.68 -40.20
CA SER D 101 74.64 -24.73 -40.46
C SER D 101 75.29 -23.44 -40.00
N LEU D 102 74.50 -22.55 -39.41
CA LEU D 102 75.04 -21.27 -39.01
C LEU D 102 75.54 -21.33 -37.59
N GLY D 103 76.84 -21.24 -37.48
CA GLY D 103 77.52 -21.18 -36.20
C GLY D 103 78.33 -19.91 -36.30
N GLY D 104 78.29 -19.09 -35.26
CA GLY D 104 78.88 -17.78 -35.35
C GLY D 104 78.57 -16.93 -34.15
N ASP D 105 78.40 -15.65 -34.41
CA ASP D 105 78.12 -14.70 -33.38
C ASP D 105 76.76 -15.10 -32.93
N PRO D 106 76.31 -14.49 -31.75
CA PRO D 106 75.09 -15.09 -31.22
C PRO D 106 73.98 -14.96 -32.22
N LEU D 107 73.93 -13.86 -32.95
CA LEU D 107 72.76 -13.60 -33.74
C LEU D 107 72.57 -14.74 -34.71
N ARG D 108 73.63 -15.12 -35.41
CA ARG D 108 73.43 -16.27 -36.28
C ARG D 108 72.88 -17.43 -35.45
N GLU D 109 73.26 -17.47 -34.20
CA GLU D 109 72.74 -18.53 -33.38
C GLU D 109 71.24 -18.35 -33.42
N THR D 110 70.79 -17.12 -33.46
CA THR D 110 69.38 -16.86 -33.55
C THR D 110 68.84 -17.43 -34.83
N ILE D 111 69.52 -17.17 -35.93
CA ILE D 111 69.00 -17.58 -37.21
C ILE D 111 68.91 -19.07 -37.16
N ARG D 112 69.96 -19.69 -36.68
CA ARG D 112 69.98 -21.13 -36.58
C ARG D 112 68.86 -21.48 -35.64
N SER D 113 68.69 -20.67 -34.61
CA SER D 113 67.72 -21.00 -33.59
C SER D 113 66.36 -21.07 -34.22
N LEU D 114 66.04 -20.11 -35.07
CA LEU D 114 64.71 -20.07 -35.63
C LEU D 114 64.38 -21.25 -36.52
N PHE D 115 65.29 -21.56 -37.44
CA PHE D 115 65.14 -22.71 -38.30
C PHE D 115 65.30 -24.01 -37.56
N SER D 116 66.18 -24.01 -36.57
CA SER D 116 66.61 -25.22 -35.93
C SER D 116 65.46 -25.94 -35.29
N GLU D 117 64.52 -25.19 -34.73
CA GLU D 117 63.32 -25.83 -34.25
C GLU D 117 62.55 -26.34 -35.43
N ARG D 118 61.76 -27.37 -35.21
CA ARG D 118 61.37 -28.31 -36.25
C ARG D 118 60.59 -27.79 -37.44
N ASN D 119 60.88 -28.41 -38.58
CA ASN D 119 60.00 -28.50 -39.74
C ASN D 119 59.38 -27.28 -40.41
N VAL D 120 60.23 -26.51 -41.07
CA VAL D 120 59.80 -25.35 -41.80
C VAL D 120 58.83 -25.77 -42.88
N ILE D 121 57.87 -24.89 -43.15
CA ILE D 121 56.77 -25.13 -44.07
C ILE D 121 57.22 -24.81 -45.47
N VAL D 122 57.22 -25.86 -46.29
CA VAL D 122 57.61 -25.74 -47.68
C VAL D 122 56.54 -26.45 -48.49
N CYS D 123 56.23 -25.91 -49.67
CA CYS D 123 55.18 -26.47 -50.50
C CYS D 123 55.57 -27.87 -50.97
N ALA D 124 54.57 -28.73 -51.20
CA ALA D 124 54.82 -30.08 -51.66
C ALA D 124 55.16 -30.07 -53.14
N SER D 125 54.43 -29.24 -53.90
CA SER D 125 54.73 -29.03 -55.31
C SER D 125 55.78 -27.94 -55.45
N GLY D 126 56.90 -28.29 -56.08
CA GLY D 126 57.98 -27.32 -56.29
C GLY D 126 57.52 -26.16 -57.15
N TYR D 127 56.50 -26.41 -57.96
CA TYR D 127 55.92 -25.37 -58.79
C TYR D 127 55.22 -24.34 -57.91
N ASN D 128 54.38 -24.80 -57.00
CA ASN D 128 53.69 -23.91 -56.06
C ASN D 128 54.69 -23.13 -55.21
N LEU D 129 55.71 -23.83 -54.72
CA LEU D 129 56.77 -23.20 -53.94
C LEU D 129 57.43 -22.08 -54.76
N LYS D 130 57.75 -22.38 -56.01
CA LYS D 130 58.37 -21.39 -56.89
C LYS D 130 57.43 -20.20 -57.08
N ASP D 131 56.14 -20.45 -57.24
CA ASP D 131 55.15 -19.40 -57.40
C ASP D 131 55.08 -18.47 -56.18
N VAL D 132 54.97 -19.08 -54.99
CA VAL D 132 54.93 -18.31 -53.75
C VAL D 132 56.21 -17.48 -53.57
N ILE D 133 57.34 -18.11 -53.89
CA ILE D 133 58.64 -17.44 -53.82
C ILE D 133 58.68 -16.24 -54.77
N GLN D 134 58.10 -16.37 -55.96
CA GLN D 134 58.11 -15.27 -56.92
C GLN D 134 57.18 -14.13 -56.50
N ILE D 135 56.05 -14.49 -55.87
CA ILE D 135 55.16 -13.49 -55.29
C ILE D 135 55.86 -12.70 -54.18
N VAL D 136 56.62 -13.41 -53.35
CA VAL D 136 57.38 -12.79 -52.27
C VAL D 136 58.50 -11.90 -52.83
N ASN D 137 59.12 -12.35 -53.92
CA ASN D 137 60.26 -11.69 -54.52
C ASN D 137 59.77 -10.51 -55.40
N GLU D 138 58.46 -10.42 -55.59
CA GLU D 138 57.93 -9.29 -56.33
C GLU D 138 57.54 -8.13 -55.40
N ILE D 139 57.79 -8.29 -54.11
CA ILE D 139 57.64 -7.21 -53.13
C ILE D 139 58.86 -6.31 -53.13
N ASN D 140 58.66 -5.00 -53.16
CA ASN D 140 59.79 -4.07 -53.09
C ASN D 140 60.04 -3.65 -51.65
N PHE D 141 61.16 -4.10 -51.09
CA PHE D 141 61.46 -3.83 -49.69
C PHE D 141 62.00 -2.41 -49.50
N HIS D 142 62.32 -1.73 -50.59
CA HIS D 142 62.81 -0.36 -50.51
C HIS D 142 61.66 0.64 -50.63
N SER D 143 60.45 0.11 -50.73
CA SER D 143 59.24 0.93 -50.72
C SER D 143 58.48 0.63 -49.44
N GLN D 144 58.26 1.64 -48.61
CA GLN D 144 57.65 1.44 -47.31
C GLN D 144 56.15 1.26 -47.50
N ASP D 145 55.72 1.63 -48.69
CA ASP D 145 54.37 1.36 -49.17
C ASP D 145 54.06 -0.15 -49.29
N ASP D 146 54.97 -0.88 -49.95
CA ASP D 146 54.76 -2.31 -50.20
C ASP D 146 54.86 -3.07 -48.88
N ILE D 147 55.81 -2.66 -48.04
CA ILE D 147 55.99 -3.26 -46.74
C ILE D 147 54.73 -3.03 -45.91
N PHE D 148 54.16 -1.83 -46.04
CA PHE D 148 52.94 -1.51 -45.30
C PHE D 148 51.83 -2.46 -45.74
N THR D 149 51.70 -2.65 -47.05
CA THR D 149 50.67 -3.55 -47.58
C THR D 149 50.81 -4.98 -47.05
N VAL D 150 52.01 -5.52 -47.18
CA VAL D 150 52.24 -6.89 -46.75
C VAL D 150 51.97 -7.00 -45.27
N SER D 151 52.30 -5.96 -44.52
CA SER D 151 52.06 -5.97 -43.08
C SER D 151 50.57 -6.07 -42.80
N GLN D 152 49.78 -5.33 -43.58
CA GLN D 152 48.33 -5.40 -43.42
C GLN D 152 47.77 -6.79 -43.70
N VAL D 153 48.19 -7.36 -44.84
CA VAL D 153 47.74 -8.70 -45.21
C VAL D 153 48.14 -9.73 -44.16
N TYR D 154 49.35 -9.56 -43.63
CA TYR D 154 49.90 -10.43 -42.62
C TYR D 154 49.05 -10.35 -41.36
N GLU D 155 48.65 -9.13 -41.01
CA GLU D 155 47.86 -8.91 -39.81
C GLU D 155 46.50 -9.57 -39.95
N GLU D 156 45.89 -9.43 -41.13
CA GLU D 156 44.61 -10.06 -41.37
C GLU D 156 44.73 -11.59 -41.31
N LEU D 157 45.83 -12.12 -41.84
CA LEU D 157 46.10 -13.54 -41.80
C LEU D 157 46.23 -14.04 -40.37
N LEU D 158 46.86 -13.22 -39.54
CA LEU D 158 47.03 -13.56 -38.14
C LEU D 158 45.69 -13.57 -37.42
N ARG D 159 44.82 -12.63 -37.77
CA ARG D 159 43.47 -12.57 -37.19
C ARG D 159 42.65 -13.81 -37.56
N ARG D 160 42.65 -14.13 -38.85
CA ARG D 160 41.91 -15.29 -39.35
C ARG D 160 42.44 -16.56 -38.70
N LEU D 161 43.76 -16.62 -38.53
CA LEU D 161 44.43 -17.72 -37.85
C LEU D 161 43.94 -17.78 -36.40
N GLY D 162 43.75 -16.60 -35.81
CA GLY D 162 43.28 -16.47 -34.45
C GLY D 162 41.89 -17.07 -34.28
N ASN D 163 41.02 -16.79 -35.24
CA ASN D 163 39.65 -17.35 -35.26
C ASN D 163 39.59 -18.85 -35.56
N GLU D 164 40.28 -19.30 -36.59
CA GLU D 164 40.15 -20.68 -37.05
C GLU D 164 40.79 -21.71 -36.11
N ASN D 165 41.99 -21.42 -35.62
CA ASN D 165 42.80 -22.41 -34.91
C ASN D 165 42.65 -22.29 -33.40
N ARG D 166 42.31 -23.38 -32.72
CA ARG D 166 42.09 -23.30 -31.28
C ARG D 166 43.39 -23.28 -30.50
N LEU D 167 44.48 -23.77 -31.09
CA LEU D 167 45.75 -23.73 -30.37
C LEU D 167 46.26 -22.30 -30.40
N ALA D 168 45.95 -21.55 -31.45
CA ALA D 168 46.15 -20.12 -31.37
C ALA D 168 44.89 -19.32 -31.62
N GLY D 169 44.24 -18.86 -30.54
CA GLY D 169 44.54 -19.30 -29.19
C GLY D 169 45.79 -18.85 -28.45
N GLU D 170 46.55 -19.85 -27.97
CA GLU D 170 47.49 -19.63 -26.89
C GLU D 170 48.49 -18.51 -27.15
N PHE D 171 48.92 -18.31 -28.40
CA PHE D 171 49.79 -17.16 -28.66
C PHE D 171 49.12 -15.93 -29.29
N TYR D 172 47.79 -15.92 -29.41
CA TYR D 172 47.11 -14.77 -30.00
C TYR D 172 46.21 -14.03 -29.00
N THR D 173 46.05 -12.72 -29.22
CA THR D 173 45.13 -11.89 -28.43
C THR D 173 44.37 -10.99 -29.39
N PRO D 174 43.05 -10.83 -29.17
CA PRO D 174 42.21 -9.98 -30.02
C PRO D 174 42.71 -8.55 -30.10
N ARG D 175 42.86 -8.06 -31.33
CA ARG D 175 43.33 -6.70 -31.55
C ARG D 175 42.48 -5.60 -30.92
N PRO D 176 41.14 -5.76 -30.87
CA PRO D 176 40.38 -4.75 -30.11
C PRO D 176 40.86 -4.62 -28.66
N VAL D 177 41.08 -5.76 -28.00
CA VAL D 177 41.64 -5.79 -26.65
C VAL D 177 42.99 -5.08 -26.56
N VAL D 178 43.87 -5.41 -27.50
CA VAL D 178 45.18 -4.78 -27.60
C VAL D 178 45.07 -3.26 -27.71
N ARG D 179 44.42 -2.80 -28.77
CA ARG D 179 44.25 -1.37 -29.02
C ARG D 179 43.65 -0.65 -27.83
N PHE D 180 42.67 -1.28 -27.18
CA PHE D 180 42.06 -0.69 -25.99
C PHE D 180 43.08 -0.52 -24.87
N VAL D 181 43.77 -1.61 -24.54
CA VAL D 181 44.76 -1.59 -23.48
C VAL D 181 45.86 -0.55 -23.75
N VAL D 182 46.41 -0.57 -24.95
CA VAL D 182 47.42 0.41 -25.34
C VAL D 182 46.90 1.84 -25.20
N GLU D 183 45.65 2.05 -25.61
CA GLU D 183 45.02 3.37 -25.54
C GLU D 183 44.89 3.87 -24.11
N LEU D 184 44.55 2.97 -23.19
CA LEU D 184 44.37 3.36 -21.80
C LEU D 184 45.71 3.57 -21.11
N VAL D 185 46.70 2.76 -21.46
CA VAL D 185 48.05 2.90 -20.90
C VAL D 185 48.72 4.19 -21.36
N ASP D 186 48.51 4.54 -22.63
CA ASP D 186 49.06 5.77 -23.20
C ASP D 186 50.59 5.84 -23.07
N PRO D 187 51.31 4.99 -23.81
CA PRO D 187 52.78 5.06 -23.82
C PRO D 187 53.31 6.32 -24.48
N GLN D 188 54.43 6.83 -23.98
CA GLN D 188 55.07 8.01 -24.54
C GLN D 188 56.45 7.59 -24.95
N ILE D 189 57.14 8.48 -25.66
CA ILE D 189 58.48 8.23 -26.05
C ILE D 189 59.38 9.10 -25.20
N GLY D 190 60.42 8.53 -24.59
CA GLY D 190 60.66 7.11 -24.61
C GLY D 190 60.60 6.49 -23.25
N GLU D 191 59.62 5.63 -23.07
CA GLU D 191 59.61 4.75 -21.93
C GLU D 191 59.56 3.40 -22.58
N ALA D 192 60.31 2.45 -22.07
CA ALA D 192 60.39 1.16 -22.71
C ALA D 192 59.07 0.48 -22.56
N VAL D 193 58.73 -0.41 -23.48
CA VAL D 193 57.49 -1.14 -23.42
C VAL D 193 57.77 -2.62 -23.29
N TYR D 194 57.12 -3.29 -22.36
CA TYR D 194 57.56 -4.62 -22.05
C TYR D 194 56.41 -5.56 -22.05
N ASP D 195 56.57 -6.67 -22.73
CA ASP D 195 55.62 -7.76 -22.69
C ASP D 195 56.44 -8.98 -22.28
N PRO D 196 56.31 -9.39 -21.02
CA PRO D 196 57.19 -10.44 -20.49
C PRO D 196 56.91 -11.77 -21.17
N ALA D 197 55.69 -11.91 -21.65
CA ALA D 197 55.43 -12.92 -22.66
C ALA D 197 54.70 -12.27 -23.82
N CYS D 198 55.39 -12.08 -24.94
CA CYS D 198 54.71 -11.51 -26.09
C CYS D 198 54.42 -12.62 -27.06
N GLY D 199 53.16 -13.04 -27.11
CA GLY D 199 52.76 -14.02 -28.07
C GLY D 199 52.81 -13.34 -29.41
N THR D 200 53.54 -13.94 -30.35
CA THR D 200 53.70 -13.40 -31.70
C THR D 200 54.10 -11.95 -31.69
N CYS D 201 53.35 -11.19 -32.47
CA CYS D 201 53.42 -9.74 -32.52
C CYS D 201 53.58 -9.11 -31.15
N GLY D 202 52.56 -9.30 -30.32
CA GLY D 202 52.48 -8.61 -29.07
C GLY D 202 51.79 -7.27 -29.20
N PHE D 203 51.57 -6.63 -28.07
CA PHE D 203 50.94 -5.32 -28.02
C PHE D 203 51.93 -4.30 -28.53
N LEU D 204 53.17 -4.75 -28.71
CA LEU D 204 54.28 -3.91 -29.10
C LEU D 204 54.09 -3.23 -30.45
N VAL D 205 53.43 -3.89 -31.39
CA VAL D 205 53.18 -3.27 -32.68
C VAL D 205 52.23 -2.09 -32.53
N GLU D 206 51.17 -2.26 -31.74
CA GLU D 206 50.20 -1.20 -31.52
C GLU D 206 50.81 -0.04 -30.76
N ALA D 207 51.57 -0.36 -29.71
CA ALA D 207 52.30 0.64 -28.97
C ALA D 207 53.19 1.40 -29.95
N TYR D 208 53.82 0.66 -30.86
CA TYR D 208 54.70 1.26 -31.83
C TYR D 208 53.94 2.25 -32.66
N LEU D 209 52.80 1.82 -33.18
CA LEU D 209 52.04 2.61 -34.12
C LEU D 209 51.54 3.89 -33.47
N TRP D 210 51.15 3.80 -32.20
CA TRP D 210 50.69 4.97 -31.45
C TRP D 210 51.81 5.99 -31.19
N MET D 211 52.85 5.48 -30.52
CA MET D 211 53.98 6.31 -30.15
C MET D 211 54.57 6.95 -31.39
N LYS D 212 54.48 6.21 -32.49
CA LYS D 212 54.80 6.68 -33.84
C LYS D 212 53.80 7.69 -34.35
N GLN D 213 52.55 7.60 -33.96
CA GLN D 213 51.63 8.61 -34.46
C GLN D 213 51.99 9.93 -33.80
N LYS D 214 52.73 9.89 -32.70
CA LYS D 214 53.29 11.14 -32.19
C LYS D 214 54.78 11.54 -32.49
N GLU D 215 55.51 10.85 -33.34
CA GLU D 215 56.94 11.13 -33.27
C GLU D 215 57.26 12.54 -33.60
N ARG D 216 57.12 12.83 -34.87
CA ARG D 216 57.28 14.19 -35.40
C ARG D 216 58.63 14.87 -35.15
N THR D 217 59.71 14.11 -34.96
CA THR D 217 61.07 14.68 -34.93
C THR D 217 62.14 13.62 -35.11
N ILE D 218 63.32 14.04 -35.55
CA ILE D 218 64.33 13.05 -35.94
C ILE D 218 64.72 12.19 -34.76
N GLU D 219 64.89 12.81 -33.61
CA GLU D 219 65.42 12.10 -32.49
C GLU D 219 64.49 10.99 -32.12
N ASP D 220 63.21 11.25 -32.22
CA ASP D 220 62.22 10.31 -31.75
C ASP D 220 62.26 9.00 -32.51
N HIS D 221 62.43 9.08 -33.82
CA HIS D 221 62.29 7.89 -34.62
C HIS D 221 63.30 6.87 -34.19
N ARG D 222 64.52 7.31 -33.96
CA ARG D 222 65.56 6.39 -33.62
C ARG D 222 65.16 5.74 -32.32
N ILE D 223 64.67 6.55 -31.41
CA ILE D 223 64.28 6.04 -30.10
C ILE D 223 63.27 4.92 -30.27
N LEU D 224 62.35 5.15 -31.20
CA LEU D 224 61.30 4.20 -31.53
C LEU D 224 61.88 2.92 -32.13
N GLN D 225 62.75 3.08 -33.11
CA GLN D 225 63.32 1.95 -33.86
C GLN D 225 64.33 1.15 -33.03
N GLU D 226 65.04 1.80 -32.13
CA GLU D 226 66.02 1.11 -31.30
C GLU D 226 65.61 0.88 -29.83
N ARG D 227 65.42 1.95 -29.08
CA ARG D 227 65.38 1.85 -27.61
C ARG D 227 64.03 1.66 -26.92
N THR D 228 62.92 1.76 -27.64
CA THR D 228 61.64 1.68 -26.95
C THR D 228 60.96 0.31 -26.89
N PHE D 229 61.43 -0.68 -27.64
CA PHE D 229 60.74 -1.97 -27.53
C PHE D 229 61.57 -3.08 -26.96
N PHE D 230 61.23 -3.40 -25.73
CA PHE D 230 61.82 -4.49 -25.00
C PHE D 230 60.55 -5.17 -24.64
N GLY D 231 60.50 -6.50 -24.96
CA GLY D 231 59.58 -7.58 -24.55
C GLY D 231 60.15 -8.98 -24.92
N GLN D 232 59.52 -10.11 -24.52
CA GLN D 232 60.06 -11.50 -24.81
C GLN D 232 59.04 -12.65 -25.07
N GLU D 233 59.48 -13.72 -25.75
CA GLU D 233 58.67 -14.93 -26.06
C GLU D 233 59.37 -16.30 -25.88
N LYS D 234 58.69 -17.28 -25.26
CA LYS D 234 59.24 -18.62 -24.99
C LYS D 234 59.21 -19.64 -26.14
N LYS D 235 58.06 -19.76 -26.82
CA LYS D 235 57.85 -20.82 -27.81
C LYS D 235 58.29 -20.35 -29.21
N PRO D 236 58.98 -21.21 -29.98
CA PRO D 236 59.55 -20.82 -31.27
C PRO D 236 58.59 -20.25 -32.31
N VAL D 237 57.43 -20.87 -32.53
CA VAL D 237 56.55 -20.44 -33.62
C VAL D 237 55.96 -19.05 -33.40
N PRO D 238 55.43 -18.75 -32.19
CA PRO D 238 55.01 -17.37 -32.00
C PRO D 238 56.20 -16.41 -32.01
N ALA D 239 57.36 -16.85 -31.55
CA ALA D 239 58.52 -15.99 -31.53
C ALA D 239 58.87 -15.55 -32.94
N PHE D 240 58.88 -16.52 -33.85
CA PHE D 240 59.21 -16.28 -35.25
C PHE D 240 58.14 -15.41 -35.93
N LEU D 241 56.89 -15.84 -35.83
CA LEU D 241 55.79 -15.12 -36.47
C LEU D 241 55.76 -13.68 -36.01
N GLY D 242 56.01 -13.50 -34.71
CA GLY D 242 56.06 -12.18 -34.12
C GLY D 242 57.22 -11.35 -34.61
N LEU D 243 58.39 -11.97 -34.74
CA LEU D 243 59.55 -11.25 -35.21
C LEU D 243 59.21 -10.70 -36.59
N VAL D 244 58.70 -11.59 -37.45
CA VAL D 244 58.31 -11.20 -38.80
C VAL D 244 57.29 -10.06 -38.76
N ASN D 245 56.36 -10.10 -37.81
CA ASN D 245 55.38 -9.02 -37.70
C ASN D 245 55.98 -7.67 -37.27
N MET D 246 56.93 -7.68 -36.33
CA MET D 246 57.49 -6.41 -35.88
C MET D 246 58.44 -5.84 -36.94
N MET D 247 59.05 -6.70 -37.76
CA MET D 247 59.83 -6.15 -38.87
C MET D 247 58.92 -5.67 -39.99
N LEU D 248 57.75 -6.29 -40.10
CA LEU D 248 56.81 -5.97 -41.16
C LEU D 248 56.16 -4.60 -41.00
N HIS D 249 55.77 -4.24 -39.79
CA HIS D 249 54.98 -3.03 -39.58
C HIS D 249 55.61 -1.67 -39.93
N GLY D 250 56.89 -1.41 -39.60
CA GLY D 250 57.75 -2.28 -38.84
C GLY D 250 59.00 -1.62 -38.31
N VAL D 251 59.58 -2.25 -37.29
CA VAL D 251 60.82 -1.78 -36.70
C VAL D 251 61.93 -2.60 -37.34
N THR D 252 63.01 -1.93 -37.74
CA THR D 252 63.96 -2.52 -38.67
C THR D 252 64.55 -3.85 -38.19
N VAL D 253 65.17 -3.85 -37.01
CA VAL D 253 65.58 -5.07 -36.33
C VAL D 253 65.32 -4.91 -34.83
N PRO D 254 64.10 -5.26 -34.38
CA PRO D 254 63.68 -5.14 -32.98
C PRO D 254 64.33 -6.16 -32.04
N ARG D 255 64.53 -5.74 -30.79
CA ARG D 255 65.08 -6.62 -29.77
C ARG D 255 63.99 -7.36 -29.01
N VAL D 256 63.79 -8.64 -29.31
CA VAL D 256 63.06 -9.53 -28.40
C VAL D 256 63.68 -10.91 -28.56
N MET D 257 63.71 -11.67 -27.48
CA MET D 257 64.56 -12.86 -27.41
C MET D 257 63.70 -14.12 -27.26
N ARG D 258 64.02 -15.21 -27.95
CA ARG D 258 63.52 -16.48 -27.46
C ARG D 258 64.23 -16.77 -26.15
N ARG D 259 63.44 -16.90 -25.10
CA ARG D 259 63.94 -17.22 -23.77
C ARG D 259 62.76 -17.53 -22.87
N ASN D 260 63.05 -17.85 -21.62
CA ASN D 260 62.00 -18.04 -20.65
C ASN D 260 61.99 -16.77 -19.82
N THR D 261 60.81 -16.22 -19.58
CA THR D 261 60.74 -15.02 -18.80
C THR D 261 60.98 -15.38 -17.35
N LEU D 262 60.58 -16.61 -17.03
CA LEU D 262 60.70 -17.20 -15.71
C LEU D 262 62.12 -17.76 -15.48
N GLU D 263 62.95 -17.66 -16.52
CA GLU D 263 64.38 -17.92 -16.47
C GLU D 263 65.03 -17.07 -15.41
N GLU D 264 64.62 -15.82 -15.45
CA GLU D 264 65.15 -14.76 -14.64
C GLU D 264 64.67 -14.83 -13.20
N ASN D 265 65.56 -14.41 -12.31
CA ASN D 265 65.30 -14.30 -10.88
C ASN D 265 64.70 -12.91 -10.71
N ILE D 266 63.78 -12.70 -9.78
CA ILE D 266 63.25 -11.34 -9.63
C ILE D 266 64.01 -10.42 -8.63
N ARG D 267 64.79 -10.99 -7.72
CA ARG D 267 65.45 -10.18 -6.67
C ARG D 267 66.67 -9.40 -7.16
N ASN D 268 67.33 -9.99 -8.15
CA ASN D 268 68.45 -9.47 -8.93
C ASN D 268 68.10 -8.27 -9.77
N VAL D 269 66.82 -7.92 -9.78
CA VAL D 269 66.07 -7.68 -11.01
C VAL D 269 66.82 -6.94 -12.13
N SER D 270 67.50 -5.84 -11.85
CA SER D 270 68.05 -5.09 -12.97
C SER D 270 66.90 -4.56 -13.82
N GLU D 271 66.85 -4.90 -15.12
CA GLU D 271 65.77 -4.45 -15.99
C GLU D 271 65.75 -2.92 -16.06
N ARG D 272 64.65 -2.16 -15.95
CA ARG D 272 63.24 -2.50 -15.82
C ARG D 272 62.60 -1.47 -16.70
N PHE D 273 61.28 -1.46 -16.80
CA PHE D 273 60.65 -0.59 -17.77
C PHE D 273 59.53 0.32 -17.30
N ASP D 274 59.35 1.41 -18.04
CA ASP D 274 58.31 2.39 -17.79
C ASP D 274 56.91 1.86 -17.93
N VAL D 275 56.70 1.01 -18.93
CA VAL D 275 55.38 0.51 -19.29
C VAL D 275 55.35 -1.01 -19.43
N VAL D 276 54.31 -1.65 -18.94
CA VAL D 276 54.11 -3.05 -19.27
C VAL D 276 52.72 -3.26 -19.86
N VAL D 277 52.66 -3.59 -21.14
CA VAL D 277 51.40 -3.96 -21.78
C VAL D 277 51.48 -5.43 -22.16
N THR D 278 50.67 -6.26 -21.53
CA THR D 278 50.87 -7.69 -21.70
C THR D 278 49.64 -8.58 -21.53
N ASN D 279 49.79 -9.81 -22.02
CA ASN D 279 48.82 -10.86 -21.81
C ASN D 279 49.58 -12.16 -21.53
N PRO D 280 50.02 -12.35 -20.28
CA PRO D 280 50.75 -13.57 -19.96
C PRO D 280 49.82 -14.77 -20.05
N PRO D 281 50.38 -16.00 -20.14
CA PRO D 281 49.54 -17.18 -20.31
C PRO D 281 48.59 -17.41 -19.13
N PHE D 282 47.42 -17.96 -19.42
CA PHE D 282 46.46 -18.33 -18.38
C PHE D 282 47.14 -19.46 -17.62
N GLY D 283 47.78 -20.33 -18.40
CA GLY D 283 49.14 -20.80 -18.11
C GLY D 283 49.57 -22.08 -17.43
N GLY D 284 48.78 -22.67 -16.54
CA GLY D 284 49.18 -23.95 -16.00
C GLY D 284 50.46 -23.95 -15.17
N THR D 285 50.89 -25.14 -14.76
CA THR D 285 52.06 -25.30 -13.89
C THR D 285 53.41 -25.05 -14.56
N GLU D 286 54.39 -24.60 -13.77
CA GLU D 286 55.79 -24.57 -14.18
C GLU D 286 56.65 -25.39 -13.24
N GLY D 287 56.68 -25.00 -11.97
CA GLY D 287 57.21 -25.85 -10.92
C GLY D 287 58.73 -25.93 -10.80
N ARG D 288 59.18 -26.52 -9.70
CA ARG D 288 60.57 -26.90 -9.50
C ARG D 288 61.57 -25.75 -9.56
N HIS D 289 62.55 -25.88 -10.46
CA HIS D 289 63.67 -24.95 -10.55
C HIS D 289 63.20 -23.51 -10.72
N ILE D 290 62.31 -23.32 -11.69
CA ILE D 290 61.74 -22.01 -11.97
C ILE D 290 61.10 -21.35 -10.76
N GLN D 291 60.41 -22.15 -9.94
CA GLN D 291 59.72 -21.61 -8.79
C GLN D 291 60.67 -20.81 -7.90
N GLN D 292 61.93 -21.24 -7.81
CA GLN D 292 62.84 -20.59 -6.86
C GLN D 292 63.22 -19.18 -7.26
N ASN D 293 62.93 -18.80 -8.50
CA ASN D 293 63.23 -17.46 -8.98
C ASN D 293 62.31 -16.38 -8.41
N PHE D 294 61.33 -16.79 -7.61
CA PHE D 294 60.33 -15.87 -7.10
C PHE D 294 60.22 -15.97 -5.57
N PRO D 295 60.00 -14.84 -4.88
CA PRO D 295 59.87 -14.79 -3.43
C PRO D 295 58.68 -15.61 -2.98
N ILE D 296 57.53 -15.37 -3.61
CA ILE D 296 56.40 -16.26 -3.47
C ILE D 296 56.59 -17.41 -4.46
N GLN D 297 56.43 -18.64 -4.01
CA GLN D 297 56.63 -19.73 -4.94
C GLN D 297 55.37 -20.58 -5.03
N SER D 298 54.90 -20.69 -6.28
CA SER D 298 53.71 -21.42 -6.63
C SER D 298 53.93 -21.98 -8.03
N ASN D 299 53.37 -23.16 -8.29
CA ASN D 299 53.52 -23.77 -9.62
C ASN D 299 52.82 -22.97 -10.71
N ALA D 300 51.85 -22.15 -10.33
CA ALA D 300 51.03 -21.43 -11.31
C ALA D 300 51.81 -20.38 -12.08
N THR D 301 51.83 -20.52 -13.40
CA THR D 301 52.61 -19.66 -14.29
C THR D 301 52.12 -18.22 -14.26
N GLU D 302 50.80 -18.05 -14.28
CA GLU D 302 50.20 -16.73 -14.32
C GLU D 302 50.62 -15.88 -13.12
N LEU D 303 50.70 -16.50 -11.95
CA LEU D 303 51.05 -15.80 -10.72
C LEU D 303 52.51 -15.34 -10.76
N LEU D 304 53.39 -16.22 -11.23
CA LEU D 304 54.80 -15.90 -11.34
C LEU D 304 54.99 -14.77 -12.36
N PHE D 305 54.20 -14.81 -13.42
CA PHE D 305 54.22 -13.75 -14.41
C PHE D 305 53.78 -12.42 -13.80
N LEU D 306 52.77 -12.47 -12.94
CA LEU D 306 52.30 -11.28 -12.26
C LEU D 306 53.42 -10.70 -11.41
N GLN D 307 54.12 -11.55 -10.65
CA GLN D 307 55.22 -11.10 -9.80
C GLN D 307 56.33 -10.46 -10.62
N HIS D 308 56.71 -11.18 -11.67
CA HIS D 308 57.73 -10.72 -12.62
C HIS D 308 57.40 -9.33 -13.12
N ILE D 309 56.15 -9.13 -13.53
CA ILE D 309 55.68 -7.84 -14.03
C ILE D 309 55.78 -6.78 -12.96
N MET D 310 55.35 -7.13 -11.75
CA MET D 310 55.35 -6.19 -10.65
C MET D 310 56.76 -5.65 -10.42
N LYS D 311 57.76 -6.52 -10.43
CA LYS D 311 59.11 -6.05 -10.16
C LYS D 311 59.84 -5.56 -11.41
N LYS D 312 59.28 -5.85 -12.58
CA LYS D 312 59.78 -5.37 -13.88
C LYS D 312 59.53 -3.89 -14.10
N LEU D 313 58.60 -3.28 -13.37
CA LEU D 313 58.32 -1.85 -13.54
C LEU D 313 59.35 -0.95 -12.86
N LYS D 314 59.67 0.16 -13.51
CA LYS D 314 60.61 1.14 -12.96
C LYS D 314 60.05 1.82 -11.71
N PRO D 315 60.94 2.27 -10.82
CA PRO D 315 60.51 2.82 -9.52
C PRO D 315 59.81 4.18 -9.61
N ARG D 316 59.97 4.87 -10.75
CA ARG D 316 59.43 6.23 -10.87
C ARG D 316 57.91 6.24 -10.77
N ASP D 317 57.36 7.38 -10.37
CA ASP D 317 55.92 7.56 -10.33
C ASP D 317 55.34 7.57 -11.74
N GLY D 318 54.14 7.04 -11.88
CA GLY D 318 53.52 6.96 -13.19
C GLY D 318 53.90 5.67 -13.89
N ALA D 319 54.41 4.70 -13.14
CA ALA D 319 54.79 3.45 -13.79
C ALA D 319 53.51 2.65 -14.05
N ARG D 320 53.27 2.29 -15.31
CA ARG D 320 51.96 1.71 -15.65
C ARG D 320 52.01 0.27 -16.12
N CYS D 321 50.93 -0.46 -15.86
CA CYS D 321 50.76 -1.71 -16.61
C CYS D 321 49.32 -2.02 -17.04
N GLY D 322 49.10 -2.16 -18.35
CA GLY D 322 47.92 -2.84 -18.86
C GLY D 322 48.20 -4.32 -18.97
N MET D 323 47.24 -5.16 -18.59
CA MET D 323 47.49 -6.59 -18.52
C MET D 323 46.20 -7.40 -18.67
N VAL D 324 46.28 -8.60 -19.26
CA VAL D 324 45.11 -9.46 -19.33
C VAL D 324 45.22 -10.60 -18.32
N VAL D 325 44.20 -10.78 -17.49
CA VAL D 325 44.21 -11.86 -16.50
C VAL D 325 42.94 -12.70 -16.61
N PRO D 326 42.97 -13.96 -16.16
CA PRO D 326 41.76 -14.78 -16.18
C PRO D 326 40.96 -14.67 -14.88
N GLU D 327 39.87 -15.42 -14.75
CA GLU D 327 39.11 -15.43 -13.51
C GLU D 327 39.99 -15.89 -12.35
N GLY D 328 40.76 -16.95 -12.60
CA GLY D 328 41.56 -17.59 -11.59
C GLY D 328 42.41 -16.63 -10.80
N THR D 329 43.18 -15.79 -11.49
CA THR D 329 44.03 -14.82 -10.80
C THR D 329 43.19 -13.87 -9.96
N LEU D 330 41.94 -13.63 -10.37
CA LEU D 330 41.07 -12.70 -9.65
C LEU D 330 40.44 -13.30 -8.38
N PHE D 331 39.80 -14.46 -8.48
CA PHE D 331 39.08 -15.01 -7.32
C PHE D 331 39.87 -15.98 -6.43
N ARG D 332 41.01 -16.47 -6.91
CA ARG D 332 41.76 -17.46 -6.12
C ARG D 332 42.45 -16.82 -4.93
N GLY D 333 42.56 -17.59 -3.84
CA GLY D 333 43.18 -17.11 -2.63
C GLY D 333 44.59 -17.64 -2.52
N GLY D 334 45.04 -17.87 -1.29
CA GLY D 334 46.38 -18.38 -1.06
C GLY D 334 47.44 -17.43 -1.58
N ALA D 335 48.42 -17.98 -2.32
CA ALA D 335 49.54 -17.20 -2.81
C ALA D 335 49.05 -16.00 -3.61
N PHE D 336 48.02 -16.24 -4.40
CA PHE D 336 47.42 -15.19 -5.22
C PHE D 336 47.06 -14.00 -4.34
N ALA D 337 46.33 -14.26 -3.26
CA ALA D 337 45.92 -13.19 -2.36
C ALA D 337 47.16 -12.42 -1.92
N GLU D 338 48.20 -13.16 -1.52
CA GLU D 338 49.41 -12.55 -1.04
C GLU D 338 49.94 -11.60 -2.11
N VAL D 339 50.10 -12.11 -3.33
CA VAL D 339 50.62 -11.30 -4.42
C VAL D 339 49.68 -10.13 -4.64
N LYS D 340 48.38 -10.44 -4.65
CA LYS D 340 47.37 -9.42 -4.88
C LYS D 340 47.48 -8.38 -3.79
N ARG D 341 47.68 -8.83 -2.55
CA ARG D 341 47.83 -7.90 -1.44
C ARG D 341 48.94 -6.96 -1.78
N ASP D 342 50.09 -7.55 -2.12
CA ASP D 342 51.29 -6.79 -2.38
C ASP D 342 50.94 -5.77 -3.46
N LEU D 343 50.26 -6.21 -4.52
CA LEU D 343 49.98 -5.34 -5.64
C LEU D 343 49.27 -4.11 -5.09
N LEU D 344 48.15 -4.36 -4.43
CA LEU D 344 47.28 -3.31 -3.93
C LEU D 344 48.05 -2.36 -3.01
N GLU D 345 49.00 -2.90 -2.24
CA GLU D 345 49.74 -2.03 -1.36
C GLU D 345 50.87 -1.29 -2.08
N GLN D 346 51.65 -2.02 -2.84
CA GLN D 346 52.74 -1.44 -3.61
C GLN D 346 52.26 -0.53 -4.73
N PHE D 347 51.16 -0.89 -5.34
CA PHE D 347 50.75 -0.27 -6.57
C PHE D 347 49.36 0.28 -6.51
N ASN D 348 49.06 1.25 -7.36
CA ASN D 348 47.71 1.72 -7.48
C ASN D 348 47.12 1.11 -8.71
N LEU D 349 46.12 0.27 -8.53
CA LEU D 349 45.52 -0.40 -9.66
C LEU D 349 44.26 0.33 -9.91
N HIS D 350 44.26 1.19 -10.89
CA HIS D 350 43.13 2.07 -11.07
C HIS D 350 41.98 1.57 -11.89
N THR D 351 42.12 0.46 -12.61
CA THR D 351 40.88 -0.03 -13.26
C THR D 351 40.88 -1.51 -13.59
N VAL D 352 39.67 -2.07 -13.67
CA VAL D 352 39.44 -3.43 -14.11
C VAL D 352 38.24 -3.45 -15.07
N VAL D 353 38.41 -4.10 -16.20
CA VAL D 353 37.35 -4.26 -17.19
C VAL D 353 36.99 -5.73 -17.31
N SER D 354 35.79 -6.08 -16.85
CA SER D 354 35.33 -7.45 -16.96
C SER D 354 35.04 -7.74 -18.43
N LEU D 355 35.70 -8.78 -18.94
CA LEU D 355 35.60 -9.21 -20.32
C LEU D 355 34.85 -10.53 -20.36
N PRO D 356 33.71 -10.55 -21.08
CA PRO D 356 32.75 -11.66 -21.12
C PRO D 356 33.36 -12.95 -21.68
N PRO D 357 32.75 -14.10 -21.38
CA PRO D 357 33.31 -15.36 -21.84
C PRO D 357 33.30 -15.45 -23.37
N GLY D 358 34.29 -16.12 -23.94
CA GLY D 358 34.39 -16.28 -25.37
C GLY D 358 35.07 -15.14 -26.08
N THR D 359 35.59 -14.19 -25.32
CA THR D 359 36.31 -13.11 -25.94
C THR D 359 37.49 -13.73 -26.61
N PHE D 360 38.10 -14.67 -25.93
CA PHE D 360 39.11 -15.48 -26.55
C PHE D 360 38.46 -16.80 -26.83
N ALA D 361 38.01 -16.98 -28.05
CA ALA D 361 37.51 -18.24 -28.47
C ALA D 361 38.10 -18.30 -29.84
N PRO D 362 38.52 -19.52 -30.40
CA PRO D 362 38.07 -20.73 -29.73
C PRO D 362 39.03 -21.19 -28.66
N TYR D 363 40.01 -20.36 -28.35
CA TYR D 363 41.04 -20.79 -27.44
C TYR D 363 40.46 -21.15 -26.10
N SER D 364 39.57 -20.35 -25.55
CA SER D 364 39.16 -20.57 -24.16
C SER D 364 37.70 -20.51 -23.82
N ASP D 365 37.13 -19.32 -23.97
CA ASP D 365 35.81 -18.97 -23.47
C ASP D 365 35.88 -18.58 -22.02
N VAL D 366 37.08 -18.58 -21.47
CA VAL D 366 37.25 -18.20 -20.10
C VAL D 366 36.88 -16.74 -19.99
N LYS D 367 36.23 -16.39 -18.91
CA LYS D 367 36.00 -15.00 -18.56
C LYS D 367 37.34 -14.36 -18.21
N THR D 368 37.58 -13.16 -18.70
CA THR D 368 38.87 -12.53 -18.48
C THR D 368 38.65 -11.13 -17.99
N ALA D 369 39.72 -10.48 -17.53
CA ALA D 369 39.62 -9.10 -17.12
C ALA D 369 40.84 -8.32 -17.56
N LEU D 370 40.61 -7.07 -17.97
CA LEU D 370 41.68 -6.15 -18.24
C LEU D 370 42.04 -5.45 -16.94
N ILE D 371 43.31 -5.48 -16.61
CA ILE D 371 43.80 -4.91 -15.36
C ILE D 371 44.74 -3.79 -15.72
N PHE D 372 44.35 -2.56 -15.40
CA PHE D 372 45.25 -1.44 -15.60
C PHE D 372 45.64 -0.96 -14.22
N PHE D 373 46.89 -1.20 -13.86
CA PHE D 373 47.26 -0.81 -12.52
C PHE D 373 48.33 0.24 -12.52
N GLU D 374 48.18 1.23 -11.61
CA GLU D 374 49.21 2.26 -11.70
C GLU D 374 50.14 2.16 -10.50
N ARG D 375 51.31 2.77 -10.67
CA ARG D 375 52.33 2.93 -9.63
C ARG D 375 52.81 4.32 -9.23
N PRO D 376 51.88 5.22 -8.85
CA PRO D 376 52.30 6.27 -7.92
C PRO D 376 52.54 5.78 -6.50
N GLY D 377 51.66 4.88 -6.02
CA GLY D 377 51.48 4.68 -4.58
C GLY D 377 50.51 3.56 -4.24
N PRO D 378 49.92 3.54 -3.03
CA PRO D 378 48.96 2.51 -2.61
C PRO D 378 47.58 2.63 -3.27
N THR D 379 46.81 1.53 -3.30
CA THR D 379 45.54 1.50 -4.03
C THR D 379 44.36 1.79 -3.13
N LYS D 380 43.63 2.86 -3.47
CA LYS D 380 42.47 3.30 -2.70
C LYS D 380 41.15 2.92 -3.37
N GLU D 381 40.93 3.42 -4.58
CA GLU D 381 39.66 3.16 -5.24
C GLU D 381 39.87 2.56 -6.62
N ILE D 382 38.99 1.63 -6.98
CA ILE D 382 39.14 0.84 -8.20
C ILE D 382 37.92 0.99 -9.08
N TRP D 383 38.12 1.24 -10.36
CA TRP D 383 36.98 1.42 -11.24
C TRP D 383 36.70 0.16 -12.06
N TYR D 384 35.47 -0.30 -11.95
CA TYR D 384 35.03 -1.55 -12.56
C TYR D 384 34.14 -1.26 -13.74
N TYR D 385 34.47 -1.82 -14.89
CA TYR D 385 33.53 -1.76 -16.00
C TYR D 385 33.23 -3.15 -16.53
N GLU D 386 31.99 -3.58 -16.32
CA GLU D 386 31.52 -4.81 -16.94
C GLU D 386 31.30 -4.47 -18.40
N LEU D 387 31.45 -5.44 -19.29
CA LEU D 387 31.28 -5.12 -20.70
C LEU D 387 30.14 -5.97 -21.23
N PRO D 388 29.25 -5.34 -22.00
CA PRO D 388 28.06 -6.01 -22.51
C PRO D 388 28.34 -6.92 -23.70
N LEU D 389 27.69 -8.07 -23.73
CA LEU D 389 27.59 -8.86 -24.94
C LEU D 389 26.42 -8.31 -25.74
N PRO D 390 26.42 -8.50 -27.06
CA PRO D 390 25.16 -8.20 -27.73
C PRO D 390 24.11 -9.14 -27.17
N GLU D 391 22.90 -8.65 -26.91
CA GLU D 391 21.94 -9.43 -26.12
C GLU D 391 21.42 -10.62 -26.90
N GLY D 392 21.73 -10.67 -28.19
CA GLY D 392 21.48 -11.85 -28.99
C GLY D 392 22.32 -13.02 -28.49
N LEU D 393 23.56 -12.73 -28.10
CA LEU D 393 24.54 -13.77 -27.79
C LEU D 393 24.68 -14.08 -26.29
N LYS D 394 24.71 -15.36 -25.94
CA LYS D 394 25.10 -15.77 -24.59
C LYS D 394 26.59 -15.56 -24.34
N LYS D 395 27.40 -15.84 -25.36
CA LYS D 395 28.85 -15.72 -25.27
C LYS D 395 29.45 -15.32 -26.63
N PHE D 396 30.65 -14.75 -26.60
CA PHE D 396 31.37 -14.43 -27.83
C PHE D 396 31.90 -15.70 -28.48
N SER D 397 32.03 -15.67 -29.81
CA SER D 397 32.26 -16.89 -30.58
C SER D 397 33.19 -16.70 -31.78
N LYS D 398 33.61 -17.82 -32.38
CA LYS D 398 34.28 -17.81 -33.67
C LYS D 398 33.40 -17.12 -34.72
N GLY D 399 32.11 -17.42 -34.68
CA GLY D 399 31.13 -16.79 -35.57
C GLY D 399 30.95 -15.31 -35.31
N ASN D 400 30.66 -14.96 -34.05
CA ASN D 400 30.62 -13.56 -33.67
C ASN D 400 31.74 -13.26 -32.68
N PRO D 401 32.81 -12.60 -33.15
CA PRO D 401 33.92 -12.30 -32.25
C PRO D 401 33.78 -10.91 -31.63
N ILE D 402 34.70 -10.57 -30.74
CA ILE D 402 34.73 -9.24 -30.16
C ILE D 402 35.26 -8.24 -31.18
N GLN D 403 34.71 -7.03 -31.16
CA GLN D 403 35.18 -5.97 -32.06
C GLN D 403 35.30 -4.64 -31.33
N ASP D 404 35.90 -3.66 -32.00
CA ASP D 404 36.33 -2.41 -31.39
C ASP D 404 35.21 -1.55 -30.75
N GLU D 405 33.97 -1.73 -31.19
CA GLU D 405 32.82 -0.90 -30.77
C GLU D 405 32.45 -1.01 -29.27
N HIS D 406 32.33 -2.25 -28.82
CA HIS D 406 32.00 -2.54 -27.43
C HIS D 406 33.01 -1.77 -26.55
N PHE D 407 34.25 -1.88 -26.98
CA PHE D 407 35.32 -1.15 -26.37
C PHE D 407 35.19 0.35 -26.56
N GLU D 408 34.55 0.83 -27.63
CA GLU D 408 34.31 2.26 -27.79
C GLU D 408 33.51 2.79 -26.60
N GLU D 409 32.43 2.08 -26.24
CA GLU D 409 31.67 2.53 -25.07
C GLU D 409 32.51 2.49 -23.80
N ALA D 410 33.22 1.36 -23.65
CA ALA D 410 34.15 1.22 -22.53
C ALA D 410 35.11 2.40 -22.47
N ARG D 411 35.52 2.86 -23.66
CA ARG D 411 36.46 3.95 -23.83
C ARG D 411 35.89 5.22 -23.26
N LYS D 412 34.69 5.59 -23.70
CA LYS D 412 34.11 6.84 -23.22
C LYS D 412 33.97 6.83 -21.69
N LEU D 413 33.43 5.75 -21.14
CA LEU D 413 33.30 5.72 -19.68
C LEU D 413 34.66 5.79 -18.99
N TRP D 414 35.67 5.11 -19.54
CA TRP D 414 36.98 5.18 -18.92
C TRP D 414 37.55 6.58 -18.98
N ARG D 415 37.27 7.32 -20.06
CA ARG D 415 37.71 8.71 -20.13
C ARG D 415 37.12 9.44 -18.94
N GLY D 416 35.85 9.15 -18.67
CA GLY D 416 35.20 9.73 -17.51
C GLY D 416 35.95 9.43 -16.22
N TRP D 417 36.26 8.15 -16.02
CA TRP D 417 36.95 7.74 -14.79
C TRP D 417 38.34 8.34 -14.66
N ASP D 418 39.07 8.43 -15.77
CA ASP D 418 40.41 9.00 -15.79
C ASP D 418 40.34 10.46 -15.40
N ALA D 419 39.28 11.13 -15.84
CA ALA D 419 39.07 12.52 -15.45
C ALA D 419 38.84 12.61 -13.95
N TYR D 420 37.95 11.78 -13.43
CA TYR D 420 37.65 11.84 -12.00
C TYR D 420 38.82 11.47 -11.11
N ARG D 421 39.62 10.51 -11.56
CA ARG D 421 40.73 9.99 -10.77
C ARG D 421 41.72 11.10 -10.44
N LYS D 422 41.97 11.97 -11.42
CA LYS D 422 42.84 13.12 -11.23
C LYS D 422 42.04 14.38 -10.89
N GLY D 423 40.74 14.21 -10.67
CA GLY D 423 39.88 15.28 -10.19
C GLY D 423 39.71 16.43 -11.16
N LEU D 424 39.74 16.11 -12.44
CA LEU D 424 39.45 17.09 -13.48
C LEU D 424 38.03 16.96 -14.00
N GLY D 425 37.26 16.04 -13.43
CA GLY D 425 35.92 15.80 -13.91
C GLY D 425 34.97 15.22 -12.88
N PRO D 426 33.66 15.28 -13.16
CA PRO D 426 32.60 14.74 -12.31
C PRO D 426 32.58 13.22 -12.29
N VAL D 427 32.26 12.63 -11.15
CA VAL D 427 32.16 11.18 -11.05
C VAL D 427 31.03 10.64 -11.92
N GLU D 428 29.99 11.45 -12.05
CA GLU D 428 28.77 11.06 -12.75
C GLU D 428 29.04 10.64 -14.18
N ALA D 429 30.14 11.15 -14.73
CA ALA D 429 30.53 10.83 -16.11
C ALA D 429 30.90 9.36 -16.27
N CYS D 430 31.56 8.79 -15.27
CA CYS D 430 32.13 7.45 -15.41
C CYS D 430 31.19 6.32 -14.97
N LEU D 431 30.05 6.69 -14.42
CA LEU D 431 29.17 5.70 -13.86
C LEU D 431 28.07 5.40 -14.79
N SER D 432 27.85 4.12 -14.99
CA SER D 432 26.67 3.66 -15.65
C SER D 432 26.49 2.27 -15.18
N GLU D 433 25.31 1.76 -15.40
CA GLU D 433 24.88 0.55 -14.76
C GLU D 433 25.86 -0.53 -15.08
N ARG D 434 26.56 -0.38 -16.18
CA ARG D 434 27.67 -1.24 -16.48
C ARG D 434 28.97 -0.72 -15.87
N SER D 435 28.94 0.44 -15.21
CA SER D 435 30.14 0.96 -14.57
C SER D 435 29.92 1.17 -13.09
N TRP D 436 30.83 0.71 -12.24
CA TRP D 436 30.73 1.01 -10.82
C TRP D 436 32.07 1.14 -10.17
N ILE D 437 32.13 1.79 -9.02
CA ILE D 437 33.43 1.98 -8.37
C ILE D 437 33.53 1.29 -7.01
N VAL D 438 34.56 0.45 -6.87
CA VAL D 438 34.76 -0.37 -5.68
C VAL D 438 35.94 0.11 -4.86
N PRO D 439 35.69 0.43 -3.58
CA PRO D 439 36.71 0.86 -2.64
C PRO D 439 37.56 -0.32 -2.17
N VAL D 440 38.84 -0.09 -1.89
CA VAL D 440 39.79 -1.18 -1.62
C VAL D 440 39.48 -1.96 -0.34
N GLU D 441 38.99 -1.28 0.70
CA GLU D 441 38.67 -1.95 1.96
C GLU D 441 37.85 -3.19 1.67
N GLU D 442 36.87 -3.08 0.79
CA GLU D 442 35.93 -4.18 0.62
C GLU D 442 36.58 -5.33 -0.13
N VAL D 443 37.52 -5.04 -1.04
CA VAL D 443 38.24 -6.12 -1.72
C VAL D 443 39.17 -6.81 -0.73
N LYS D 444 39.62 -6.10 0.31
CA LYS D 444 40.42 -6.78 1.32
C LYS D 444 39.53 -7.59 2.28
N LYS D 445 38.30 -7.14 2.52
CA LYS D 445 37.34 -7.94 3.30
C LYS D 445 36.96 -9.22 2.58
N ARG D 446 37.01 -9.21 1.26
CA ARG D 446 36.59 -10.35 0.44
C ARG D 446 37.75 -11.32 0.20
N GLY D 447 38.87 -11.10 0.88
CA GLY D 447 40.03 -11.95 0.74
C GLY D 447 40.70 -11.75 -0.61
N TYR D 448 40.71 -10.50 -1.05
CA TYR D 448 41.36 -10.07 -2.30
C TYR D 448 40.71 -10.74 -3.51
N ASP D 449 39.38 -10.78 -3.52
CA ASP D 449 38.67 -11.25 -4.69
C ASP D 449 38.36 -10.03 -5.55
N LEU D 450 39.04 -9.95 -6.68
CA LEU D 450 38.94 -8.80 -7.56
C LEU D 450 37.90 -9.03 -8.66
N THR D 451 37.20 -10.15 -8.59
CA THR D 451 36.19 -10.48 -9.57
C THR D 451 35.09 -9.42 -9.60
N ALA D 452 34.49 -9.22 -10.77
CA ALA D 452 33.50 -8.17 -10.95
C ALA D 452 32.17 -8.56 -10.35
N ARG D 453 31.70 -7.73 -9.42
CA ARG D 453 30.35 -7.88 -8.90
C ARG D 453 29.61 -6.58 -9.10
N ASN D 454 28.66 -6.62 -10.01
CA ASN D 454 27.96 -5.44 -10.44
C ASN D 454 26.75 -5.27 -9.59
N PRO D 455 26.74 -4.10 -8.80
CA PRO D 455 25.60 -4.06 -7.90
C PRO D 455 24.30 -4.05 -8.65
N ASN D 456 24.27 -3.25 -9.70
CA ASN D 456 23.04 -2.95 -10.39
C ASN D 456 22.77 -4.01 -11.43
N ARG D 457 22.80 -5.26 -11.00
CA ARG D 457 22.66 -6.39 -11.90
C ARG D 457 22.09 -7.61 -11.21
N SER D 458 21.56 -8.54 -11.99
CA SER D 458 21.01 -9.75 -11.45
C SER D 458 22.03 -10.28 -10.49
N GLY D 459 21.57 -10.79 -9.37
CA GLY D 459 22.47 -11.24 -8.34
C GLY D 459 23.31 -12.35 -8.91
N GLY D 460 22.81 -13.00 -9.96
CA GLY D 460 23.50 -14.16 -10.47
C GLY D 460 24.91 -13.79 -10.84
N GLU D 461 25.84 -14.60 -10.35
CA GLU D 461 27.26 -14.39 -10.57
C GLU D 461 27.82 -15.43 -11.51
N GLU D 462 26.96 -16.28 -12.04
CA GLU D 462 27.38 -17.23 -13.06
C GLU D 462 28.58 -18.05 -12.62
N LEU D 463 28.56 -18.55 -11.38
CA LEU D 463 29.63 -19.40 -10.92
C LEU D 463 29.61 -20.75 -11.59
N PRO D 464 30.85 -21.38 -11.64
CA PRO D 464 30.82 -22.66 -12.36
C PRO D 464 30.14 -23.68 -11.49
N SER D 465 29.73 -24.80 -12.05
CA SER D 465 28.91 -25.73 -11.31
C SER D 465 29.75 -26.30 -10.22
N PRO D 466 29.04 -26.87 -9.15
CA PRO D 466 29.91 -27.28 -8.04
C PRO D 466 30.95 -28.28 -8.46
N VAL D 467 30.59 -29.18 -9.35
CA VAL D 467 31.41 -30.34 -9.57
C VAL D 467 32.79 -29.91 -10.00
N GLU D 468 32.89 -28.89 -10.80
CA GLU D 468 34.20 -28.49 -11.31
C GLU D 468 35.05 -27.96 -10.16
N ILE D 469 34.38 -27.24 -9.26
CA ILE D 469 35.01 -26.69 -8.07
C ILE D 469 35.59 -27.82 -7.22
N VAL D 470 34.77 -28.83 -6.96
CA VAL D 470 35.22 -29.93 -6.12
C VAL D 470 36.33 -30.69 -6.85
N ALA D 471 36.30 -30.72 -8.17
CA ALA D 471 37.35 -31.39 -8.95
C ALA D 471 38.74 -30.73 -8.78
N GLY D 472 38.79 -29.42 -9.02
CA GLY D 472 40.05 -28.70 -8.88
C GLY D 472 40.53 -28.80 -7.44
N LEU D 473 39.56 -28.68 -6.54
CA LEU D 473 39.80 -28.83 -5.11
C LEU D 473 40.44 -30.19 -4.79
N LEU D 474 40.00 -31.22 -5.50
CA LEU D 474 40.53 -32.57 -5.33
C LEU D 474 42.00 -32.61 -5.73
N GLU D 475 42.27 -32.15 -6.96
CA GLU D 475 43.60 -32.30 -7.51
C GLU D 475 44.61 -31.51 -6.67
N LYS D 476 44.20 -30.36 -6.13
CA LYS D 476 45.18 -29.63 -5.35
C LYS D 476 45.20 -30.13 -3.90
N GLU D 477 44.17 -30.87 -3.49
CA GLU D 477 44.24 -31.54 -2.19
C GLU D 477 45.27 -32.68 -2.20
N ARG D 478 45.28 -33.46 -3.27
CA ARG D 478 46.25 -34.54 -3.30
C ARG D 478 47.61 -33.92 -3.63
N GLU D 479 47.61 -32.72 -4.22
CA GLU D 479 48.85 -31.95 -4.32
C GLU D 479 49.39 -31.67 -2.91
N ILE D 480 48.48 -31.33 -2.00
CA ILE D 480 48.85 -31.10 -0.61
C ILE D 480 49.43 -32.38 -0.01
N LEU D 481 48.80 -33.52 -0.31
CA LEU D 481 49.34 -34.79 0.17
C LEU D 481 50.76 -35.02 -0.32
N SER D 482 51.00 -34.73 -1.60
CA SER D 482 52.34 -34.88 -2.17
C SER D 482 53.34 -33.98 -1.43
N ILE D 483 52.91 -32.76 -1.13
CA ILE D 483 53.74 -31.80 -0.41
C ILE D 483 54.13 -32.36 0.96
N MET D 484 53.16 -32.92 1.68
CA MET D 484 53.43 -33.50 3.00
C MET D 484 54.32 -34.74 2.93
N GLU D 485 54.12 -35.54 1.89
CA GLU D 485 54.93 -36.73 1.68
C GLU D 485 56.37 -36.27 1.57
N GLU D 486 56.58 -35.21 0.80
CA GLU D 486 57.89 -34.61 0.63
C GLU D 486 58.45 -34.08 1.95
N LEU D 487 57.58 -33.45 2.73
CA LEU D 487 57.96 -32.90 4.01
C LEU D 487 58.52 -33.97 4.96
N SER D 488 57.82 -35.09 5.08
CA SER D 488 58.26 -36.07 6.06
C SER D 488 59.44 -36.88 5.53
N GLU D 489 59.47 -37.10 4.21
CA GLU D 489 60.66 -37.71 3.59
C GLU D 489 61.89 -36.88 3.93
N LEU D 490 61.76 -35.56 3.83
CA LEU D 490 62.91 -34.68 4.02
C LEU D 490 63.24 -34.58 5.51
N LEU D 491 62.22 -34.70 6.37
CA LEU D 491 62.48 -34.55 7.80
C LEU D 491 63.12 -35.76 8.45
N GLU D 492 62.83 -36.97 7.95
CA GLU D 492 63.63 -38.10 8.43
C GLU D 492 64.88 -38.36 7.58
N ASN D 493 64.93 -37.81 6.37
CA ASN D 493 66.12 -37.94 5.54
C ASN D 493 67.29 -37.19 6.15
N GLU D 494 67.05 -35.94 6.53
CA GLU D 494 68.11 -35.09 7.12
C GLU D 494 68.37 -35.34 8.64
N LYS D 495 67.77 -36.38 9.20
CA LYS D 495 68.03 -36.76 10.61
C LYS D 495 69.49 -37.22 10.86
N GLY D 496 70.13 -36.69 11.90
CA GLY D 496 71.50 -37.03 12.21
C GLY D 496 71.63 -38.40 12.85
N SER E 465 58.82 -33.21 18.62
CA SER E 465 57.53 -33.73 18.20
C SER E 465 57.34 -33.46 16.72
N PRO E 466 58.47 -33.00 16.04
CA PRO E 466 58.14 -32.48 14.71
C PRO E 466 57.60 -33.54 13.82
N VAL E 467 58.21 -34.70 13.82
CA VAL E 467 57.83 -35.73 12.88
C VAL E 467 56.43 -36.25 13.09
N GLU E 468 56.02 -36.37 14.34
CA GLU E 468 54.71 -36.93 14.61
C GLU E 468 53.65 -36.05 14.04
N ILE E 469 53.87 -34.76 14.15
CA ILE E 469 52.84 -33.82 13.78
C ILE E 469 52.46 -33.87 12.32
N VAL E 470 53.45 -33.99 11.47
CA VAL E 470 53.18 -34.07 10.06
C VAL E 470 52.36 -35.32 9.87
N ALA E 471 52.73 -36.36 10.60
CA ALA E 471 52.00 -37.60 10.53
C ALA E 471 50.55 -37.32 10.76
N GLY E 472 50.25 -36.85 11.94
CA GLY E 472 48.87 -36.59 12.29
C GLY E 472 48.27 -35.64 11.28
N LEU E 473 49.06 -34.63 10.88
CA LEU E 473 48.64 -33.65 9.89
C LEU E 473 48.25 -34.36 8.61
N LEU E 474 49.07 -35.36 8.26
CA LEU E 474 48.86 -36.12 7.05
C LEU E 474 47.55 -36.88 7.18
N GLU E 475 47.29 -37.41 8.37
CA GLU E 475 46.03 -38.13 8.60
C GLU E 475 44.82 -37.22 8.39
N LYS E 476 44.90 -36.00 8.93
CA LYS E 476 43.79 -35.05 8.75
C LYS E 476 43.61 -34.78 7.26
N GLU E 477 44.72 -34.73 6.54
CA GLU E 477 44.68 -34.45 5.12
C GLU E 477 44.00 -35.56 4.31
N ARG E 478 44.30 -36.82 4.61
CA ARG E 478 43.71 -37.88 3.79
C ARG E 478 42.25 -38.04 4.20
N GLU E 479 41.94 -37.61 5.42
CA GLU E 479 40.56 -37.61 5.87
C GLU E 479 39.75 -36.56 5.12
N ILE E 480 40.27 -35.34 5.06
CA ILE E 480 39.65 -34.25 4.32
C ILE E 480 39.43 -34.65 2.87
N LEU E 481 40.45 -35.27 2.29
CA LEU E 481 40.35 -35.70 0.91
C LEU E 481 39.19 -36.69 0.78
N SER E 482 39.12 -37.68 1.67
CA SER E 482 38.01 -38.63 1.65
C SER E 482 36.66 -37.92 1.68
N ILE E 483 36.51 -36.94 2.59
CA ILE E 483 35.26 -36.21 2.73
C ILE E 483 34.90 -35.54 1.41
N MET E 484 35.89 -34.99 0.73
CA MET E 484 35.60 -34.21 -0.45
C MET E 484 35.43 -35.11 -1.71
N GLU E 485 35.89 -36.37 -1.67
CA GLU E 485 35.53 -37.27 -2.78
C GLU E 485 34.19 -37.91 -2.54
N GLU E 486 33.71 -37.89 -1.31
CA GLU E 486 32.32 -38.25 -1.09
C GLU E 486 31.43 -37.08 -1.49
N LEU E 487 31.97 -35.87 -1.33
CA LEU E 487 31.26 -34.68 -1.79
C LEU E 487 31.08 -34.75 -3.31
N SER E 488 32.16 -35.03 -4.03
CA SER E 488 32.06 -35.16 -5.47
C SER E 488 31.16 -36.34 -5.81
N GLU E 489 31.26 -37.40 -5.02
CA GLU E 489 30.42 -38.59 -5.20
C GLU E 489 28.93 -38.23 -5.27
N LEU E 490 28.46 -37.44 -4.32
CA LEU E 490 27.04 -37.15 -4.28
C LEU E 490 26.73 -35.94 -5.18
N LEU E 491 27.75 -35.30 -5.74
CA LEU E 491 27.48 -34.19 -6.66
C LEU E 491 27.35 -34.40 -8.17
N GLU E 492 27.46 -35.61 -8.70
CA GLU E 492 26.48 -35.85 -9.76
C GLU E 492 25.90 -37.25 -9.85
N ASN E 493 24.56 -37.37 -9.78
CA ASN E 493 23.61 -36.23 -9.63
C ASN E 493 23.75 -35.01 -10.59
N GLU E 494 23.83 -33.76 -10.09
CA GLU E 494 23.98 -32.56 -11.05
C GLU E 494 23.13 -32.64 -12.36
N PRO F 5 14.43 -11.58 -15.02
CA PRO F 5 15.43 -11.24 -14.00
C PRO F 5 16.51 -12.27 -14.15
N TYR F 6 16.11 -13.49 -14.47
CA TYR F 6 16.53 -14.84 -14.16
C TYR F 6 16.03 -15.54 -15.40
N LYS F 7 16.09 -16.87 -15.42
CA LYS F 7 15.27 -17.72 -16.26
C LYS F 7 14.90 -18.75 -15.24
N LEU F 8 13.71 -19.30 -15.30
CA LEU F 8 13.33 -20.25 -14.26
C LEU F 8 12.62 -21.48 -14.83
N PRO F 9 12.76 -22.62 -14.13
CA PRO F 9 12.11 -23.88 -14.50
C PRO F 9 10.58 -23.79 -14.40
N PRO F 10 9.86 -24.72 -15.06
CA PRO F 10 8.42 -24.58 -15.31
C PRO F 10 7.59 -24.33 -14.04
N GLY F 11 7.88 -25.07 -12.97
CA GLY F 11 7.17 -24.92 -11.72
C GLY F 11 7.41 -23.56 -11.08
N TRP F 12 8.64 -23.09 -11.13
CA TRP F 12 9.03 -21.90 -10.37
C TRP F 12 8.27 -20.64 -10.76
N ARG F 13 8.02 -19.81 -9.75
CA ARG F 13 7.33 -18.55 -9.92
C ARG F 13 8.18 -17.47 -9.23
N TRP F 14 8.13 -16.25 -9.72
CA TRP F 14 8.88 -15.21 -9.03
C TRP F 14 7.87 -14.45 -8.22
N VAL F 15 8.11 -14.30 -6.93
CA VAL F 15 7.18 -13.56 -6.11
C VAL F 15 7.94 -12.74 -5.11
N ARG F 16 7.41 -11.59 -4.76
CA ARG F 16 8.08 -10.77 -3.78
C ARG F 16 8.07 -11.52 -2.45
N LEU F 17 9.18 -11.44 -1.76
CA LEU F 17 9.34 -12.09 -0.47
C LEU F 17 8.10 -11.91 0.36
N GLY F 18 7.56 -10.72 0.32
CA GLY F 18 6.43 -10.38 1.16
C GLY F 18 5.22 -11.23 0.84
N GLU F 19 5.03 -11.52 -0.44
CA GLU F 19 3.83 -12.18 -0.87
C GLU F 19 3.77 -13.48 -0.16
N VAL F 20 4.92 -14.12 -0.03
CA VAL F 20 4.99 -15.28 0.80
C VAL F 20 5.44 -14.85 2.17
N CYS F 21 4.48 -14.70 3.06
CA CYS F 21 4.77 -14.39 4.45
C CYS F 21 3.45 -14.36 5.17
N LEU F 22 3.51 -14.35 6.49
CA LEU F 22 2.31 -14.11 7.26
C LEU F 22 2.48 -12.76 7.96
N PRO F 23 1.36 -12.10 8.28
CA PRO F 23 1.49 -10.88 9.05
C PRO F 23 2.11 -11.26 10.39
N THR F 24 2.91 -10.40 10.99
CA THR F 24 3.50 -10.80 12.25
C THR F 24 3.35 -9.74 13.35
N GLU F 25 3.19 -10.27 14.56
CA GLU F 25 2.82 -9.51 15.75
C GLU F 25 4.02 -8.84 16.40
N ARG F 26 3.76 -7.79 17.15
CA ARG F 26 4.75 -7.29 18.11
C ARG F 26 4.02 -6.95 19.38
N ARG F 27 4.61 -7.26 20.52
CA ARG F 27 3.94 -7.02 21.79
C ARG F 27 4.90 -6.41 22.79
N ASP F 28 4.34 -5.81 23.83
CA ASP F 28 5.10 -5.11 24.85
C ASP F 28 5.14 -5.95 26.12
N PRO F 29 6.33 -6.47 26.48
CA PRO F 29 6.52 -7.29 27.67
C PRO F 29 6.35 -6.54 28.99
N THR F 30 6.50 -5.21 28.99
CA THR F 30 6.32 -4.42 30.21
C THR F 30 4.85 -4.41 30.63
N LYS F 31 3.96 -4.81 29.73
CA LYS F 31 2.56 -5.03 30.05
C LYS F 31 2.37 -6.25 30.96
N ASN F 32 3.37 -7.13 30.96
CA ASN F 32 3.45 -8.25 31.88
C ASN F 32 4.75 -8.15 32.67
N PRO F 33 4.82 -7.20 33.60
CA PRO F 33 6.08 -6.83 34.25
C PRO F 33 6.76 -7.95 35.04
N SER F 34 5.97 -8.86 35.61
CA SER F 34 6.54 -9.95 36.39
C SER F 34 6.68 -11.24 35.60
N THR F 35 6.36 -11.20 34.32
CA THR F 35 6.46 -12.38 33.48
C THR F 35 7.76 -12.39 32.69
N TYR F 36 8.56 -13.44 32.90
CA TYR F 36 9.85 -13.54 32.22
C TYR F 36 9.65 -13.89 30.75
N PHE F 37 10.59 -13.47 29.91
CA PHE F 37 10.57 -13.81 28.49
C PHE F 37 12.00 -14.04 28.01
N VAL F 38 12.16 -14.74 26.88
CA VAL F 38 13.50 -14.89 26.32
C VAL F 38 13.68 -13.87 25.21
N TYR F 39 14.74 -13.08 25.34
CA TYR F 39 15.07 -12.03 24.40
C TYR F 39 16.22 -12.42 23.48
N VAL F 40 16.06 -12.09 22.20
CA VAL F 40 17.05 -12.37 21.18
C VAL F 40 17.51 -11.08 20.50
N ASP F 41 18.81 -10.83 20.51
CA ASP F 41 19.37 -9.66 19.87
C ASP F 41 20.48 -10.08 18.94
N ILE F 42 20.93 -9.17 18.07
CA ILE F 42 21.89 -9.52 17.03
C ILE F 42 23.15 -10.15 17.60
N SER F 43 23.52 -9.74 18.81
CA SER F 43 24.68 -10.30 19.49
C SER F 43 24.44 -11.75 19.89
N ALA F 44 23.17 -12.15 19.93
CA ALA F 44 22.82 -13.50 20.37
C ALA F 44 22.92 -14.49 19.22
N ILE F 45 23.28 -14.01 18.03
CA ILE F 45 23.37 -14.87 16.86
C ILE F 45 24.80 -15.18 16.47
N ASP F 46 25.07 -16.43 16.13
CA ASP F 46 26.35 -16.82 15.58
C ASP F 46 26.26 -16.63 14.09
N SER F 47 27.06 -15.69 13.57
CA SER F 47 27.02 -15.30 12.18
C SER F 47 27.38 -16.46 11.24
N THR F 48 28.33 -17.28 11.69
CA THR F 48 28.88 -18.33 10.86
C THR F 48 27.84 -19.39 10.52
N VAL F 49 27.19 -19.94 11.54
CA VAL F 49 26.25 -21.03 11.30
C VAL F 49 24.79 -20.57 11.23
N GLY F 50 24.54 -19.28 11.47
CA GLY F 50 23.19 -18.76 11.43
C GLY F 50 22.23 -19.42 12.42
N LYS F 51 22.59 -19.38 13.70
CA LYS F 51 21.79 -19.96 14.78
C LYS F 51 21.65 -18.96 15.93
N ILE F 52 20.64 -19.13 16.78
CA ILE F 52 20.59 -18.33 18.00
C ILE F 52 21.28 -19.14 19.09
N VAL F 53 22.50 -18.76 19.47
CA VAL F 53 23.26 -19.53 20.45
C VAL F 53 23.21 -18.94 21.86
N SER F 54 22.82 -17.67 21.98
CA SER F 54 22.89 -17.03 23.30
C SER F 54 21.74 -16.06 23.57
N PRO F 55 20.52 -16.59 23.71
CA PRO F 55 19.41 -15.73 24.12
C PRO F 55 19.64 -15.27 25.56
N LYS F 56 18.95 -14.22 25.99
CA LYS F 56 19.02 -13.85 27.40
C LYS F 56 17.61 -13.76 27.98
N GLU F 57 17.41 -14.34 29.15
CA GLU F 57 16.09 -14.35 29.75
C GLU F 57 15.95 -13.10 30.60
N ILE F 58 14.90 -12.33 30.37
CA ILE F 58 14.72 -11.04 31.00
C ILE F 58 13.34 -10.95 31.65
N LEU F 59 13.26 -10.27 32.79
CA LEU F 59 11.97 -9.99 33.40
C LEU F 59 11.25 -8.99 32.52
N GLY F 60 9.93 -9.13 32.38
CA GLY F 60 9.16 -8.25 31.51
C GLY F 60 9.29 -6.78 31.88
N GLN F 61 9.66 -6.53 33.12
CA GLN F 61 9.81 -5.16 33.64
C GLN F 61 11.08 -4.49 33.13
N HIS F 62 12.14 -5.29 33.02
CA HIS F 62 13.46 -4.78 32.65
C HIS F 62 13.68 -4.82 31.13
N ALA F 63 12.63 -5.15 30.41
CA ALA F 63 12.69 -5.27 28.95
C ALA F 63 13.20 -4.00 28.28
N PRO F 64 14.23 -4.15 27.44
CA PRO F 64 14.77 -3.04 26.65
C PRO F 64 13.74 -2.49 25.67
N SER F 65 13.92 -1.23 25.26
CA SER F 65 12.95 -0.58 24.38
C SER F 65 12.84 -1.30 23.04
N ARG F 66 13.92 -1.95 22.66
CA ARG F 66 14.00 -2.66 21.41
C ARG F 66 13.19 -3.90 21.35
N ALA F 67 12.87 -4.46 22.51
CA ALA F 67 12.27 -5.78 22.57
C ALA F 67 10.78 -5.71 22.35
N ARG F 68 10.36 -5.60 21.10
CA ARG F 68 8.96 -5.54 20.82
C ARG F 68 8.48 -6.54 19.81
N LYS F 69 9.33 -7.42 19.35
CA LYS F 69 8.97 -8.24 18.22
C LYS F 69 8.88 -9.68 18.58
N VAL F 70 7.84 -10.35 18.15
CA VAL F 70 7.53 -11.68 18.61
C VAL F 70 7.89 -12.74 17.61
N ILE F 71 8.65 -13.72 18.04
CA ILE F 71 9.14 -14.76 17.14
C ILE F 71 8.44 -16.07 17.37
N ARG F 72 8.43 -16.91 16.35
CA ARG F 72 7.74 -18.19 16.45
C ARG F 72 8.49 -19.27 15.69
N SER F 73 8.14 -20.53 15.94
CA SER F 73 8.88 -21.64 15.35
C SER F 73 8.82 -21.56 13.83
N GLY F 74 9.99 -21.64 13.19
CA GLY F 74 10.09 -21.54 11.75
C GLY F 74 10.29 -20.13 11.26
N ASP F 75 10.18 -19.16 12.15
CA ASP F 75 10.37 -17.79 11.75
C ASP F 75 11.83 -17.61 11.35
N VAL F 76 12.07 -16.81 10.33
CA VAL F 76 13.44 -16.45 9.97
C VAL F 76 13.66 -15.03 10.37
N ILE F 77 14.64 -14.80 11.23
CA ILE F 77 14.91 -13.43 11.65
C ILE F 77 16.12 -12.95 10.85
N PHE F 78 15.95 -11.81 10.21
CA PHE F 78 16.95 -11.28 9.29
C PHE F 78 17.29 -9.86 9.73
N ALA F 79 18.50 -9.65 10.26
CA ALA F 79 18.85 -8.37 10.83
C ALA F 79 18.88 -7.28 9.76
N THR F 80 18.31 -6.12 10.06
CA THR F 80 18.24 -5.04 9.09
C THR F 80 19.41 -4.08 9.21
N THR F 81 20.19 -4.22 10.28
CA THR F 81 21.37 -3.40 10.49
C THR F 81 22.59 -4.12 9.94
N ARG F 82 23.17 -3.58 8.87
CA ARG F 82 24.27 -4.24 8.18
C ARG F 82 23.92 -5.68 7.83
N PRO F 83 23.01 -5.90 6.87
CA PRO F 83 22.72 -7.32 6.71
C PRO F 83 23.66 -8.02 5.74
N TYR F 84 24.93 -7.65 5.76
CA TYR F 84 25.94 -8.38 5.04
C TYR F 84 26.78 -9.22 5.99
N LEU F 85 26.50 -9.08 7.29
CA LEU F 85 27.20 -9.85 8.31
C LEU F 85 26.52 -11.18 8.52
N LYS F 86 25.45 -11.41 7.78
CA LYS F 86 24.71 -12.66 7.83
C LYS F 86 24.25 -13.01 9.23
N ASN F 87 23.70 -12.04 9.97
CA ASN F 87 23.05 -12.40 11.19
C ASN F 87 21.63 -12.71 10.76
N ILE F 88 21.35 -13.99 10.59
CA ILE F 88 20.07 -14.48 10.14
C ILE F 88 19.91 -15.80 10.82
N ALA F 89 18.71 -16.09 11.31
CA ALA F 89 18.57 -17.32 12.06
C ALA F 89 17.19 -17.92 11.90
N LEU F 90 17.14 -19.23 12.08
CA LEU F 90 15.89 -19.96 12.04
C LEU F 90 15.47 -20.21 13.50
N VAL F 91 14.27 -19.78 13.85
CA VAL F 91 13.82 -19.86 15.24
C VAL F 91 13.38 -21.26 15.65
N PRO F 92 14.02 -21.82 16.69
CA PRO F 92 13.70 -23.14 17.22
C PRO F 92 12.38 -23.15 17.98
N PRO F 93 11.76 -24.33 18.14
CA PRO F 93 10.51 -24.43 18.89
C PRO F 93 10.65 -23.91 20.32
N ASP F 94 11.85 -23.99 20.88
CA ASP F 94 12.10 -23.53 22.25
C ASP F 94 11.86 -22.03 22.38
N LEU F 95 12.09 -21.31 21.29
CA LEU F 95 11.92 -19.85 21.26
C LEU F 95 10.59 -19.39 20.68
N ASP F 96 9.67 -20.32 20.44
CA ASP F 96 8.39 -19.99 19.81
C ASP F 96 7.62 -18.91 20.55
N GLY F 97 6.98 -18.01 19.80
CA GLY F 97 6.16 -16.98 20.38
C GLY F 97 6.97 -16.04 21.25
N GLN F 98 7.99 -15.39 20.70
CA GLN F 98 8.89 -14.67 21.65
C GLN F 98 9.50 -13.37 21.15
N ILE F 99 10.08 -12.62 22.07
CA ILE F 99 10.42 -11.28 21.61
C ILE F 99 11.90 -11.08 21.41
N CYS F 100 12.19 -10.33 20.36
CA CYS F 100 13.55 -10.05 19.96
C CYS F 100 13.67 -8.57 19.65
N SER F 101 14.83 -8.20 19.14
CA SER F 101 15.14 -6.82 18.80
C SER F 101 14.56 -6.38 17.46
N THR F 102 13.99 -5.18 17.46
CA THR F 102 13.30 -4.61 16.33
C THR F 102 14.21 -4.47 15.11
N GLY F 103 15.52 -4.57 15.34
CA GLY F 103 16.49 -4.57 14.28
C GLY F 103 16.44 -5.81 13.42
N PHE F 104 15.57 -6.74 13.79
CA PHE F 104 15.30 -7.94 13.02
C PHE F 104 14.09 -7.75 12.11
N CYS F 105 14.12 -8.41 10.96
CA CYS F 105 12.96 -8.57 10.10
C CYS F 105 12.40 -9.96 10.33
N VAL F 106 11.15 -10.06 10.76
CA VAL F 106 10.56 -11.37 11.00
C VAL F 106 9.92 -11.92 9.73
N ILE F 107 10.36 -13.11 9.33
CA ILE F 107 9.80 -13.76 8.15
C ILE F 107 9.05 -15.02 8.57
N ARG F 108 7.72 -14.94 8.51
CA ARG F 108 6.87 -16.07 8.84
C ARG F 108 6.39 -16.67 7.56
N ALA F 109 6.95 -17.82 7.21
CA ALA F 109 6.58 -18.47 5.97
C ALA F 109 5.22 -19.13 6.13
N ASN F 110 4.30 -18.86 5.22
CA ASN F 110 3.04 -19.60 5.27
C ASN F 110 3.19 -20.86 4.42
N ARG F 111 3.00 -21.99 5.08
CA ARG F 111 3.43 -23.27 4.56
C ARG F 111 2.65 -23.69 3.32
N GLU F 112 1.57 -22.98 3.02
CA GLU F 112 0.88 -23.17 1.75
C GLU F 112 1.85 -22.94 0.60
N PHE F 113 2.60 -21.85 0.69
CA PHE F 113 3.53 -21.47 -0.36
C PHE F 113 4.97 -21.84 -0.01
N ALA F 114 5.48 -21.29 1.09
CA ALA F 114 6.88 -21.52 1.45
C ALA F 114 7.04 -22.19 2.81
N GLU F 115 7.89 -23.21 2.81
CA GLU F 115 8.41 -23.87 3.99
C GLU F 115 9.63 -23.03 4.45
N PRO F 116 9.81 -22.83 5.77
CA PRO F 116 10.80 -21.85 6.25
C PRO F 116 12.29 -22.09 5.98
N GLU F 117 12.79 -23.32 6.09
CA GLU F 117 14.23 -23.55 5.96
C GLU F 117 14.78 -23.13 4.60
N PHE F 118 14.00 -23.36 3.55
CA PHE F 118 14.37 -22.87 2.24
C PHE F 118 14.59 -21.36 2.29
N LEU F 119 13.66 -20.63 2.89
CA LEU F 119 13.76 -19.18 3.01
C LEU F 119 14.99 -18.74 3.82
N PHE F 120 15.30 -19.53 4.86
CA PHE F 120 16.51 -19.31 5.66
C PHE F 120 17.75 -19.38 4.81
N HIS F 121 17.82 -20.45 4.05
CA HIS F 121 18.93 -20.74 3.14
C HIS F 121 19.00 -19.77 1.94
N LEU F 122 17.86 -19.14 1.60
CA LEU F 122 17.78 -18.10 0.61
C LEU F 122 18.39 -16.82 1.17
N CYS F 123 17.91 -16.44 2.34
CA CYS F 123 18.43 -15.26 3.05
C CYS F 123 19.88 -15.44 3.42
N ARG F 124 20.25 -16.67 3.78
CA ARG F 124 21.61 -16.97 4.16
C ARG F 124 22.56 -16.73 2.99
N SER F 125 22.04 -16.87 1.77
CA SER F 125 22.82 -16.66 0.56
C SER F 125 23.02 -15.17 0.26
N ASP F 126 24.03 -14.88 -0.55
CA ASP F 126 24.34 -13.50 -0.93
C ASP F 126 23.27 -12.93 -1.87
N PHE F 127 22.34 -13.78 -2.29
CA PHE F 127 21.27 -13.42 -3.22
C PHE F 127 20.45 -12.21 -2.77
N ILE F 128 19.69 -12.40 -1.70
CA ILE F 128 18.80 -11.37 -1.16
C ILE F 128 19.58 -10.14 -0.71
N THR F 129 20.76 -10.33 -0.12
CA THR F 129 21.54 -9.21 0.37
C THR F 129 22.11 -8.39 -0.80
N ASN F 130 22.32 -9.05 -1.93
CA ASN F 130 22.73 -8.36 -3.14
C ASN F 130 21.55 -7.63 -3.78
N GLN F 131 20.35 -8.18 -3.63
CA GLN F 131 19.15 -7.44 -3.99
C GLN F 131 19.08 -6.17 -3.17
N LEU F 132 19.45 -6.30 -1.90
CA LEU F 132 19.42 -5.15 -1.02
C LEU F 132 20.46 -4.13 -1.47
N THR F 133 21.63 -4.58 -1.94
CA THR F 133 22.61 -3.62 -2.44
C THR F 133 22.14 -2.94 -3.73
N ALA F 134 21.44 -3.68 -4.59
CA ALA F 134 20.92 -3.14 -5.85
C ALA F 134 19.92 -2.00 -5.58
N SER F 135 19.11 -2.18 -4.55
CA SER F 135 18.18 -1.16 -4.05
C SER F 135 18.88 -0.39 -2.94
N LYS F 136 18.11 0.39 -2.17
CA LYS F 136 18.62 1.13 -1.00
C LYS F 136 19.82 2.03 -1.36
N MET F 137 20.84 1.90 -0.53
CA MET F 137 22.22 2.22 -0.82
C MET F 137 22.86 1.23 -1.79
N ARG F 138 23.56 1.79 -2.78
CA ARG F 138 24.58 1.06 -3.50
C ARG F 138 25.85 1.32 -2.69
N GLY F 139 26.26 2.58 -2.71
CA GLY F 139 27.35 3.14 -1.92
C GLY F 139 27.02 4.19 -0.85
N THR F 140 25.74 4.31 -0.46
CA THR F 140 25.22 5.54 0.17
C THR F 140 25.36 5.66 1.70
N SER F 141 26.27 4.90 2.29
CA SER F 141 26.85 5.26 3.60
C SER F 141 26.05 4.84 4.83
N TYR F 142 24.82 4.38 4.63
CA TYR F 142 23.98 4.00 5.77
C TYR F 142 23.91 2.49 5.83
N PRO F 143 24.20 1.91 7.01
CA PRO F 143 24.31 0.47 7.19
C PRO F 143 22.99 -0.29 7.16
N ALA F 144 21.87 0.40 7.32
CA ALA F 144 20.62 -0.31 7.59
C ALA F 144 19.52 -0.06 6.55
N VAL F 145 18.57 -0.99 6.51
CA VAL F 145 17.43 -0.92 5.61
C VAL F 145 16.13 -1.17 6.37
N THR F 146 15.02 -0.67 5.82
CA THR F 146 13.72 -0.89 6.43
C THR F 146 13.25 -2.33 6.25
N ASP F 147 12.30 -2.75 7.09
CA ASP F 147 11.72 -4.08 6.99
C ASP F 147 11.05 -4.31 5.64
N ASN F 148 10.45 -3.26 5.08
CA ASN F 148 9.68 -3.39 3.86
C ASN F 148 10.53 -3.50 2.59
N ASP F 149 11.82 -3.14 2.64
CA ASP F 149 12.69 -3.49 1.54
C ASP F 149 12.89 -5.00 1.55
N VAL F 150 13.15 -5.52 2.74
CA VAL F 150 13.39 -6.93 2.93
C VAL F 150 12.09 -7.68 2.62
N TYR F 151 10.96 -6.98 2.67
CA TYR F 151 9.70 -7.53 2.15
C TYR F 151 9.46 -7.31 0.64
N ASN F 152 10.17 -6.38 0.01
CA ASN F 152 10.02 -6.17 -1.45
C ASN F 152 11.08 -6.74 -2.42
N THR F 153 12.17 -7.35 -1.94
CA THR F 153 13.21 -7.95 -2.80
C THR F 153 12.87 -9.24 -3.53
N LEU F 154 13.00 -9.34 -4.85
CA LEU F 154 12.49 -10.52 -5.54
C LEU F 154 13.16 -11.84 -5.10
N ILE F 155 12.41 -12.95 -5.08
CA ILE F 155 12.98 -14.28 -4.84
C ILE F 155 12.31 -15.34 -5.72
N PRO F 156 13.05 -16.36 -6.15
CA PRO F 156 12.30 -17.43 -6.82
C PRO F 156 11.49 -18.24 -5.80
N LEU F 157 10.22 -18.53 -6.09
CA LEU F 157 9.51 -19.48 -5.26
C LEU F 157 9.57 -20.79 -6.01
N PRO F 158 10.10 -21.85 -5.38
CA PRO F 158 10.19 -23.19 -5.98
C PRO F 158 9.03 -24.19 -5.76
N PRO F 159 7.77 -23.84 -6.11
CA PRO F 159 6.85 -24.97 -6.31
C PRO F 159 7.14 -25.71 -7.61
N LEU F 160 7.03 -27.04 -7.68
CA LEU F 160 6.11 -27.92 -6.92
C LEU F 160 6.09 -27.99 -5.38
N GLU F 161 7.03 -27.33 -4.72
CA GLU F 161 6.96 -27.09 -3.28
C GLU F 161 7.09 -28.29 -2.36
N GLU F 162 7.57 -29.42 -2.83
CA GLU F 162 8.31 -30.35 -2.00
C GLU F 162 9.58 -30.53 -2.80
N GLN F 163 9.60 -29.86 -3.93
CA GLN F 163 10.85 -29.54 -4.59
C GLN F 163 11.65 -28.63 -3.69
N ARG F 164 11.03 -27.98 -2.72
CA ARG F 164 11.86 -27.07 -1.94
C ARG F 164 12.46 -27.91 -0.81
N ARG F 165 12.10 -29.20 -0.79
CA ARG F 165 12.77 -30.12 0.10
C ARG F 165 14.08 -30.54 -0.54
N ILE F 166 14.41 -29.96 -1.69
CA ILE F 166 15.79 -30.03 -2.15
C ILE F 166 16.68 -29.33 -1.14
N VAL F 167 16.07 -28.57 -0.21
CA VAL F 167 16.82 -27.99 0.88
C VAL F 167 17.64 -29.11 1.54
N ALA F 168 17.08 -30.32 1.61
CA ALA F 168 17.76 -31.45 2.22
C ALA F 168 19.11 -31.65 1.57
N LYS F 169 19.12 -31.70 0.24
CA LYS F 169 20.36 -31.87 -0.50
C LYS F 169 21.37 -30.83 -0.06
N VAL F 170 20.92 -29.58 -0.08
CA VAL F 170 21.78 -28.47 0.25
C VAL F 170 22.38 -28.74 1.61
N GLU F 171 21.53 -29.06 2.59
CA GLU F 171 22.03 -29.18 3.96
C GLU F 171 23.04 -30.31 4.00
N ALA F 172 22.73 -31.41 3.31
CA ALA F 172 23.62 -32.55 3.32
C ALA F 172 24.97 -32.05 2.88
N LEU F 173 24.97 -31.46 1.68
CA LEU F 173 26.20 -30.98 1.07
C LEU F 173 26.88 -30.09 2.07
N MET F 174 26.12 -29.10 2.54
CA MET F 174 26.73 -28.03 3.26
C MET F 174 27.43 -28.58 4.47
N GLU F 175 26.82 -29.55 5.16
CA GLU F 175 27.42 -29.92 6.44
C GLU F 175 28.76 -30.58 6.17
N ARG F 176 28.80 -31.45 5.17
CA ARG F 176 30.06 -32.10 4.84
C ARG F 176 31.06 -30.99 4.50
N VAL F 177 30.62 -30.04 3.70
CA VAL F 177 31.47 -28.91 3.32
C VAL F 177 31.95 -28.20 4.57
N ARG F 178 31.05 -27.85 5.50
CA ARG F 178 31.49 -27.06 6.65
C ARG F 178 32.48 -27.91 7.42
N GLU F 179 32.22 -29.21 7.47
CA GLU F 179 33.05 -30.09 8.26
C GLU F 179 34.47 -30.05 7.70
N VAL F 180 34.58 -30.04 6.38
CA VAL F 180 35.88 -29.97 5.73
C VAL F 180 36.63 -28.75 6.23
N ARG F 181 35.95 -27.61 6.29
CA ARG F 181 36.67 -26.39 6.61
C ARG F 181 37.12 -26.47 8.05
N ARG F 182 36.32 -27.12 8.90
CA ARG F 182 36.70 -27.33 10.28
C ARG F 182 38.04 -28.03 10.26
N LEU F 183 38.12 -29.16 9.57
CA LEU F 183 39.35 -29.94 9.57
C LEU F 183 40.45 -29.09 8.98
N ARG F 184 40.12 -28.29 7.98
CA ARG F 184 41.14 -27.54 7.28
C ARG F 184 41.73 -26.58 8.28
N ALA F 185 40.84 -25.97 9.07
CA ALA F 185 41.28 -25.01 10.06
C ALA F 185 42.25 -25.71 10.99
N GLU F 186 41.89 -26.91 11.43
CA GLU F 186 42.73 -27.63 12.37
C GLU F 186 44.08 -27.85 11.72
N ALA F 187 44.06 -28.28 10.47
CA ALA F 187 45.28 -28.52 9.74
C ALA F 187 46.10 -27.25 9.76
N GLN F 188 45.47 -26.13 9.38
CA GLN F 188 46.17 -24.86 9.32
C GLN F 188 46.78 -24.58 10.68
N LYS F 189 46.00 -24.70 11.77
CA LYS F 189 46.59 -24.34 13.05
C LYS F 189 47.77 -25.25 13.21
N ASP F 190 47.55 -26.55 13.10
CA ASP F 190 48.63 -27.46 13.44
C ASP F 190 49.85 -27.24 12.55
N THR F 191 49.62 -26.84 11.29
CA THR F 191 50.72 -26.85 10.34
C THR F 191 51.76 -25.84 10.84
N GLU F 192 51.29 -24.79 11.50
CA GLU F 192 52.18 -23.70 11.87
C GLU F 192 53.23 -24.17 12.86
N LEU F 193 52.82 -24.99 13.83
CA LEU F 193 53.76 -25.33 14.86
C LEU F 193 54.86 -26.22 14.32
N LEU F 194 54.66 -26.79 13.13
CA LEU F 194 55.71 -27.61 12.53
C LEU F 194 56.98 -26.82 12.57
N MET F 195 56.90 -25.58 12.09
CA MET F 195 58.11 -24.80 11.98
C MET F 195 58.76 -24.69 13.35
N GLN F 196 57.97 -24.30 14.35
CA GLN F 196 58.55 -24.07 15.66
C GLN F 196 59.04 -25.38 16.24
N THR F 197 58.31 -26.48 15.99
CA THR F 197 58.75 -27.76 16.53
C THR F 197 60.11 -28.06 15.95
N ALA F 198 60.27 -27.81 14.64
CA ALA F 198 61.55 -28.07 14.01
C ALA F 198 62.62 -27.25 14.71
N LEU F 199 62.31 -25.98 14.93
CA LEU F 199 63.24 -25.08 15.58
C LEU F 199 63.53 -25.58 16.99
N ALA F 200 62.50 -26.07 17.67
CA ALA F 200 62.65 -26.57 19.03
C ALA F 200 63.72 -27.65 19.06
N GLU F 201 63.81 -28.43 17.99
CA GLU F 201 64.79 -29.49 17.93
C GLU F 201 66.18 -28.91 17.76
N VAL F 202 66.33 -27.91 16.89
CA VAL F 202 67.67 -27.41 16.57
C VAL F 202 68.29 -26.51 17.64
N PHE F 203 67.47 -25.69 18.30
CA PHE F 203 67.99 -24.81 19.35
C PHE F 203 67.67 -25.40 20.73
N PRO F 204 68.71 -25.69 21.52
CA PRO F 204 68.59 -26.23 22.87
C PRO F 204 68.09 -25.15 23.82
N HIS F 205 67.25 -25.39 24.82
CA HIS F 205 66.92 -24.34 25.82
C HIS F 205 68.21 -24.06 26.62
N PRO F 206 68.32 -22.84 27.16
CA PRO F 206 69.48 -22.31 27.86
C PRO F 206 69.91 -23.11 29.07
N GLY F 207 71.23 -23.27 29.20
CA GLY F 207 71.83 -24.02 30.29
C GLY F 207 71.97 -25.50 30.00
N ALA F 208 71.43 -25.95 28.87
CA ALA F 208 71.61 -27.33 28.43
C ALA F 208 73.03 -27.51 27.89
N ASP F 209 73.52 -28.75 27.84
CA ASP F 209 74.84 -28.97 27.27
C ASP F 209 74.67 -29.09 25.76
N LEU F 210 75.72 -28.76 25.03
CA LEU F 210 75.62 -28.62 23.58
C LEU F 210 76.52 -29.61 22.88
N PRO F 211 76.17 -29.97 21.63
CA PRO F 211 77.05 -30.84 20.86
C PRO F 211 78.43 -30.20 20.68
N PRO F 212 79.49 -31.03 20.58
CA PRO F 212 80.86 -30.53 20.59
C PRO F 212 81.15 -29.47 19.52
N GLY F 213 81.90 -28.45 19.89
CA GLY F 213 82.26 -27.37 19.00
C GLY F 213 81.36 -26.16 19.13
N TRP F 214 80.15 -26.39 19.66
CA TRP F 214 79.21 -25.31 19.93
C TRP F 214 79.58 -24.63 21.24
N ARG F 215 79.20 -23.36 21.39
CA ARG F 215 79.36 -22.71 22.69
C ARG F 215 78.25 -21.68 22.91
N TRP F 216 77.82 -21.52 24.16
CA TRP F 216 76.92 -20.42 24.47
C TRP F 216 77.67 -19.11 24.34
N VAL F 217 76.99 -18.07 23.86
CA VAL F 217 77.67 -16.78 23.74
C VAL F 217 76.64 -15.67 23.85
N ARG F 218 77.04 -14.51 24.37
CA ARG F 218 76.14 -13.38 24.45
C ARG F 218 76.08 -12.75 23.07
N LEU F 219 74.89 -12.34 22.65
CA LEU F 219 74.69 -11.85 21.30
C LEU F 219 75.58 -10.66 20.99
N GLY F 220 75.77 -9.80 22.00
CA GLY F 220 76.60 -8.61 21.85
C GLY F 220 78.02 -8.98 21.48
N GLU F 221 78.46 -10.13 21.95
CA GLU F 221 79.79 -10.63 21.64
C GLU F 221 79.92 -10.97 20.16
N VAL F 222 78.95 -11.70 19.63
CA VAL F 222 79.00 -12.16 18.24
C VAL F 222 78.21 -11.28 17.26
N CYS F 223 77.57 -10.24 17.79
CA CYS F 223 76.74 -9.32 17.00
C CYS F 223 76.91 -7.89 17.46
N ASP F 224 76.89 -6.92 16.54
CA ASP F 224 76.97 -5.54 17.02
C ASP F 224 75.71 -4.76 16.62
N ILE F 225 75.27 -3.86 17.49
CA ILE F 225 73.91 -3.35 17.36
C ILE F 225 73.86 -1.85 17.09
N ILE F 226 73.03 -1.47 16.13
CA ILE F 226 72.79 -0.07 15.83
C ILE F 226 71.35 0.23 16.18
N MET F 227 71.15 0.98 17.27
CA MET F 227 69.84 1.13 17.86
C MET F 227 68.82 1.85 17.00
N GLY F 228 69.23 2.92 16.34
CA GLY F 228 68.33 3.61 15.44
C GLY F 228 67.51 4.69 16.12
N GLN F 229 67.23 5.75 15.38
CA GLN F 229 66.48 6.89 15.87
C GLN F 229 65.70 7.53 14.74
N SER F 230 64.61 8.20 15.09
CA SER F 230 63.76 8.82 14.10
C SER F 230 64.16 10.28 13.88
N PRO F 231 64.36 10.67 12.60
CA PRO F 231 64.82 12.00 12.23
C PRO F 231 63.69 13.03 12.33
N PRO F 232 63.98 14.32 12.09
CA PRO F 232 62.91 15.31 12.02
C PRO F 232 62.06 15.13 10.75
N SER F 233 60.82 15.63 10.78
CA SER F 233 59.86 15.23 9.77
C SER F 233 60.09 15.87 8.40
N SER F 234 60.96 16.88 8.35
CA SER F 234 61.30 17.50 7.07
C SER F 234 62.06 16.57 6.15
N THR F 235 62.86 15.70 6.73
CA THR F 235 63.69 14.77 5.97
C THR F 235 62.89 13.82 5.08
N TYR F 236 61.68 13.48 5.52
CA TYR F 236 60.84 12.53 4.81
C TYR F 236 60.49 13.01 3.40
N ASN F 237 60.64 12.15 2.41
CA ASN F 237 60.33 12.51 1.03
C ASN F 237 59.93 11.31 0.18
N PHE F 238 59.06 11.53 -0.79
CA PHE F 238 58.66 10.49 -1.71
C PHE F 238 59.44 10.56 -3.02
N GLU F 239 60.35 11.53 -3.10
CA GLU F 239 61.06 11.77 -4.34
C GLU F 239 62.37 10.98 -4.40
N GLY F 240 62.57 10.09 -3.43
CA GLY F 240 63.69 9.17 -3.45
C GLY F 240 65.02 9.85 -3.19
N ASN F 241 65.08 10.61 -2.10
CA ASN F 241 66.30 11.29 -1.68
C ASN F 241 66.82 10.71 -0.38
N GLY F 242 68.12 10.46 -0.34
CA GLY F 242 68.72 9.75 0.78
C GLY F 242 68.40 8.26 0.72
N LEU F 243 67.96 7.72 1.85
CA LEU F 243 67.67 6.29 1.97
C LEU F 243 66.23 6.02 2.40
N PRO F 244 65.72 4.82 2.09
CA PRO F 244 64.38 4.43 2.57
C PRO F 244 64.32 4.44 4.10
N PHE F 245 63.14 4.67 4.64
CA PHE F 245 62.99 4.80 6.08
C PHE F 245 61.99 3.79 6.62
N PHE F 246 62.42 3.01 7.61
CA PHE F 246 61.51 2.06 8.25
C PHE F 246 61.45 2.33 9.74
N GLN F 247 60.27 2.73 10.20
CA GLN F 247 60.09 3.10 11.59
C GLN F 247 59.89 1.86 12.47
N GLY F 248 59.14 0.88 11.98
CA GLY F 248 58.78 -0.28 12.78
C GLY F 248 58.27 -1.49 12.00
N LYS F 249 57.65 -2.43 12.70
CA LYS F 249 57.16 -3.65 12.08
C LYS F 249 56.17 -3.37 10.93
N ALA F 250 55.41 -2.28 11.05
CA ALA F 250 54.39 -1.96 10.05
C ALA F 250 54.99 -1.87 8.66
N ASP F 251 56.25 -1.45 8.59
CA ASP F 251 56.97 -1.36 7.32
C ASP F 251 57.50 -2.70 6.81
N PHE F 252 57.49 -3.71 7.66
CA PHE F 252 57.99 -5.03 7.31
C PHE F 252 57.15 -5.73 6.25
N GLY F 253 57.81 -6.45 5.35
CA GLY F 253 57.12 -7.47 4.59
C GLY F 253 57.32 -8.68 5.47
N ASP F 254 57.02 -9.88 4.97
CA ASP F 254 57.24 -11.05 5.82
C ASP F 254 58.69 -11.53 5.71
N LEU F 255 59.41 -11.08 4.67
CA LEU F 255 60.84 -11.37 4.58
C LEU F 255 61.66 -10.09 4.46
N HIS F 256 61.37 -9.28 3.44
CA HIS F 256 62.07 -8.00 3.24
C HIS F 256 61.08 -6.84 3.35
N PRO F 257 61.51 -5.71 3.94
CA PRO F 257 60.64 -4.53 4.08
C PRO F 257 60.42 -3.77 2.77
N THR F 258 59.18 -3.40 2.49
CA THR F 258 58.84 -2.62 1.31
C THR F 258 59.02 -1.12 1.56
N PRO F 259 60.00 -0.49 0.88
CA PRO F 259 60.16 0.95 1.11
C PRO F 259 59.05 1.78 0.46
N ARG F 260 58.31 2.55 1.26
CA ARG F 260 57.39 3.52 0.68
C ARG F 260 57.83 4.98 0.87
N ILE F 261 58.90 5.22 1.62
CA ILE F 261 59.26 6.59 1.95
C ILE F 261 60.77 6.73 2.21
N TRP F 262 61.30 7.92 1.97
CA TRP F 262 62.74 8.14 2.01
C TRP F 262 63.11 9.22 3.02
N CYS F 263 64.35 9.21 3.47
CA CYS F 263 64.86 10.22 4.38
C CYS F 263 66.07 10.93 3.76
N SER F 264 65.94 12.24 3.56
CA SER F 264 66.96 12.99 2.85
C SER F 264 68.25 13.10 3.66
N ALA F 265 68.12 13.11 4.98
CA ALA F 265 69.28 13.08 5.86
C ALA F 265 69.15 11.97 6.89
N PRO F 266 69.59 10.76 6.52
CA PRO F 266 69.51 9.61 7.43
C PRO F 266 70.45 9.77 8.62
N GLN F 267 70.03 9.24 9.75
CA GLN F 267 70.85 9.29 10.96
C GLN F 267 71.48 7.92 11.21
N LYS F 268 70.64 6.92 11.41
CA LYS F 268 71.18 5.58 11.62
C LYS F 268 70.80 4.64 10.48
N VAL F 269 71.83 4.14 9.78
CA VAL F 269 71.64 3.40 8.54
C VAL F 269 71.84 1.91 8.69
N ALA F 270 71.04 1.16 7.96
CA ALA F 270 71.14 -0.29 7.93
C ALA F 270 71.54 -0.79 6.54
N ARG F 271 72.73 -1.38 6.44
CA ARG F 271 73.20 -1.90 5.16
C ARG F 271 72.49 -3.21 4.78
N PRO F 272 72.69 -3.67 3.57
CA PRO F 272 72.07 -4.92 3.19
C PRO F 272 72.66 -5.98 4.05
N GLY F 273 71.86 -6.96 4.43
CA GLY F 273 72.34 -8.07 5.21
C GLY F 273 72.30 -7.84 6.70
N ASP F 274 71.96 -6.64 7.10
CA ASP F 274 71.75 -6.37 8.50
C ASP F 274 70.50 -7.13 8.79
N VAL F 275 70.24 -7.46 10.04
CA VAL F 275 68.99 -8.10 10.38
C VAL F 275 68.25 -7.12 11.23
N LEU F 276 66.99 -6.93 10.93
CA LEU F 276 66.20 -5.93 11.62
C LEU F 276 65.24 -6.60 12.53
N ILE F 277 65.17 -6.13 13.75
CA ILE F 277 64.24 -6.66 14.71
C ILE F 277 63.46 -5.52 15.28
N SER F 278 62.15 -5.66 15.48
CA SER F 278 61.41 -4.58 16.09
C SER F 278 61.66 -4.43 17.57
N VAL F 279 61.90 -3.22 18.03
CA VAL F 279 62.15 -2.96 19.44
C VAL F 279 60.98 -2.41 20.22
N ARG F 280 59.84 -2.20 19.58
CA ARG F 280 58.66 -1.69 20.26
C ARG F 280 57.54 -2.63 19.93
N ALA F 281 56.44 -2.56 20.65
CA ALA F 281 55.37 -3.51 20.41
C ALA F 281 54.96 -3.35 18.96
N PRO F 282 54.85 -4.47 18.11
CA PRO F 282 55.19 -5.77 18.72
C PRO F 282 56.67 -5.94 18.71
N VAL F 283 57.25 -6.28 19.84
CA VAL F 283 58.67 -6.50 19.89
C VAL F 283 58.98 -7.85 19.30
N GLY F 284 60.20 -7.99 18.83
CA GLY F 284 60.73 -9.28 18.43
C GLY F 284 60.51 -9.72 17.01
N SER F 285 59.74 -8.96 16.25
CA SER F 285 59.55 -9.32 14.86
C SER F 285 60.85 -9.04 14.19
N THR F 286 61.14 -9.77 13.13
CA THR F 286 62.36 -9.57 12.40
C THR F 286 62.13 -9.60 10.92
N ASN F 287 62.93 -8.83 10.21
CA ASN F 287 62.98 -8.91 8.77
C ASN F 287 64.43 -8.74 8.44
N VAL F 288 64.88 -9.31 7.35
CA VAL F 288 66.21 -9.05 6.89
C VAL F 288 66.14 -7.77 6.12
N ALA F 289 67.27 -7.14 5.89
CA ALA F 289 67.28 -5.91 5.15
C ALA F 289 67.93 -6.16 3.82
N ASN F 290 67.24 -5.81 2.75
CA ASN F 290 67.72 -6.12 1.40
C ASN F 290 68.36 -4.93 0.67
N LEU F 291 68.35 -3.76 1.31
CA LEU F 291 68.83 -2.55 0.66
C LEU F 291 69.27 -1.57 1.75
N ALA F 292 70.17 -0.65 1.43
CA ALA F 292 70.59 0.36 2.40
C ALA F 292 69.41 1.25 2.79
N CYS F 293 69.20 1.42 4.08
CA CYS F 293 68.04 2.14 4.56
C CYS F 293 68.29 2.82 5.91
N CYS F 294 67.40 3.73 6.28
CA CYS F 294 67.50 4.43 7.55
C CYS F 294 66.46 3.83 8.48
N ILE F 295 66.79 3.66 9.76
CA ILE F 295 65.90 3.00 10.70
C ILE F 295 65.40 3.94 11.78
N GLY F 296 64.12 3.81 12.13
CA GLY F 296 63.48 4.61 13.15
C GLY F 296 63.73 4.10 14.56
N ARG F 297 63.04 4.68 15.53
CA ARG F 297 63.21 4.28 16.92
C ARG F 297 62.52 2.97 17.19
N GLY F 298 61.50 2.68 16.41
CA GLY F 298 60.74 1.44 16.53
C GLY F 298 61.57 0.22 16.14
N LEU F 299 62.64 0.45 15.41
CA LEU F 299 63.52 -0.63 14.97
C LEU F 299 64.88 -0.56 15.61
N ALA F 300 65.53 -1.72 15.68
CA ALA F 300 66.96 -1.82 15.95
C ALA F 300 67.56 -2.67 14.85
N ALA F 301 68.76 -2.37 14.42
CA ALA F 301 69.34 -3.21 13.40
C ALA F 301 70.47 -4.01 13.95
N LEU F 302 70.43 -5.32 13.75
CA LEU F 302 71.49 -6.18 14.20
C LEU F 302 72.34 -6.54 13.04
N ARG F 303 73.63 -6.33 13.18
CA ARG F 303 74.55 -6.72 12.16
C ARG F 303 75.27 -7.88 12.73
N PRO F 304 75.23 -9.03 11.95
CA PRO F 304 75.86 -10.18 12.59
C PRO F 304 77.34 -10.10 12.35
N ARG F 305 78.10 -10.44 13.36
CA ARG F 305 79.54 -10.49 13.31
C ARG F 305 79.97 -11.73 12.57
N ASP F 306 81.27 -11.88 12.34
CA ASP F 306 81.78 -12.94 11.47
C ASP F 306 81.48 -14.36 11.92
N SER F 307 81.44 -14.59 13.22
CA SER F 307 81.21 -15.92 13.75
C SER F 307 79.82 -16.45 13.49
N LEU F 308 78.93 -15.57 13.05
CA LEU F 308 77.49 -15.80 13.03
C LEU F 308 76.87 -15.77 11.64
N GLU F 309 75.88 -16.61 11.38
CA GLU F 309 75.20 -16.52 10.10
C GLU F 309 73.93 -15.69 10.31
N ARG F 310 73.68 -14.75 9.40
CA ARG F 310 72.54 -13.86 9.57
C ARG F 310 71.27 -14.69 9.66
N PHE F 311 71.25 -15.80 8.94
CA PHE F 311 70.11 -16.71 8.99
C PHE F 311 70.11 -17.62 10.22
N TRP F 312 71.29 -17.94 10.74
CA TRP F 312 71.32 -18.66 12.00
C TRP F 312 70.70 -17.78 13.09
N LEU F 313 71.12 -16.52 13.16
CA LEU F 313 70.56 -15.58 14.12
C LEU F 313 69.08 -15.36 13.84
N LEU F 314 68.73 -15.30 12.58
CA LEU F 314 67.37 -14.99 12.16
C LEU F 314 66.43 -16.10 12.62
N TYR F 315 66.79 -17.33 12.30
CA TYR F 315 66.00 -18.48 12.73
C TYR F 315 65.94 -18.59 14.24
N TYR F 316 67.06 -18.31 14.90
CA TYR F 316 67.08 -18.26 16.36
C TYR F 316 66.02 -17.29 16.88
N LEU F 317 66.03 -16.08 16.32
CA LEU F 317 65.10 -15.02 16.72
C LEU F 317 63.64 -15.40 16.42
N HIS F 318 63.41 -16.13 15.33
CA HIS F 318 62.08 -16.67 15.07
C HIS F 318 61.69 -17.62 16.20
N TYR F 319 62.64 -18.43 16.64
CA TYR F 319 62.38 -19.37 17.73
C TYR F 319 62.06 -18.64 19.01
N LEU F 320 62.79 -17.56 19.28
CA LEU F 320 62.67 -16.88 20.55
C LEU F 320 61.46 -15.95 20.58
N GLU F 321 60.90 -15.70 19.41
CA GLU F 321 59.90 -14.63 19.23
C GLU F 321 58.72 -14.62 20.20
N PRO F 322 58.13 -15.80 20.52
CA PRO F 322 56.89 -15.67 21.29
C PRO F 322 56.98 -14.96 22.64
N GLU F 323 57.90 -15.32 23.53
CA GLU F 323 58.09 -14.44 24.69
C GLU F 323 59.42 -13.63 24.65
N LEU F 324 60.11 -13.65 23.52
CA LEU F 324 61.03 -12.53 23.24
C LEU F 324 60.13 -11.31 23.21
N SER F 325 58.87 -11.54 22.86
CA SER F 325 57.88 -10.50 23.02
C SER F 325 57.29 -10.68 24.40
N LYS F 326 57.70 -9.80 25.31
CA LYS F 326 57.10 -9.74 26.62
C LYS F 326 55.81 -8.95 26.52
N MET F 327 54.80 -9.32 27.31
CA MET F 327 53.42 -8.76 27.18
C MET F 327 52.81 -8.92 25.75
N THR F 332 56.62 0.60 31.77
CA THR F 332 55.46 -0.28 31.67
C THR F 332 55.19 -0.77 30.25
N PHE F 333 55.18 0.12 29.26
CA PHE F 333 54.99 -0.31 27.90
C PHE F 333 56.31 -0.85 27.37
N ASN F 334 56.23 -1.86 26.52
CA ASN F 334 57.38 -2.68 26.21
C ASN F 334 58.31 -2.08 25.15
N ALA F 335 59.57 -1.92 25.53
CA ALA F 335 60.62 -1.50 24.63
C ALA F 335 61.85 -2.32 24.99
N ILE F 336 62.77 -2.46 24.05
CA ILE F 336 63.94 -3.30 24.24
C ILE F 336 65.17 -2.43 24.03
N THR F 337 66.28 -2.80 24.64
CA THR F 337 67.45 -1.93 24.72
C THR F 337 68.65 -2.60 24.06
N LYS F 338 69.65 -1.79 23.73
CA LYS F 338 70.87 -2.28 23.11
C LYS F 338 71.44 -3.36 24.00
N LYS F 339 71.42 -3.10 25.30
CA LYS F 339 72.02 -4.03 26.25
C LYS F 339 71.17 -5.27 26.38
N ASP F 340 69.86 -5.07 26.28
CA ASP F 340 68.90 -6.16 26.37
C ASP F 340 69.18 -7.16 25.27
N LEU F 341 69.40 -6.64 24.06
CA LEU F 341 69.69 -7.47 22.91
C LEU F 341 71.09 -8.09 22.97
N GLN F 342 72.06 -7.32 23.44
CA GLN F 342 73.43 -7.81 23.57
C GLN F 342 73.55 -8.96 24.55
N ASN F 343 72.77 -8.93 25.62
CA ASN F 343 72.89 -9.97 26.65
C ASN F 343 71.92 -11.14 26.49
N VAL F 344 71.14 -11.19 25.41
CA VAL F 344 70.41 -12.43 25.12
C VAL F 344 71.43 -13.50 24.75
N PHE F 345 71.14 -14.75 25.09
CA PHE F 345 72.11 -15.82 24.88
C PHE F 345 71.80 -16.58 23.60
N ILE F 346 72.84 -16.88 22.84
CA ILE F 346 72.68 -17.62 21.59
C ILE F 346 73.67 -18.79 21.52
N PRO F 347 73.18 -19.94 21.02
CA PRO F 347 74.06 -21.08 20.71
C PRO F 347 74.92 -20.79 19.49
N LEU F 348 76.20 -21.08 19.57
CA LEU F 348 77.10 -20.82 18.46
C LEU F 348 77.88 -22.05 18.08
N PRO F 349 77.34 -22.82 17.13
CA PRO F 349 78.05 -23.88 16.41
C PRO F 349 79.03 -23.28 15.44
N PRO F 350 79.95 -24.10 14.92
CA PRO F 350 80.84 -23.62 13.85
C PRO F 350 80.05 -23.06 12.68
N LEU F 351 80.65 -22.11 11.97
CA LEU F 351 80.00 -21.39 10.88
C LEU F 351 79.45 -22.35 9.83
N GLU F 352 80.23 -23.38 9.51
CA GLU F 352 79.87 -24.31 8.44
C GLU F 352 78.63 -25.10 8.82
N GLU F 353 78.57 -25.55 10.07
CA GLU F 353 77.44 -26.33 10.55
C GLU F 353 76.21 -25.44 10.62
N GLN F 354 76.42 -24.18 11.01
CA GLN F 354 75.38 -23.17 10.97
C GLN F 354 74.77 -23.10 9.57
N ARG F 355 75.62 -22.96 8.56
CA ARG F 355 75.11 -22.86 7.18
C ARG F 355 74.43 -24.14 6.72
N ARG F 356 74.87 -25.28 7.26
CA ARG F 356 74.24 -26.57 6.95
C ARG F 356 72.80 -26.61 7.47
N ILE F 357 72.66 -26.37 8.78
CA ILE F 357 71.35 -26.34 9.42
C ILE F 357 70.46 -25.27 8.81
N VAL F 358 71.07 -24.17 8.41
CA VAL F 358 70.36 -23.10 7.72
C VAL F 358 69.77 -23.63 6.42
N ALA F 359 70.56 -24.40 5.66
CA ALA F 359 70.05 -24.98 4.42
C ALA F 359 68.85 -25.89 4.70
N TYR F 360 69.02 -26.78 5.68
CA TYR F 360 67.98 -27.74 6.03
C TYR F 360 66.67 -27.05 6.44
N LEU F 361 66.78 -26.10 7.37
CA LEU F 361 65.64 -25.33 7.83
C LEU F 361 65.02 -24.50 6.69
N ASP F 362 65.87 -24.10 5.75
CA ASP F 362 65.41 -23.33 4.59
C ASP F 362 64.48 -24.17 3.73
N GLN F 363 64.83 -25.42 3.46
CA GLN F 363 63.93 -26.21 2.62
C GLN F 363 62.70 -26.69 3.40
N ILE F 364 62.86 -26.91 4.70
CA ILE F 364 61.67 -27.13 5.52
C ILE F 364 60.70 -25.96 5.39
N GLN F 365 61.23 -24.75 5.48
CA GLN F 365 60.39 -23.56 5.52
C GLN F 365 59.74 -23.32 4.17
N GLN F 366 60.46 -23.57 3.08
CA GLN F 366 59.87 -23.40 1.75
C GLN F 366 58.76 -24.43 1.57
N GLN F 367 58.95 -25.63 2.12
CA GLN F 367 57.92 -26.67 2.00
C GLN F 367 56.67 -26.29 2.77
N VAL F 368 56.83 -25.85 4.02
CA VAL F 368 55.66 -25.47 4.83
C VAL F 368 54.99 -24.19 4.33
N ALA F 369 55.74 -23.37 3.62
CA ALA F 369 55.17 -22.18 3.01
C ALA F 369 54.27 -22.60 1.86
N ALA F 370 54.83 -23.41 0.97
CA ALA F 370 54.06 -23.96 -0.15
C ALA F 370 52.80 -24.62 0.39
N LEU F 371 52.97 -25.36 1.48
CA LEU F 371 51.88 -26.03 2.17
C LEU F 371 50.80 -25.02 2.60
N LYS F 372 51.22 -24.01 3.37
CA LYS F 372 50.37 -22.92 3.83
C LYS F 372 49.50 -22.39 2.70
N ARG F 373 50.17 -21.87 1.68
CA ARG F 373 49.50 -21.26 0.55
C ARG F 373 48.51 -22.22 -0.10
N ALA F 374 48.91 -23.49 -0.25
CA ALA F 374 48.03 -24.49 -0.84
C ALA F 374 46.72 -24.61 -0.06
N GLN F 375 46.81 -24.89 1.24
CA GLN F 375 45.58 -25.09 2.01
C GLN F 375 44.76 -23.81 2.17
N ALA F 376 45.44 -22.67 2.16
CA ALA F 376 44.75 -21.38 2.15
C ALA F 376 43.87 -21.27 0.91
N GLU F 377 44.46 -21.58 -0.25
CA GLU F 377 43.73 -21.56 -1.49
C GLU F 377 42.56 -22.54 -1.48
N THR F 378 42.77 -23.73 -0.91
CA THR F 378 41.69 -24.72 -0.81
C THR F 378 40.53 -24.14 -0.01
N GLU F 379 40.86 -23.52 1.12
CA GLU F 379 39.85 -22.86 1.96
C GLU F 379 39.04 -21.80 1.19
N ALA F 380 39.76 -20.92 0.51
CA ALA F 380 39.12 -19.86 -0.26
C ALA F 380 38.13 -20.48 -1.25
N GLU F 381 38.59 -21.51 -1.96
CA GLU F 381 37.74 -22.16 -2.94
C GLU F 381 36.66 -23.01 -2.29
N LEU F 382 36.74 -23.23 -0.99
CA LEU F 382 35.64 -23.86 -0.26
C LEU F 382 34.54 -22.84 -0.04
N LYS F 383 34.94 -21.62 0.30
CA LYS F 383 33.96 -20.52 0.34
C LYS F 383 33.27 -20.38 -1.01
N ARG F 384 34.08 -20.32 -2.06
CA ARG F 384 33.55 -20.21 -3.41
C ARG F 384 32.66 -21.40 -3.75
N LEU F 385 33.04 -22.58 -3.29
CA LEU F 385 32.25 -23.78 -3.51
C LEU F 385 30.88 -23.66 -2.87
N GLU F 386 30.84 -23.09 -1.66
CA GLU F 386 29.57 -22.83 -0.99
C GLU F 386 28.68 -21.90 -1.81
N GLN F 387 29.24 -20.76 -2.20
CA GLN F 387 28.47 -19.80 -3.00
C GLN F 387 27.98 -20.45 -4.30
N ALA F 388 28.80 -21.36 -4.83
CA ALA F 388 28.42 -22.11 -6.03
C ALA F 388 27.27 -23.07 -5.76
N ILE F 389 27.28 -23.67 -4.58
CA ILE F 389 26.22 -24.60 -4.16
C ILE F 389 24.89 -23.84 -4.13
N LEU F 390 24.89 -22.68 -3.49
CA LEU F 390 23.67 -21.91 -3.38
C LEU F 390 23.21 -21.36 -4.72
N ASP F 391 24.13 -20.82 -5.52
CA ASP F 391 23.77 -20.26 -6.82
C ASP F 391 23.20 -21.34 -7.74
N LYS F 392 23.83 -22.51 -7.76
CA LYS F 392 23.33 -23.63 -8.55
C LYS F 392 22.01 -24.17 -8.00
N ALA F 393 21.80 -24.04 -6.69
CA ALA F 393 20.61 -24.57 -6.03
C ALA F 393 19.33 -23.83 -6.37
N PHE F 394 19.43 -22.51 -6.53
CA PHE F 394 18.24 -21.65 -6.65
C PHE F 394 17.77 -21.52 -8.10
N ARG F 395 18.43 -22.27 -8.98
CA ARG F 395 17.87 -22.60 -10.29
C ARG F 395 17.92 -24.12 -10.34
N GLY F 396 17.25 -24.73 -11.31
CA GLY F 396 16.92 -26.15 -11.23
C GLY F 396 18.08 -27.12 -11.32
N ASP F 397 19.30 -26.59 -11.23
CA ASP F 397 20.54 -27.34 -11.50
C ASP F 397 21.12 -28.11 -10.31
N LEU F 398 20.41 -28.16 -9.19
CA LEU F 398 20.76 -29.00 -8.04
C LEU F 398 21.87 -28.36 -7.22
#